data_1N38
#
_entry.id   1N38
#
_cell.length_a   70.719
_cell.length_b   85.207
_cell.length_c   248.473
_cell.angle_alpha   90.00
_cell.angle_beta   90.00
_cell.angle_gamma   90.00
#
_symmetry.space_group_name_H-M   'P 21 21 21'
#
loop_
_entity.id
_entity.type
_entity.pdbx_description
1 polymer "5'-R(P*GP*C)-3'"
2 polymer "5'-R(*AP*UP*UP*AP*GP*C)-3'"
3 polymer 'Minor core protein lambda 3'
4 non-polymer 'MANGANESE (II) ION'
5 non-polymer "3'-DEOXY-URIDINE 5'-TRIPHOSPHATE"
6 non-polymer "3'-DEOXY-CYTIDINE-5'-TRIPHOSPHATE"
7 water water
#
loop_
_entity_poly.entity_id
_entity_poly.type
_entity_poly.pdbx_seq_one_letter_code
_entity_poly.pdbx_strand_id
1 'polyribonucleotide' GC B
2 'polyribonucleotide' AUUAGC C
3 'polypeptide(L)'
;MSSMILTQFGPFIESISGITDQSNDVFEDAAKAFSMFTRSDVYKALDEIPFSDDAMLPIPPTIYTKPSHDSYYYIDALNR
VRRKTYQGPDDVYVPNCSIVELLEPHETLTSYGRLSEAIENRAKDGDSQARIATTYGRIAESQARQIKAPLEKFVLALLV
AEAGGSLYDPVLQKYDEIPDLSHNCPLWCFREICRHISGPLPDRAPYLYLSAGVFWLMSPRMTSAIPPLLSDLVNLAILQ
QTAGLDPSLVKLGVQICLHAAASSSYSWFILKTKSIFPQNTLHSMYESLEGGYCPNLEWLEPRSDYKFMYMGVMPLSAKY
ARSAPSNDKKARELGEKYGLSSVVGELRKRTKTYVKHDFASVRYIRDAMACTSGIFLVRTPTETVLQEYTQSPEIKVPIP
QKDWTGPIGEIRILKDTTSSIARYLYRTWYLAAARMAAQPRTWDPLFQAIMRSQYVTARGGSGAALRESLYAINVSLPDF
KGLPVKAATKIFQAAQLANLPFSHTSVAILADTSMGLRNQVQRRPRSIMPLNVPQQQVSAPHTLTADYINYHMNLSPTSG
SAVIEKVIPLGVYASSPPNQSINIDISACDASITWDFFLSVIMAAIHEGVASSSIGKPFMGVPASIVNDESVVGVRAARP
ISGMQNMIQHLSKLYKRGFSYRVNDSFSPGNDFTHMTTTFPSGSTATSTEHTANNSTMMETFLTVWGPEHTDDPDVLRLM
KSLTIQRNYVCQGDDGLMIIDGTTAGKVNSETIQNDLELISKYGEEFGWKYDIAYDGTAEYLKLYFIFGCRIPNLSRHPI
VGKERANSSAEEPWPAILDQIMGVFFNGVHDGLQWQRWIRYSWALCCAFSRQRTMIGESVGYLQYPMWSFVYWGLPLVKA
FGSDPWIFSWYMPTGDLGMYSWISLIRPLMTRWMVANGYVTDRCSTVFGNADYRRCFNELKLYQGYYMAQLPRNPKKSGR
AASREVREQFTQALSDYLMQNPELKSRVLRGRSEWEKYGAGIIHNPPSLFDVPHKWYQGAQEAAIATREELAEMDETLMR
ARRHSYSSFSKLLEAYLLVKWRMCEAREPSVDLRLPLCAGIDPLNSDPFLKMVSVGPMLQSTRKYFAQTLFMAKTVSGLD
VNAIDSALLRLRTLGADKKALTAQLLMVGLQESEADALAGKIMLQDVNTVQLARVVNLAVPDTWMSLDFDSMFKHHVKLL
PKDGRHLNTDIPPRMGWLRAILRFLGAGMVMTATGVAVDIYLEDIHGGGRSLGQRFMTWMRQEGRSA
;
A
#
# COMPACT_ATOMS: atom_id res chain seq x y z
N SER C 2 14.29 19.35 -29.83
CA SER C 2 15.14 18.77 -28.74
C SER C 2 16.35 19.66 -28.44
N SER C 3 16.60 20.66 -29.29
CA SER C 3 17.71 21.58 -29.10
C SER C 3 17.33 22.53 -27.97
N MET C 4 16.04 22.73 -27.78
CA MET C 4 15.56 23.58 -26.71
C MET C 4 15.91 22.84 -25.43
N ILE C 5 15.53 21.55 -25.36
CA ILE C 5 15.80 20.70 -24.20
C ILE C 5 17.30 20.49 -23.98
N LEU C 6 18.02 20.15 -25.05
CA LEU C 6 19.48 19.93 -24.98
C LEU C 6 20.21 21.14 -24.41
N THR C 7 19.99 22.30 -25.03
CA THR C 7 20.66 23.53 -24.59
C THR C 7 20.45 23.78 -23.10
N GLN C 8 19.21 23.66 -22.65
CA GLN C 8 18.88 23.91 -21.26
C GLN C 8 19.23 22.83 -20.22
N PHE C 9 19.46 21.60 -20.66
CA PHE C 9 19.77 20.53 -19.72
C PHE C 9 21.00 19.71 -20.13
N GLY C 10 21.66 20.15 -21.21
CA GLY C 10 22.82 19.48 -21.73
C GLY C 10 23.67 18.71 -20.75
N PRO C 11 24.46 19.43 -19.93
CA PRO C 11 25.33 18.81 -18.93
C PRO C 11 24.65 17.81 -18.02
N PHE C 12 23.43 18.13 -17.58
CA PHE C 12 22.68 17.26 -16.68
C PHE C 12 22.33 15.93 -17.32
N ILE C 13 21.87 16.01 -18.56
CA ILE C 13 21.51 14.84 -19.34
C ILE C 13 22.68 13.86 -19.35
N GLU C 14 23.86 14.37 -19.64
CA GLU C 14 25.04 13.52 -19.70
C GLU C 14 25.41 12.91 -18.36
N SER C 15 25.05 13.59 -17.28
CA SER C 15 25.37 13.09 -15.96
C SER C 15 24.50 11.90 -15.57
N ILE C 16 23.25 11.89 -16.02
CA ILE C 16 22.34 10.81 -15.68
C ILE C 16 22.21 9.77 -16.79
N SER C 17 23.12 9.83 -17.77
CA SER C 17 23.12 8.87 -18.87
C SER C 17 24.41 8.05 -18.80
N GLY C 18 25.23 8.35 -17.78
CA GLY C 18 26.48 7.63 -17.58
C GLY C 18 27.65 8.12 -18.41
N ILE C 19 27.49 9.27 -19.06
CA ILE C 19 28.56 9.82 -19.88
C ILE C 19 29.45 10.73 -19.05
N THR C 20 28.83 11.54 -18.21
CA THR C 20 29.60 12.45 -17.39
C THR C 20 29.24 12.26 -15.92
N ASP C 21 30.14 12.63 -15.00
CA ASP C 21 29.86 12.48 -13.57
C ASP C 21 28.68 13.34 -13.12
N GLN C 22 28.14 13.02 -11.95
CA GLN C 22 27.03 13.80 -11.42
C GLN C 22 27.62 14.81 -10.45
N SER C 23 27.10 16.02 -10.45
CA SER C 23 27.57 17.06 -9.53
C SER C 23 26.35 17.85 -9.08
N ASN C 24 26.32 18.23 -7.81
CA ASN C 24 25.21 18.99 -7.31
C ASN C 24 25.08 20.33 -8.03
N ASP C 25 26.19 20.88 -8.48
CA ASP C 25 26.13 22.15 -9.19
C ASP C 25 25.29 22.02 -10.47
N VAL C 26 25.48 20.94 -11.20
CA VAL C 26 24.73 20.73 -12.43
C VAL C 26 23.29 20.33 -12.09
N PHE C 27 23.14 19.49 -11.07
CA PHE C 27 21.83 19.03 -10.66
C PHE C 27 20.95 20.20 -10.25
N GLU C 28 21.49 21.07 -9.41
CA GLU C 28 20.70 22.19 -8.95
C GLU C 28 20.39 23.15 -10.08
N ASP C 29 21.27 23.25 -11.08
CA ASP C 29 21.00 24.15 -12.20
C ASP C 29 19.82 23.56 -12.97
N ALA C 30 19.92 22.29 -13.31
CA ALA C 30 18.85 21.62 -14.01
C ALA C 30 17.55 21.87 -13.23
N ALA C 31 17.63 21.79 -11.90
CA ALA C 31 16.45 22.03 -11.09
C ALA C 31 15.89 23.41 -11.44
N LYS C 32 16.76 24.41 -11.40
CA LYS C 32 16.38 25.78 -11.72
C LYS C 32 15.87 25.90 -13.16
N ALA C 33 16.41 25.10 -14.08
CA ALA C 33 15.95 25.14 -15.46
C ALA C 33 14.52 24.61 -15.49
N PHE C 34 14.28 23.48 -14.81
CA PHE C 34 12.96 22.88 -14.76
C PHE C 34 11.96 23.89 -14.22
N SER C 35 12.34 24.57 -13.16
CA SER C 35 11.47 25.56 -12.55
C SER C 35 11.13 26.74 -13.44
N MET C 36 12.04 27.09 -14.34
CA MET C 36 11.83 28.22 -15.22
C MET C 36 11.13 27.89 -16.53
N PHE C 37 10.94 26.60 -16.78
CA PHE C 37 10.26 26.14 -17.98
C PHE C 37 8.76 26.40 -17.82
N THR C 38 8.17 27.14 -18.75
CA THR C 38 6.75 27.41 -18.66
C THR C 38 6.03 26.26 -19.35
N ARG C 39 4.80 26.00 -18.94
CA ARG C 39 4.02 24.91 -19.51
C ARG C 39 3.96 24.89 -21.03
N SER C 40 3.72 26.05 -21.64
CA SER C 40 3.64 26.06 -23.09
C SER C 40 4.98 25.74 -23.69
N ASP C 41 6.04 25.89 -22.90
CA ASP C 41 7.37 25.58 -23.38
C ASP C 41 7.52 24.08 -23.58
N VAL C 42 6.93 23.30 -22.68
CA VAL C 42 7.03 21.85 -22.80
C VAL C 42 6.40 21.40 -24.11
N TYR C 43 5.32 22.05 -24.53
CA TYR C 43 4.66 21.71 -25.78
C TYR C 43 5.51 22.18 -26.95
N LYS C 44 6.14 23.34 -26.79
CA LYS C 44 7.01 23.89 -27.82
C LYS C 44 8.12 22.87 -28.02
N ALA C 45 8.58 22.28 -26.93
CA ALA C 45 9.63 21.27 -26.99
C ALA C 45 9.11 20.03 -27.72
N LEU C 46 7.87 19.65 -27.42
CA LEU C 46 7.28 18.48 -28.07
C LEU C 46 7.18 18.71 -29.57
N ASP C 47 6.94 19.96 -29.96
CA ASP C 47 6.85 20.30 -31.38
C ASP C 47 8.17 20.04 -32.11
N GLU C 48 9.29 20.07 -31.39
CA GLU C 48 10.60 19.86 -32.00
C GLU C 48 10.93 18.39 -32.28
N ILE C 49 10.00 17.50 -31.99
CA ILE C 49 10.26 16.09 -32.21
C ILE C 49 9.82 15.58 -33.59
N PRO C 50 10.76 14.97 -34.32
CA PRO C 50 10.57 14.41 -35.66
C PRO C 50 9.86 13.07 -35.59
N PHE C 51 8.62 13.08 -35.14
CA PHE C 51 7.85 11.86 -35.01
C PHE C 51 7.80 11.03 -36.28
N SER C 52 7.82 9.71 -36.10
CA SER C 52 7.78 8.76 -37.21
C SER C 52 6.34 8.33 -37.46
N ASP C 53 6.05 7.96 -38.70
CA ASP C 53 4.70 7.56 -39.06
C ASP C 53 4.14 6.46 -38.14
N ASP C 54 4.99 5.51 -37.77
CA ASP C 54 4.56 4.40 -36.92
C ASP C 54 4.11 4.88 -35.55
N ALA C 55 4.41 6.14 -35.25
CA ALA C 55 4.02 6.72 -33.97
C ALA C 55 2.67 7.42 -34.08
N MET C 56 2.06 7.34 -35.25
CA MET C 56 0.79 8.01 -35.51
C MET C 56 -0.33 7.03 -35.78
N LEU C 57 -1.54 7.45 -35.44
CA LEU C 57 -2.73 6.64 -35.67
C LEU C 57 -3.93 7.59 -35.65
N PRO C 58 -4.95 7.28 -36.46
CA PRO C 58 -6.17 8.09 -36.56
C PRO C 58 -6.75 8.56 -35.24
N ILE C 59 -6.94 9.86 -35.10
CA ILE C 59 -7.52 10.38 -33.88
C ILE C 59 -8.97 10.77 -34.17
N PRO C 60 -9.93 10.12 -33.48
CA PRO C 60 -11.38 10.35 -33.62
C PRO C 60 -11.81 11.80 -33.44
N PRO C 61 -12.43 12.37 -34.47
CA PRO C 61 -12.91 13.76 -34.45
C PRO C 61 -13.91 14.02 -33.33
N THR C 62 -14.70 13.00 -32.98
CA THR C 62 -15.71 13.14 -31.93
C THR C 62 -15.14 13.21 -30.53
N ILE C 63 -13.82 13.25 -30.43
CA ILE C 63 -13.19 13.35 -29.14
C ILE C 63 -13.26 14.81 -28.71
N TYR C 64 -13.44 15.69 -29.70
CA TYR C 64 -13.50 17.14 -29.48
C TYR C 64 -14.90 17.70 -29.37
N THR C 65 -15.75 17.33 -30.33
CA THR C 65 -17.12 17.82 -30.35
C THR C 65 -18.04 16.99 -29.46
N LYS C 66 -18.28 17.46 -28.24
CA LYS C 66 -19.17 16.75 -27.33
C LYS C 66 -20.46 17.51 -27.05
N PRO C 67 -21.51 16.79 -26.61
CA PRO C 67 -22.80 17.42 -26.30
C PRO C 67 -22.75 18.18 -24.99
N SER C 68 -23.81 18.94 -24.72
CA SER C 68 -23.91 19.67 -23.47
C SER C 68 -24.07 18.62 -22.37
N HIS C 69 -23.60 18.94 -21.18
CA HIS C 69 -23.69 18.04 -20.03
C HIS C 69 -25.12 17.87 -19.55
N ASP C 70 -25.90 18.94 -19.66
CA ASP C 70 -27.27 19.00 -19.19
C ASP C 70 -28.19 17.80 -19.43
N SER C 71 -28.07 17.12 -20.57
CA SER C 71 -28.94 15.98 -20.85
C SER C 71 -28.51 14.73 -20.09
N TYR C 72 -27.34 14.79 -19.46
CA TYR C 72 -26.80 13.66 -18.72
C TYR C 72 -27.18 13.60 -17.25
N TYR C 73 -27.95 14.59 -16.77
CA TYR C 73 -28.38 14.64 -15.39
C TYR C 73 -29.87 14.89 -15.24
N TYR C 74 -30.31 14.93 -13.99
CA TYR C 74 -31.72 15.17 -13.68
C TYR C 74 -31.87 15.25 -12.17
N ILE C 75 -32.97 15.81 -11.72
CA ILE C 75 -33.24 15.92 -10.29
C ILE C 75 -34.24 14.82 -9.97
N ASP C 76 -33.94 14.00 -8.97
CA ASP C 76 -34.84 12.90 -8.60
C ASP C 76 -35.92 13.27 -7.61
N ALA C 77 -36.71 12.27 -7.21
CA ALA C 77 -37.81 12.47 -6.28
C ALA C 77 -37.37 12.94 -4.91
N LEU C 78 -36.09 12.81 -4.61
CA LEU C 78 -35.59 13.25 -3.33
C LEU C 78 -34.87 14.59 -3.49
N ASN C 79 -34.99 15.17 -4.67
CA ASN C 79 -34.39 16.47 -4.98
C ASN C 79 -32.87 16.50 -5.07
N ARG C 80 -32.24 15.33 -5.18
CA ARG C 80 -30.79 15.28 -5.30
C ARG C 80 -30.37 15.21 -6.77
N VAL C 81 -29.31 15.93 -7.13
CA VAL C 81 -28.83 15.92 -8.52
C VAL C 81 -28.28 14.54 -8.86
N ARG C 82 -28.86 13.92 -9.88
CA ARG C 82 -28.46 12.59 -10.27
C ARG C 82 -27.93 12.50 -11.69
N ARG C 83 -27.26 11.39 -11.93
CA ARG C 83 -26.69 11.11 -13.22
C ARG C 83 -27.77 10.31 -13.92
N LYS C 84 -28.18 10.78 -15.09
CA LYS C 84 -29.22 10.15 -15.88
C LYS C 84 -28.59 9.10 -16.81
N THR C 85 -28.96 7.85 -16.55
CA THR C 85 -28.47 6.68 -17.29
C THR C 85 -28.83 6.58 -18.77
N TYR C 86 -27.88 6.12 -19.58
CA TYR C 86 -28.08 5.93 -21.02
C TYR C 86 -27.49 4.60 -21.52
N GLN C 87 -26.31 4.23 -21.03
CA GLN C 87 -25.68 2.99 -21.45
C GLN C 87 -25.84 1.87 -20.43
N GLY C 88 -26.71 2.04 -19.44
CA GLY C 88 -26.89 1.01 -18.44
C GLY C 88 -26.84 1.55 -17.02
N PRO C 89 -27.12 0.74 -16.00
CA PRO C 89 -27.10 1.18 -14.60
C PRO C 89 -25.75 1.72 -14.15
N ASP C 90 -24.70 1.34 -14.87
CA ASP C 90 -23.35 1.79 -14.55
C ASP C 90 -23.07 3.23 -15.02
N ASP C 91 -23.69 3.62 -16.12
CA ASP C 91 -23.49 4.94 -16.71
C ASP C 91 -23.81 6.05 -15.72
N VAL C 92 -23.00 6.09 -14.67
CA VAL C 92 -23.17 7.01 -13.57
C VAL C 92 -22.00 7.97 -13.34
N TYR C 93 -20.88 7.69 -13.99
CA TYR C 93 -19.66 8.49 -13.87
C TYR C 93 -19.76 9.83 -14.59
N VAL C 94 -18.63 10.48 -14.80
CA VAL C 94 -18.58 11.76 -15.50
C VAL C 94 -18.80 11.55 -16.98
N PRO C 95 -19.79 12.25 -17.55
CA PRO C 95 -20.06 12.11 -18.99
C PRO C 95 -19.05 12.90 -19.84
N ASN C 96 -18.85 12.47 -21.09
CA ASN C 96 -17.93 13.16 -22.02
C ASN C 96 -18.68 14.30 -22.70
N CYS C 97 -18.55 15.52 -22.16
CA CYS C 97 -19.26 16.65 -22.69
C CYS C 97 -18.43 17.93 -22.79
N SER C 98 -19.04 18.94 -23.40
CA SER C 98 -18.41 20.26 -23.54
C SER C 98 -18.35 20.85 -22.15
N ILE C 99 -17.56 21.88 -21.95
CA ILE C 99 -17.48 22.48 -20.63
C ILE C 99 -17.14 23.97 -20.65
N VAL C 100 -16.56 24.44 -21.74
CA VAL C 100 -16.20 25.85 -21.83
C VAL C 100 -17.38 26.77 -21.57
N GLU C 101 -18.54 26.42 -22.12
CA GLU C 101 -19.75 27.22 -21.94
C GLU C 101 -20.08 27.51 -20.47
N LEU C 102 -19.53 26.72 -19.54
CA LEU C 102 -19.82 26.91 -18.14
C LEU C 102 -18.76 27.63 -17.34
N LEU C 103 -17.75 28.16 -18.02
CA LEU C 103 -16.66 28.84 -17.31
C LEU C 103 -16.57 30.36 -17.48
N GLU C 104 -15.94 31.02 -16.51
CA GLU C 104 -15.70 32.47 -16.52
C GLU C 104 -14.22 32.61 -16.68
N PRO C 105 -13.75 33.42 -17.63
CA PRO C 105 -12.31 33.57 -17.79
C PRO C 105 -11.66 33.88 -16.46
N HIS C 106 -10.40 33.52 -16.30
CA HIS C 106 -9.68 33.78 -15.07
C HIS C 106 -9.03 35.16 -15.08
N GLU C 107 -8.97 35.80 -13.92
CA GLU C 107 -8.36 37.11 -13.79
C GLU C 107 -6.85 36.94 -13.85
N THR C 108 -6.27 37.13 -15.05
CA THR C 108 -4.83 37.00 -15.31
C THR C 108 -4.57 35.98 -16.41
N LEU C 109 -5.11 34.78 -16.22
CA LEU C 109 -4.98 33.71 -17.20
C LEU C 109 -6.23 33.76 -18.06
N THR C 110 -6.43 34.90 -18.68
CA THR C 110 -7.59 35.15 -19.53
C THR C 110 -8.04 33.99 -20.41
N SER C 111 -7.12 33.11 -20.79
CA SER C 111 -7.46 31.96 -21.63
C SER C 111 -7.94 30.71 -20.88
N TYR C 112 -7.79 30.71 -19.56
CA TYR C 112 -8.23 29.58 -18.75
C TYR C 112 -9.44 30.01 -17.93
N GLY C 113 -10.29 29.05 -17.60
CA GLY C 113 -11.49 29.36 -16.84
C GLY C 113 -11.97 28.33 -15.83
N ARG C 114 -12.68 28.85 -14.84
CA ARG C 114 -13.27 28.09 -13.74
C ARG C 114 -14.79 28.16 -13.87
N LEU C 115 -15.49 27.37 -13.08
CA LEU C 115 -16.95 27.36 -13.13
C LEU C 115 -17.47 28.77 -12.81
N SER C 116 -18.42 29.25 -13.59
CA SER C 116 -18.96 30.57 -13.37
C SER C 116 -19.43 30.73 -11.93
N GLU C 117 -19.06 31.83 -11.29
CA GLU C 117 -19.48 32.03 -9.91
C GLU C 117 -20.98 32.29 -9.95
N ALA C 118 -21.45 32.81 -11.07
CA ALA C 118 -22.88 33.09 -11.25
C ALA C 118 -23.66 31.78 -11.18
N ILE C 119 -23.14 30.76 -11.86
CA ILE C 119 -23.81 29.46 -11.87
C ILE C 119 -23.86 28.78 -10.51
N GLU C 120 -22.79 28.89 -9.74
CA GLU C 120 -22.75 28.29 -8.39
C GLU C 120 -23.75 28.96 -7.47
N ASN C 121 -23.77 30.28 -7.51
CA ASN C 121 -24.67 31.07 -6.69
C ASN C 121 -26.11 30.67 -6.95
N ARG C 122 -26.44 30.49 -8.23
CA ARG C 122 -27.78 30.08 -8.61
C ARG C 122 -28.01 28.69 -8.03
N ALA C 123 -27.01 27.83 -8.17
CA ALA C 123 -27.11 26.48 -7.65
C ALA C 123 -27.34 26.56 -6.15
N LYS C 124 -26.55 27.40 -5.49
CA LYS C 124 -26.66 27.53 -4.05
C LYS C 124 -28.01 28.09 -3.65
N ASP C 125 -28.62 28.87 -4.53
CA ASP C 125 -29.94 29.43 -4.26
C ASP C 125 -30.97 28.31 -4.37
N GLY C 126 -30.70 27.36 -5.26
CA GLY C 126 -31.59 26.23 -5.43
C GLY C 126 -32.06 25.99 -6.86
N ASP C 127 -31.42 26.62 -7.82
CA ASP C 127 -31.84 26.43 -9.22
C ASP C 127 -31.44 25.07 -9.81
N SER C 128 -32.42 24.22 -10.09
CA SER C 128 -32.16 22.91 -10.65
C SER C 128 -31.12 22.93 -11.78
N GLN C 129 -31.31 23.80 -12.78
CA GLN C 129 -30.35 23.84 -13.87
C GLN C 129 -28.93 24.13 -13.39
N ALA C 130 -28.81 25.09 -12.49
CA ALA C 130 -27.52 25.51 -11.93
C ALA C 130 -26.82 24.42 -11.12
N ARG C 131 -27.58 23.61 -10.40
CA ARG C 131 -27.04 22.54 -9.59
C ARG C 131 -26.50 21.46 -10.53
N ILE C 132 -27.29 21.14 -11.54
CA ILE C 132 -26.90 20.13 -12.52
C ILE C 132 -25.55 20.52 -13.10
N ALA C 133 -25.42 21.79 -13.46
CA ALA C 133 -24.20 22.34 -14.06
C ALA C 133 -23.04 22.41 -13.09
N THR C 134 -23.33 22.70 -11.83
CA THR C 134 -22.27 22.78 -10.84
C THR C 134 -21.77 21.38 -10.56
N THR C 135 -22.68 20.43 -10.40
CA THR C 135 -22.26 19.07 -10.13
C THR C 135 -21.35 18.58 -11.22
N TYR C 136 -21.79 18.72 -12.47
CA TYR C 136 -21.00 18.32 -13.61
C TYR C 136 -19.65 19.05 -13.59
N GLY C 137 -19.69 20.34 -13.21
CA GLY C 137 -18.46 21.11 -13.16
C GLY C 137 -17.50 20.63 -12.10
N ARG C 138 -18.04 20.39 -10.91
CA ARG C 138 -17.26 19.92 -9.78
C ARG C 138 -16.75 18.50 -9.96
N ILE C 139 -17.56 17.65 -10.59
CA ILE C 139 -17.14 16.28 -10.75
C ILE C 139 -16.12 16.15 -11.86
N ALA C 140 -16.30 16.92 -12.92
CA ALA C 140 -15.37 16.88 -14.04
C ALA C 140 -14.03 17.40 -13.56
N GLU C 141 -14.08 18.38 -12.64
CA GLU C 141 -12.88 18.96 -12.07
C GLU C 141 -12.21 17.91 -11.19
N SER C 142 -13.03 17.21 -10.42
CA SER C 142 -12.52 16.18 -9.54
C SER C 142 -11.82 15.13 -10.37
N GLN C 143 -12.36 14.85 -11.53
CA GLN C 143 -11.77 13.84 -12.42
C GLN C 143 -10.35 14.23 -12.82
N ALA C 144 -10.16 15.50 -13.17
CA ALA C 144 -8.86 15.99 -13.61
C ALA C 144 -7.81 16.08 -12.50
N ARG C 145 -8.26 16.08 -11.25
CA ARG C 145 -7.35 16.18 -10.10
C ARG C 145 -6.71 14.89 -9.66
N GLN C 146 -7.17 13.74 -10.18
CA GLN C 146 -6.63 12.45 -9.78
C GLN C 146 -5.17 12.17 -10.22
N ILE C 147 -4.37 13.22 -10.29
CA ILE C 147 -2.97 13.13 -10.67
C ILE C 147 -2.12 13.76 -9.56
N LYS C 148 -0.83 13.42 -9.53
CA LYS C 148 0.10 13.91 -8.51
C LYS C 148 0.53 15.35 -8.63
N ALA C 149 0.77 15.77 -9.87
CA ALA C 149 1.22 17.13 -10.22
C ALA C 149 0.86 17.34 -11.68
N PRO C 150 1.19 18.50 -12.24
CA PRO C 150 0.86 18.74 -13.65
C PRO C 150 1.46 17.71 -14.59
N LEU C 151 0.71 17.35 -15.63
CA LEU C 151 1.22 16.40 -16.59
C LEU C 151 2.51 16.91 -17.23
N GLU C 152 2.61 18.22 -17.47
CA GLU C 152 3.79 18.83 -18.10
C GLU C 152 5.10 18.53 -17.37
N LYS C 153 5.03 18.36 -16.05
CA LYS C 153 6.21 18.07 -15.27
C LYS C 153 6.78 16.69 -15.59
N PHE C 154 5.89 15.71 -15.77
CA PHE C 154 6.30 14.36 -16.09
C PHE C 154 6.78 14.27 -17.53
N VAL C 155 6.12 15.00 -18.41
CA VAL C 155 6.50 15.02 -19.81
C VAL C 155 7.88 15.64 -19.97
N LEU C 156 8.07 16.81 -19.36
CA LEU C 156 9.33 17.52 -19.44
C LEU C 156 10.45 16.63 -18.91
N ALA C 157 10.16 15.90 -17.84
CA ALA C 157 11.15 15.03 -17.28
C ALA C 157 11.49 13.97 -18.33
N LEU C 158 10.47 13.39 -18.96
CA LEU C 158 10.74 12.38 -19.96
C LEU C 158 11.64 12.92 -21.05
N LEU C 159 11.34 14.11 -21.55
CA LEU C 159 12.13 14.75 -22.60
C LEU C 159 13.60 14.86 -22.19
N VAL C 160 13.82 15.32 -20.97
CA VAL C 160 15.18 15.47 -20.48
C VAL C 160 15.88 14.12 -20.32
N ALA C 161 15.19 13.14 -19.77
CA ALA C 161 15.81 11.82 -19.57
C ALA C 161 16.12 11.18 -20.91
N GLU C 162 15.15 11.20 -21.81
CA GLU C 162 15.31 10.59 -23.13
C GLU C 162 16.26 11.31 -24.08
N ALA C 163 16.63 12.53 -23.75
CA ALA C 163 17.57 13.25 -24.60
C ALA C 163 18.95 12.57 -24.51
N GLY C 164 19.11 11.67 -23.56
CA GLY C 164 20.39 10.98 -23.38
C GLY C 164 20.64 9.88 -24.39
N GLY C 165 19.59 9.47 -25.09
CA GLY C 165 19.74 8.42 -26.07
C GLY C 165 19.88 7.07 -25.39
N SER C 166 20.19 6.03 -26.17
CA SER C 166 20.35 4.69 -25.64
C SER C 166 21.34 4.62 -24.49
N LEU C 167 21.08 3.72 -23.55
CA LEU C 167 21.99 3.54 -22.43
C LEU C 167 22.80 2.25 -22.56
N TYR C 168 24.10 2.36 -22.28
CA TYR C 168 25.00 1.21 -22.38
C TYR C 168 24.89 0.29 -21.17
N ASP C 169 24.57 -0.98 -21.40
CA ASP C 169 24.46 -1.91 -20.28
C ASP C 169 25.89 -2.31 -19.84
N PRO C 170 26.21 -2.11 -18.56
CA PRO C 170 27.53 -2.44 -18.01
C PRO C 170 27.79 -3.94 -18.05
N VAL C 171 26.77 -4.70 -17.72
CA VAL C 171 26.89 -6.16 -17.70
C VAL C 171 26.81 -6.76 -19.10
N LEU C 172 25.77 -6.40 -19.86
CA LEU C 172 25.58 -6.92 -21.21
C LEU C 172 26.59 -6.35 -22.21
N GLN C 173 27.19 -5.21 -21.87
CA GLN C 173 28.17 -4.59 -22.73
C GLN C 173 27.67 -4.23 -24.13
N LYS C 174 26.50 -3.61 -24.17
CA LYS C 174 25.89 -3.16 -25.42
C LYS C 174 24.80 -2.17 -25.06
N TYR C 175 24.44 -1.33 -26.01
CA TYR C 175 23.40 -0.35 -25.79
C TYR C 175 22.06 -1.04 -25.96
N ASP C 176 21.05 -0.57 -25.25
CA ASP C 176 19.73 -1.14 -25.36
C ASP C 176 19.17 -0.70 -26.70
N GLU C 177 18.12 -1.36 -27.16
CA GLU C 177 17.55 -0.99 -28.46
C GLU C 177 16.13 -0.46 -28.36
N ILE C 178 15.86 0.25 -27.26
CA ILE C 178 14.56 0.85 -27.03
C ILE C 178 14.36 2.00 -28.01
N PRO C 179 13.27 1.95 -28.80
CA PRO C 179 12.97 3.00 -29.77
C PRO C 179 12.97 4.37 -29.13
N ASP C 180 13.49 5.37 -29.83
CA ASP C 180 13.51 6.71 -29.28
C ASP C 180 12.13 7.37 -29.40
N LEU C 181 11.97 8.51 -28.75
CA LEU C 181 10.70 9.22 -28.73
C LEU C 181 10.02 9.44 -30.08
N SER C 182 10.78 9.52 -31.16
CA SER C 182 10.12 9.74 -32.45
C SER C 182 9.21 8.57 -32.81
N HIS C 183 9.23 7.54 -31.98
CA HIS C 183 8.41 6.37 -32.21
C HIS C 183 7.43 6.13 -31.06
N ASN C 184 7.30 7.11 -30.18
CA ASN C 184 6.41 6.99 -29.03
C ASN C 184 5.00 7.48 -29.40
N CYS C 185 4.09 6.54 -29.61
CA CYS C 185 2.72 6.89 -29.98
C CYS C 185 1.94 7.68 -28.92
N PRO C 186 2.11 7.34 -27.62
CA PRO C 186 1.36 8.13 -26.64
C PRO C 186 1.75 9.62 -26.70
N LEU C 187 3.04 9.90 -26.76
CA LEU C 187 3.53 11.28 -26.83
C LEU C 187 2.99 12.03 -28.03
N TRP C 188 3.05 11.37 -29.19
CA TRP C 188 2.58 11.97 -30.42
C TRP C 188 1.11 12.37 -30.27
N CYS C 189 0.31 11.48 -29.69
CA CYS C 189 -1.11 11.74 -29.44
C CYS C 189 -1.25 12.90 -28.47
N PHE C 190 -0.50 12.85 -27.39
CA PHE C 190 -0.54 13.91 -26.40
C PHE C 190 -0.34 15.26 -27.08
N ARG C 191 0.69 15.37 -27.92
CA ARG C 191 0.93 16.66 -28.58
C ARG C 191 -0.18 17.05 -29.54
N GLU C 192 -0.59 16.10 -30.39
CA GLU C 192 -1.63 16.34 -31.39
C GLU C 192 -2.98 16.71 -30.79
N ILE C 193 -3.42 15.96 -29.79
CA ILE C 193 -4.71 16.22 -29.15
C ILE C 193 -4.69 17.60 -28.48
N CYS C 194 -3.60 17.89 -27.78
CA CYS C 194 -3.45 19.17 -27.09
C CYS C 194 -3.31 20.30 -28.09
N ARG C 195 -2.47 20.10 -29.10
CA ARG C 195 -2.28 21.13 -30.10
C ARG C 195 -3.59 21.44 -30.80
N HIS C 196 -4.41 20.41 -31.02
CA HIS C 196 -5.67 20.58 -31.70
C HIS C 196 -6.68 21.34 -30.84
N ILE C 197 -6.52 21.22 -29.52
CA ILE C 197 -7.43 21.91 -28.64
C ILE C 197 -7.04 23.38 -28.57
N SER C 198 -5.77 23.63 -28.24
CA SER C 198 -5.27 24.99 -28.14
C SER C 198 -5.46 25.77 -29.43
N GLY C 199 -5.25 25.11 -30.57
CA GLY C 199 -5.39 25.74 -31.87
C GLY C 199 -4.54 27.01 -31.96
N PRO C 200 -5.16 28.14 -32.32
CA PRO C 200 -4.49 29.43 -32.46
C PRO C 200 -4.03 30.04 -31.14
N LEU C 201 -4.50 29.49 -30.02
CA LEU C 201 -4.13 30.02 -28.71
C LEU C 201 -2.66 29.80 -28.34
N PRO C 202 -2.02 30.84 -27.79
CA PRO C 202 -0.61 30.89 -27.35
C PRO C 202 -0.35 29.85 -26.27
N ASP C 203 -1.35 29.67 -25.41
CA ASP C 203 -1.32 28.71 -24.30
C ASP C 203 -1.50 27.32 -24.90
N ARG C 204 -0.53 26.45 -24.67
CA ARG C 204 -0.56 25.10 -25.21
C ARG C 204 -1.19 24.02 -24.34
N ALA C 205 -1.43 24.33 -23.07
CA ALA C 205 -2.00 23.35 -22.14
C ALA C 205 -3.52 23.32 -22.18
N PRO C 206 -4.09 22.11 -22.30
CA PRO C 206 -5.54 21.87 -22.36
C PRO C 206 -6.20 22.28 -21.05
N TYR C 207 -5.44 22.15 -19.95
CA TYR C 207 -5.91 22.53 -18.63
C TYR C 207 -4.72 22.72 -17.70
N LEU C 208 -4.97 23.34 -16.55
CA LEU C 208 -3.93 23.59 -15.58
C LEU C 208 -4.28 23.00 -14.22
N TYR C 209 -3.45 22.07 -13.76
CA TYR C 209 -3.64 21.45 -12.45
C TYR C 209 -3.08 22.44 -11.44
N LEU C 210 -3.93 23.06 -10.63
CA LEU C 210 -3.44 24.04 -9.65
C LEU C 210 -3.80 23.73 -8.20
N SER C 211 -3.64 24.76 -7.38
CA SER C 211 -3.97 24.72 -5.96
C SER C 211 -5.33 25.41 -5.83
N ALA C 212 -5.51 26.51 -6.56
CA ALA C 212 -6.76 27.26 -6.53
C ALA C 212 -7.86 26.42 -7.19
N GLY C 213 -7.47 25.24 -7.68
CA GLY C 213 -8.39 24.33 -8.35
C GLY C 213 -7.94 24.05 -9.78
N VAL C 214 -8.76 23.36 -10.56
CA VAL C 214 -8.41 23.11 -11.95
C VAL C 214 -8.98 24.23 -12.80
N PHE C 215 -8.31 24.56 -13.91
CA PHE C 215 -8.77 25.59 -14.82
C PHE C 215 -8.74 25.01 -16.21
N TRP C 216 -9.71 25.35 -17.04
CA TRP C 216 -9.76 24.79 -18.38
C TRP C 216 -9.41 25.80 -19.46
N LEU C 217 -8.67 25.34 -20.47
CA LEU C 217 -8.32 26.21 -21.58
C LEU C 217 -9.65 26.52 -22.28
N MET C 218 -9.96 27.80 -22.42
CA MET C 218 -11.20 28.23 -23.04
C MET C 218 -11.32 27.91 -24.53
N SER C 219 -11.24 26.63 -24.86
CA SER C 219 -11.35 26.18 -26.24
C SER C 219 -12.64 25.38 -26.36
N PRO C 220 -13.40 25.58 -27.45
CA PRO C 220 -14.67 24.90 -27.71
C PRO C 220 -14.43 23.43 -28.08
N ARG C 221 -13.15 23.06 -28.10
CA ARG C 221 -12.72 21.70 -28.42
C ARG C 221 -12.36 20.88 -27.17
N MET C 222 -12.30 21.55 -26.01
CA MET C 222 -11.99 20.86 -24.77
C MET C 222 -13.17 19.99 -24.33
N THR C 223 -12.86 18.92 -23.61
CA THR C 223 -13.84 17.97 -23.11
C THR C 223 -13.49 17.55 -21.70
N SER C 224 -14.49 17.11 -20.96
CA SER C 224 -14.29 16.66 -19.58
C SER C 224 -13.45 15.40 -19.59
N ALA C 225 -13.32 14.80 -20.77
CA ALA C 225 -12.56 13.56 -20.91
C ALA C 225 -11.09 13.78 -21.28
N ILE C 226 -10.70 15.01 -21.60
CA ILE C 226 -9.31 15.24 -21.97
C ILE C 226 -8.30 15.05 -20.81
N PRO C 227 -8.63 15.52 -19.59
CA PRO C 227 -7.65 15.31 -18.52
C PRO C 227 -7.30 13.83 -18.34
N PRO C 228 -8.31 12.94 -18.21
CA PRO C 228 -8.03 11.51 -18.04
C PRO C 228 -7.25 10.93 -19.21
N LEU C 229 -7.71 11.24 -20.42
CA LEU C 229 -7.06 10.76 -21.63
C LEU C 229 -5.59 11.14 -21.69
N LEU C 230 -5.29 12.40 -21.40
CA LEU C 230 -3.91 12.84 -21.44
C LEU C 230 -3.13 12.16 -20.34
N SER C 231 -3.77 11.94 -19.19
CA SER C 231 -3.09 11.29 -18.09
C SER C 231 -2.69 9.87 -18.51
N ASP C 232 -3.56 9.18 -19.24
CA ASP C 232 -3.26 7.83 -19.71
C ASP C 232 -2.12 7.83 -20.71
N LEU C 233 -2.16 8.76 -21.66
CA LEU C 233 -1.11 8.83 -22.67
C LEU C 233 0.27 9.09 -22.05
N VAL C 234 0.34 9.95 -21.04
CA VAL C 234 1.62 10.23 -20.42
C VAL C 234 2.19 9.00 -19.75
N ASN C 235 1.36 8.24 -19.03
CA ASN C 235 1.86 7.03 -18.37
C ASN C 235 2.41 6.07 -19.42
N LEU C 236 1.63 5.85 -20.49
CA LEU C 236 2.05 4.96 -21.54
C LEU C 236 3.32 5.47 -22.21
N ALA C 237 3.42 6.79 -22.34
CA ALA C 237 4.59 7.41 -22.95
C ALA C 237 5.86 7.05 -22.16
N ILE C 238 5.80 7.25 -20.85
CA ILE C 238 6.92 6.97 -19.96
C ILE C 238 7.24 5.49 -19.87
N LEU C 239 6.21 4.65 -19.90
CA LEU C 239 6.40 3.21 -19.81
C LEU C 239 6.99 2.59 -21.08
N GLN C 240 6.65 3.17 -22.23
CA GLN C 240 7.19 2.64 -23.49
C GLN C 240 8.70 2.83 -23.46
N GLN C 241 9.12 3.90 -22.79
CA GLN C 241 10.54 4.21 -22.71
C GLN C 241 11.25 3.53 -21.55
N THR C 242 10.56 3.33 -20.42
CA THR C 242 11.21 2.75 -19.25
C THR C 242 10.93 1.29 -18.95
N ALA C 243 9.81 0.78 -19.43
CA ALA C 243 9.50 -0.62 -19.20
C ALA C 243 9.96 -1.34 -20.45
N GLY C 244 10.38 -0.55 -21.43
CA GLY C 244 10.83 -1.09 -22.70
C GLY C 244 9.70 -1.79 -23.42
N LEU C 245 8.48 -1.28 -23.21
CA LEU C 245 7.27 -1.84 -23.81
C LEU C 245 7.31 -1.89 -25.33
N ASP C 246 6.57 -2.84 -25.88
CA ASP C 246 6.46 -3.03 -27.32
C ASP C 246 5.58 -1.92 -27.88
N PRO C 247 6.12 -1.07 -28.77
CA PRO C 247 5.34 0.01 -29.35
C PRO C 247 4.03 -0.43 -30.01
N SER C 248 4.06 -1.55 -30.72
CA SER C 248 2.84 -2.04 -31.38
C SER C 248 1.72 -2.28 -30.38
N LEU C 249 2.06 -2.87 -29.23
CA LEU C 249 1.06 -3.12 -28.19
C LEU C 249 0.59 -1.79 -27.62
N VAL C 250 1.55 -0.94 -27.28
CA VAL C 250 1.26 0.35 -26.72
C VAL C 250 0.22 1.11 -27.55
N LYS C 251 0.19 0.91 -28.86
CA LYS C 251 -0.79 1.59 -29.68
C LYS C 251 -2.18 1.02 -29.42
N LEU C 252 -2.27 -0.30 -29.23
CA LEU C 252 -3.57 -0.88 -28.94
C LEU C 252 -4.11 -0.19 -27.69
N GLY C 253 -3.23 0.08 -26.74
CA GLY C 253 -3.61 0.73 -25.50
C GLY C 253 -4.06 2.16 -25.71
N VAL C 254 -3.45 2.84 -26.68
CA VAL C 254 -3.82 4.20 -26.98
C VAL C 254 -5.21 4.19 -27.64
N GLN C 255 -5.42 3.25 -28.54
CA GLN C 255 -6.68 3.09 -29.25
C GLN C 255 -7.87 2.97 -28.31
N ILE C 256 -7.71 2.13 -27.29
CA ILE C 256 -8.78 1.95 -26.32
C ILE C 256 -9.05 3.30 -25.67
N CYS C 257 -8.00 3.99 -25.23
CA CYS C 257 -8.16 5.29 -24.60
C CYS C 257 -8.88 6.28 -25.51
N LEU C 258 -8.46 6.33 -26.78
CA LEU C 258 -9.09 7.24 -27.73
C LEU C 258 -10.59 6.88 -27.82
N HIS C 259 -10.88 5.58 -27.86
CA HIS C 259 -12.25 5.09 -27.88
C HIS C 259 -12.97 5.48 -26.59
N ALA C 260 -12.24 5.56 -25.49
CA ALA C 260 -12.82 5.95 -24.20
C ALA C 260 -13.19 7.43 -24.26
N ALA C 261 -12.32 8.23 -24.86
CA ALA C 261 -12.60 9.66 -25.02
C ALA C 261 -13.68 9.84 -26.11
N ALA C 262 -13.76 8.87 -27.02
CA ALA C 262 -14.71 8.89 -28.10
C ALA C 262 -16.10 8.51 -27.60
N SER C 263 -16.15 7.80 -26.48
CA SER C 263 -17.42 7.36 -25.92
C SER C 263 -18.17 8.50 -25.26
N SER C 264 -19.22 8.15 -24.53
CA SER C 264 -20.02 9.15 -23.85
C SER C 264 -19.56 9.30 -22.40
N SER C 265 -18.63 8.45 -21.97
CA SER C 265 -18.13 8.52 -20.60
C SER C 265 -16.82 7.74 -20.47
N TYR C 266 -15.71 8.44 -20.66
CA TYR C 266 -14.38 7.86 -20.59
C TYR C 266 -14.26 6.85 -19.45
N SER C 267 -14.54 7.33 -18.25
CA SER C 267 -14.46 6.54 -17.03
C SER C 267 -15.24 5.23 -17.14
N TRP C 268 -16.49 5.34 -17.57
CA TRP C 268 -17.38 4.18 -17.73
C TRP C 268 -16.86 3.21 -18.79
N PHE C 269 -16.49 3.75 -19.94
CA PHE C 269 -15.99 2.91 -21.02
C PHE C 269 -14.73 2.13 -20.55
N ILE C 270 -13.85 2.83 -19.85
CA ILE C 270 -12.62 2.23 -19.34
C ILE C 270 -12.94 1.03 -18.46
N LEU C 271 -13.95 1.19 -17.60
CA LEU C 271 -14.39 0.15 -16.68
C LEU C 271 -14.94 -1.10 -17.39
N LYS C 272 -15.78 -0.89 -18.39
CA LYS C 272 -16.38 -1.99 -19.14
C LYS C 272 -15.37 -2.76 -20.01
N THR C 273 -14.24 -2.15 -20.35
CA THR C 273 -13.28 -2.85 -21.20
C THR C 273 -11.93 -3.15 -20.55
N LYS C 274 -11.77 -2.79 -19.28
CA LYS C 274 -10.52 -3.01 -18.54
C LYS C 274 -9.98 -4.44 -18.54
N SER C 275 -10.80 -5.40 -18.97
CA SER C 275 -10.37 -6.79 -18.99
C SER C 275 -9.80 -7.20 -20.33
N ILE C 276 -9.84 -6.31 -21.32
CA ILE C 276 -9.33 -6.63 -22.66
C ILE C 276 -7.91 -7.17 -22.71
N PHE C 277 -6.94 -6.42 -22.21
CA PHE C 277 -5.56 -6.90 -22.23
C PHE C 277 -5.35 -8.17 -21.39
N PRO C 278 -5.92 -8.22 -20.17
CA PRO C 278 -5.74 -9.43 -19.36
C PRO C 278 -6.37 -10.68 -19.98
N GLN C 279 -7.57 -10.55 -20.51
CA GLN C 279 -8.30 -11.66 -21.12
C GLN C 279 -7.69 -12.19 -22.41
N ASN C 280 -7.25 -11.29 -23.26
CA ASN C 280 -6.70 -11.73 -24.53
C ASN C 280 -5.23 -12.15 -24.50
N THR C 281 -4.63 -12.20 -23.32
CA THR C 281 -3.24 -12.64 -23.20
C THR C 281 -3.07 -13.55 -21.99
N LEU C 282 -2.94 -12.95 -20.81
CA LEU C 282 -2.78 -13.71 -19.57
C LEU C 282 -3.73 -14.90 -19.50
N HIS C 283 -5.02 -14.65 -19.61
CA HIS C 283 -6.00 -15.73 -19.52
C HIS C 283 -6.23 -16.54 -20.82
N SER C 284 -5.29 -16.46 -21.77
CA SER C 284 -5.40 -17.17 -23.05
C SER C 284 -4.04 -17.67 -23.53
N MET C 285 -3.07 -17.75 -22.63
CA MET C 285 -1.74 -18.19 -22.99
C MET C 285 -1.58 -19.69 -23.16
N TYR C 286 -0.76 -20.05 -24.14
CA TYR C 286 -0.44 -21.43 -24.41
C TYR C 286 -1.55 -22.43 -24.71
N GLU C 287 -2.48 -22.11 -25.61
CA GLU C 287 -3.53 -23.08 -25.94
C GLU C 287 -2.74 -24.23 -26.54
N SER C 288 -1.54 -23.89 -26.95
CA SER C 288 -0.60 -24.83 -27.53
C SER C 288 0.72 -24.59 -26.78
N LEU C 289 1.38 -25.67 -26.38
CA LEU C 289 2.62 -25.54 -25.63
C LEU C 289 3.68 -26.55 -26.06
N GLU C 290 4.85 -26.06 -26.43
CA GLU C 290 5.93 -26.94 -26.88
C GLU C 290 7.11 -27.06 -25.92
N GLY C 291 7.44 -25.99 -25.22
CA GLY C 291 8.57 -26.08 -24.32
C GLY C 291 8.61 -25.03 -23.23
N GLY C 292 9.81 -24.79 -22.70
CA GLY C 292 9.97 -23.83 -21.63
C GLY C 292 10.06 -24.49 -20.28
N TYR C 293 10.44 -23.72 -19.25
CA TYR C 293 10.55 -24.28 -17.91
C TYR C 293 9.76 -23.48 -16.89
N CYS C 294 9.24 -24.17 -15.87
CA CYS C 294 8.51 -23.48 -14.83
C CYS C 294 9.14 -23.93 -13.52
N PRO C 295 8.94 -23.16 -12.44
CA PRO C 295 9.50 -23.50 -11.14
C PRO C 295 8.98 -24.84 -10.63
N ASN C 296 9.69 -25.39 -9.66
CA ASN C 296 9.32 -26.65 -9.04
C ASN C 296 9.52 -26.40 -7.55
N LEU C 297 8.44 -25.98 -6.90
CA LEU C 297 8.50 -25.69 -5.48
C LEU C 297 7.78 -26.67 -4.57
N GLU C 298 8.29 -26.79 -3.36
CA GLU C 298 7.70 -27.66 -2.37
C GLU C 298 7.16 -26.74 -1.30
N TRP C 299 5.92 -26.99 -0.87
CA TRP C 299 5.29 -26.18 0.16
C TRP C 299 5.74 -26.80 1.47
N LEU C 300 6.50 -26.06 2.27
CA LEU C 300 6.97 -26.61 3.54
C LEU C 300 5.86 -26.72 4.57
N GLU C 301 6.02 -27.62 5.52
CA GLU C 301 5.05 -27.83 6.60
C GLU C 301 5.50 -27.03 7.82
N PRO C 302 4.57 -26.37 8.53
CA PRO C 302 3.14 -26.36 8.23
C PRO C 302 2.85 -25.34 7.12
N ARG C 303 1.90 -25.67 6.24
CA ARG C 303 1.54 -24.77 5.14
C ARG C 303 1.22 -23.35 5.64
N SER C 304 0.75 -23.24 6.87
CA SER C 304 0.40 -21.94 7.43
C SER C 304 1.58 -20.95 7.51
N ASP C 305 2.81 -21.47 7.43
CA ASP C 305 3.99 -20.62 7.47
C ASP C 305 4.24 -19.96 6.12
N TYR C 306 3.58 -20.45 5.07
CA TYR C 306 3.75 -19.89 3.74
C TYR C 306 5.22 -19.83 3.41
N LYS C 307 5.89 -20.96 3.62
CA LYS C 307 7.31 -21.12 3.39
C LYS C 307 7.52 -22.21 2.36
N PHE C 308 8.30 -21.93 1.33
CA PHE C 308 8.55 -22.89 0.25
C PHE C 308 10.03 -23.03 -0.02
N MET C 309 10.37 -24.09 -0.74
CA MET C 309 11.75 -24.33 -1.11
C MET C 309 11.83 -24.72 -2.58
N TYR C 310 12.75 -24.04 -3.27
CA TYR C 310 13.02 -24.24 -4.68
C TYR C 310 13.66 -25.62 -4.88
N MET C 311 13.16 -26.40 -5.84
CA MET C 311 13.70 -27.71 -6.08
C MET C 311 14.21 -27.97 -7.49
N GLY C 312 14.25 -26.95 -8.34
CA GLY C 312 14.73 -27.17 -9.69
C GLY C 312 13.74 -26.67 -10.71
N VAL C 313 13.79 -27.21 -11.92
CA VAL C 313 12.86 -26.76 -12.95
C VAL C 313 11.99 -27.86 -13.52
N MET C 314 10.76 -27.50 -13.89
CA MET C 314 9.80 -28.46 -14.47
C MET C 314 9.76 -28.25 -15.98
N PRO C 315 10.33 -29.18 -16.74
CA PRO C 315 10.29 -29.01 -18.20
C PRO C 315 8.83 -29.02 -18.63
N LEU C 316 8.49 -28.20 -19.61
CA LEU C 316 7.11 -28.13 -20.08
C LEU C 316 6.93 -28.74 -21.46
N SER C 317 5.72 -29.24 -21.73
CA SER C 317 5.39 -29.83 -23.02
C SER C 317 3.89 -29.68 -23.24
N ALA C 318 3.39 -30.30 -24.30
CA ALA C 318 1.97 -30.22 -24.62
C ALA C 318 1.15 -30.78 -23.48
N LYS C 319 1.79 -31.62 -22.66
CA LYS C 319 1.12 -32.25 -21.51
C LYS C 319 0.53 -31.18 -20.59
N TYR C 320 1.11 -29.98 -20.64
CA TYR C 320 0.67 -28.88 -19.80
C TYR C 320 0.00 -27.70 -20.51
N ALA C 321 -0.38 -27.88 -21.78
CA ALA C 321 -1.03 -26.79 -22.51
C ALA C 321 -2.32 -26.37 -21.81
N ARG C 322 -2.77 -25.16 -22.11
CA ARG C 322 -3.98 -24.62 -21.50
C ARG C 322 -5.11 -25.64 -21.56
N SER C 323 -5.54 -26.13 -20.41
CA SER C 323 -6.63 -27.10 -20.34
C SER C 323 -7.93 -26.45 -19.91
N ALA C 324 -7.83 -25.32 -19.21
CA ALA C 324 -8.99 -24.59 -18.74
C ALA C 324 -9.85 -24.15 -19.92
N PRO C 325 -11.15 -23.87 -19.67
CA PRO C 325 -12.10 -23.44 -20.70
C PRO C 325 -11.60 -22.27 -21.57
N SER C 326 -12.12 -22.17 -22.79
CA SER C 326 -11.71 -21.09 -23.69
C SER C 326 -12.58 -19.85 -23.49
N ASN C 327 -11.94 -18.68 -23.39
CA ASN C 327 -12.67 -17.43 -23.19
C ASN C 327 -12.79 -16.64 -24.50
N ASP C 328 -12.41 -17.27 -25.60
CA ASP C 328 -12.47 -16.68 -26.94
C ASP C 328 -13.80 -16.00 -27.24
N LYS C 329 -14.89 -16.75 -27.19
CA LYS C 329 -16.20 -16.20 -27.48
C LYS C 329 -16.58 -14.97 -26.67
N LYS C 330 -16.53 -15.07 -25.34
CA LYS C 330 -16.87 -13.92 -24.49
C LYS C 330 -15.92 -12.75 -24.75
N ALA C 331 -14.65 -13.06 -24.98
CA ALA C 331 -13.64 -12.04 -25.24
C ALA C 331 -13.97 -11.27 -26.50
N ARG C 332 -14.29 -11.98 -27.59
CA ARG C 332 -14.63 -11.32 -28.86
C ARG C 332 -15.95 -10.60 -28.76
N GLU C 333 -16.85 -11.13 -27.94
CA GLU C 333 -18.15 -10.50 -27.76
C GLU C 333 -17.95 -9.15 -27.10
N LEU C 334 -17.10 -9.13 -26.07
CA LEU C 334 -16.81 -7.89 -25.34
C LEU C 334 -16.24 -6.86 -26.29
N GLY C 335 -15.34 -7.29 -27.16
CA GLY C 335 -14.76 -6.38 -28.13
C GLY C 335 -15.80 -5.87 -29.12
N GLU C 336 -16.68 -6.75 -29.56
CA GLU C 336 -17.71 -6.35 -30.52
C GLU C 336 -18.61 -5.29 -29.91
N LYS C 337 -19.04 -5.51 -28.67
CA LYS C 337 -19.93 -4.58 -27.99
C LYS C 337 -19.36 -3.20 -27.77
N TYR C 338 -18.06 -3.11 -27.52
CA TYR C 338 -17.42 -1.83 -27.26
C TYR C 338 -16.57 -1.27 -28.39
N GLY C 339 -16.81 -1.77 -29.61
CA GLY C 339 -16.06 -1.27 -30.75
C GLY C 339 -14.55 -1.43 -30.64
N LEU C 340 -14.11 -2.54 -30.08
CA LEU C 340 -12.69 -2.80 -29.94
C LEU C 340 -12.31 -4.18 -30.48
N SER C 341 -13.17 -4.75 -31.32
CA SER C 341 -12.92 -6.07 -31.89
C SER C 341 -11.64 -6.07 -32.72
N SER C 342 -11.21 -4.89 -33.15
CA SER C 342 -9.99 -4.79 -33.93
C SER C 342 -8.82 -5.15 -33.00
N VAL C 343 -8.84 -4.55 -31.81
CA VAL C 343 -7.82 -4.80 -30.81
C VAL C 343 -7.88 -6.24 -30.28
N VAL C 344 -9.04 -6.66 -29.81
CA VAL C 344 -9.21 -8.01 -29.31
C VAL C 344 -8.58 -9.01 -30.29
N GLY C 345 -9.04 -8.97 -31.53
CA GLY C 345 -8.54 -9.86 -32.57
C GLY C 345 -7.03 -9.91 -32.71
N GLU C 346 -6.42 -8.73 -32.80
CA GLU C 346 -4.96 -8.63 -32.93
C GLU C 346 -4.31 -9.28 -31.71
N LEU C 347 -4.88 -9.02 -30.53
CA LEU C 347 -4.36 -9.57 -29.30
C LEU C 347 -4.45 -11.09 -29.30
N ARG C 348 -5.56 -11.63 -29.80
CA ARG C 348 -5.74 -13.09 -29.84
C ARG C 348 -4.77 -13.74 -30.81
N LYS C 349 -4.64 -13.15 -31.99
CA LYS C 349 -3.74 -13.63 -33.03
C LYS C 349 -2.29 -13.69 -32.55
N ARG C 350 -1.89 -12.74 -31.71
CA ARG C 350 -0.51 -12.74 -31.23
C ARG C 350 -0.33 -13.73 -30.10
N THR C 351 -1.30 -13.77 -29.20
CA THR C 351 -1.23 -14.66 -28.07
C THR C 351 -1.01 -16.09 -28.52
N LYS C 352 -1.54 -16.40 -29.69
CA LYS C 352 -1.40 -17.75 -30.24
C LYS C 352 0.01 -18.05 -30.75
N THR C 353 0.75 -17.04 -31.18
CA THR C 353 2.09 -17.29 -31.70
C THR C 353 3.08 -17.72 -30.62
N TYR C 354 2.73 -17.55 -29.35
CA TYR C 354 3.62 -17.95 -28.28
C TYR C 354 3.32 -19.37 -27.85
N VAL C 355 4.17 -20.30 -28.28
CA VAL C 355 3.98 -21.71 -27.97
C VAL C 355 5.02 -22.24 -27.00
N LYS C 356 5.86 -21.34 -26.52
CA LYS C 356 6.87 -21.70 -25.53
C LYS C 356 6.72 -20.73 -24.39
N HIS C 357 6.73 -21.25 -23.16
CA HIS C 357 6.62 -20.41 -21.98
C HIS C 357 8.04 -20.04 -21.62
N ASP C 358 8.37 -18.76 -21.79
CA ASP C 358 9.70 -18.25 -21.49
C ASP C 358 9.70 -16.75 -21.22
N PHE C 359 10.89 -16.17 -21.11
CA PHE C 359 11.00 -14.75 -20.83
C PHE C 359 10.24 -13.92 -21.87
N ALA C 360 10.43 -14.27 -23.12
CA ALA C 360 9.78 -13.60 -24.22
C ALA C 360 8.24 -13.48 -24.09
N SER C 361 7.55 -14.58 -23.77
CA SER C 361 6.08 -14.60 -23.64
C SER C 361 5.47 -13.93 -22.40
N VAL C 362 6.13 -14.03 -21.26
CA VAL C 362 5.62 -13.41 -20.04
C VAL C 362 5.79 -11.90 -20.13
N ARG C 363 6.91 -11.46 -20.71
CA ARG C 363 7.21 -10.04 -20.91
C ARG C 363 6.15 -9.48 -21.83
N TYR C 364 5.67 -10.33 -22.74
CA TYR C 364 4.63 -9.96 -23.68
C TYR C 364 3.35 -9.70 -22.89
N ILE C 365 2.99 -10.63 -22.00
CA ILE C 365 1.79 -10.50 -21.19
C ILE C 365 1.93 -9.22 -20.39
N ARG C 366 3.05 -9.13 -19.65
CA ARG C 366 3.31 -7.97 -18.83
C ARG C 366 3.12 -6.73 -19.67
N ASP C 367 3.79 -6.71 -20.81
CA ASP C 367 3.74 -5.58 -21.72
C ASP C 367 2.31 -5.22 -22.06
N ALA C 368 1.52 -6.23 -22.40
CA ALA C 368 0.12 -6.04 -22.76
C ALA C 368 -0.67 -5.46 -21.60
N MET C 369 -0.47 -6.04 -20.42
CA MET C 369 -1.21 -5.59 -19.24
C MET C 369 -0.80 -4.24 -18.68
N ALA C 370 0.19 -3.60 -19.27
CA ALA C 370 0.62 -2.30 -18.79
C ALA C 370 -0.12 -1.22 -19.55
N CYS C 371 -0.75 -1.61 -20.65
CA CYS C 371 -1.45 -0.67 -21.51
C CYS C 371 -2.88 -0.34 -21.08
N THR C 372 -3.34 -0.92 -19.98
CA THR C 372 -4.70 -0.67 -19.48
C THR C 372 -4.74 0.68 -18.75
N SER C 373 -5.80 1.46 -18.98
CA SER C 373 -5.92 2.77 -18.33
C SER C 373 -5.59 2.74 -16.83
N GLY C 374 -4.91 3.77 -16.35
CA GLY C 374 -4.55 3.81 -14.95
C GLY C 374 -5.29 4.88 -14.19
N ILE C 375 -6.36 5.39 -14.78
CA ILE C 375 -7.10 6.43 -14.09
C ILE C 375 -7.86 5.92 -12.88
N PHE C 376 -7.95 6.78 -11.86
CA PHE C 376 -8.71 6.48 -10.65
C PHE C 376 -10.13 6.90 -11.01
N LEU C 377 -11.01 5.94 -11.30
CA LEU C 377 -12.39 6.26 -11.66
C LEU C 377 -13.03 7.20 -10.64
N VAL C 378 -13.91 8.07 -11.13
CA VAL C 378 -14.56 9.04 -10.27
C VAL C 378 -16.01 9.33 -10.63
N ARG C 379 -16.82 9.52 -9.60
CA ARG C 379 -18.24 9.84 -9.74
C ARG C 379 -18.66 10.58 -8.49
N THR C 380 -19.82 11.24 -8.51
CA THR C 380 -20.25 11.99 -7.34
C THR C 380 -20.67 11.05 -6.20
N PRO C 381 -20.30 11.39 -4.95
CA PRO C 381 -20.60 10.61 -3.74
C PRO C 381 -22.02 10.04 -3.74
N THR C 382 -22.98 10.88 -4.10
CA THR C 382 -24.37 10.48 -4.19
C THR C 382 -24.47 9.21 -5.02
N GLU C 383 -23.81 9.21 -6.17
CA GLU C 383 -23.86 8.05 -7.05
C GLU C 383 -23.18 6.81 -6.46
N THR C 384 -22.07 6.97 -5.75
CA THR C 384 -21.43 5.81 -5.17
C THR C 384 -22.37 5.21 -4.12
N VAL C 385 -22.83 6.04 -3.20
CA VAL C 385 -23.71 5.58 -2.14
C VAL C 385 -24.97 4.89 -2.65
N LEU C 386 -25.57 5.43 -3.72
CA LEU C 386 -26.78 4.82 -4.26
C LEU C 386 -26.53 3.55 -5.06
N GLN C 387 -25.28 3.33 -5.48
CA GLN C 387 -24.98 2.12 -6.24
C GLN C 387 -24.39 1.02 -5.36
N GLU C 388 -23.75 1.42 -4.27
CA GLU C 388 -23.12 0.46 -3.37
C GLU C 388 -23.98 0.01 -2.18
N TYR C 389 -24.76 0.92 -1.61
CA TYR C 389 -25.62 0.59 -0.47
C TYR C 389 -27.08 0.40 -0.90
N THR C 390 -27.29 -0.30 -2.01
CA THR C 390 -28.64 -0.54 -2.50
C THR C 390 -28.97 -2.01 -2.70
N GLN C 391 -28.20 -2.68 -3.54
CA GLN C 391 -28.44 -4.08 -3.80
C GLN C 391 -28.41 -4.92 -2.53
N SER C 392 -29.27 -5.94 -2.49
CA SER C 392 -29.37 -6.84 -1.36
C SER C 392 -29.10 -8.26 -1.86
N PRO C 393 -28.52 -9.11 -1.00
CA PRO C 393 -28.23 -10.49 -1.39
C PRO C 393 -29.55 -11.23 -1.61
N GLU C 394 -29.55 -12.17 -2.55
CA GLU C 394 -30.76 -12.96 -2.76
C GLU C 394 -30.55 -14.30 -2.10
N ILE C 395 -31.04 -14.45 -0.89
CA ILE C 395 -30.91 -15.71 -0.15
C ILE C 395 -31.86 -16.71 -0.76
N LYS C 396 -31.37 -17.48 -1.73
CA LYS C 396 -32.23 -18.45 -2.39
C LYS C 396 -32.78 -19.55 -1.49
N VAL C 397 -32.16 -19.76 -0.33
CA VAL C 397 -32.62 -20.76 0.63
C VAL C 397 -32.50 -20.23 2.06
N PRO C 398 -33.45 -19.38 2.48
CA PRO C 398 -33.54 -18.74 3.80
C PRO C 398 -33.59 -19.69 4.97
N ILE C 399 -33.24 -19.18 6.14
CA ILE C 399 -33.27 -19.96 7.35
C ILE C 399 -34.73 -19.92 7.80
N PRO C 400 -35.40 -21.07 7.86
CA PRO C 400 -36.81 -21.14 8.28
C PRO C 400 -37.02 -20.33 9.56
N GLN C 401 -38.12 -19.60 9.61
CA GLN C 401 -38.43 -18.80 10.78
C GLN C 401 -38.61 -19.71 11.99
N LYS C 402 -39.04 -20.94 11.75
CA LYS C 402 -39.26 -21.89 12.83
C LYS C 402 -37.96 -22.35 13.45
N ASP C 403 -36.85 -22.11 12.75
CA ASP C 403 -35.55 -22.53 13.26
C ASP C 403 -34.89 -21.59 14.27
N TRP C 404 -35.62 -20.57 14.69
CA TRP C 404 -35.09 -19.65 15.67
C TRP C 404 -35.82 -19.85 16.99
N THR C 405 -35.13 -19.57 18.10
CA THR C 405 -35.73 -19.70 19.41
C THR C 405 -36.39 -18.36 19.66
N GLY C 406 -36.92 -18.18 20.86
CA GLY C 406 -37.51 -16.90 21.19
C GLY C 406 -36.32 -15.98 21.44
N PRO C 407 -36.55 -14.67 21.54
CA PRO C 407 -35.46 -13.71 21.78
C PRO C 407 -34.74 -13.83 23.10
N ILE C 408 -33.45 -13.47 23.09
CA ILE C 408 -32.66 -13.42 24.33
C ILE C 408 -32.09 -12.04 24.09
N GLY C 409 -32.91 -11.05 24.40
CA GLY C 409 -32.53 -9.69 24.15
C GLY C 409 -32.73 -9.46 22.67
N GLU C 410 -31.65 -9.17 21.97
CA GLU C 410 -31.69 -8.91 20.53
C GLU C 410 -31.46 -10.16 19.72
N ILE C 411 -30.92 -11.20 20.34
CA ILE C 411 -30.62 -12.41 19.58
C ILE C 411 -31.57 -13.60 19.76
N ARG C 412 -31.51 -14.50 18.78
CA ARG C 412 -32.29 -15.72 18.75
C ARG C 412 -31.34 -16.84 18.40
N ILE C 413 -31.37 -17.91 19.18
CA ILE C 413 -30.49 -19.02 18.93
C ILE C 413 -31.04 -19.84 17.77
N LEU C 414 -30.13 -20.37 16.95
CA LEU C 414 -30.50 -21.21 15.83
C LEU C 414 -30.65 -22.60 16.44
N LYS C 415 -31.90 -23.07 16.54
CA LYS C 415 -32.16 -24.39 17.11
C LYS C 415 -31.20 -25.40 16.48
N ASP C 416 -30.85 -26.44 17.24
CA ASP C 416 -29.94 -27.46 16.72
C ASP C 416 -30.67 -28.50 15.87
N THR C 417 -31.95 -28.27 15.59
CA THR C 417 -32.76 -29.18 14.78
C THR C 417 -32.89 -28.61 13.38
N THR C 418 -32.31 -27.43 13.16
CA THR C 418 -32.39 -26.78 11.86
C THR C 418 -31.76 -27.64 10.79
N SER C 419 -32.38 -27.67 9.63
CA SER C 419 -31.85 -28.43 8.52
C SER C 419 -31.12 -27.48 7.58
N SER C 420 -31.04 -26.21 7.98
CA SER C 420 -30.38 -25.17 7.19
C SER C 420 -28.86 -25.30 7.18
N ILE C 421 -28.26 -24.84 6.09
CA ILE C 421 -26.82 -24.89 5.93
C ILE C 421 -26.15 -24.02 7.02
N ALA C 422 -26.92 -23.09 7.58
CA ALA C 422 -26.43 -22.19 8.63
C ALA C 422 -25.93 -22.97 9.84
N ARG C 423 -26.44 -24.19 9.98
CA ARG C 423 -26.08 -25.11 11.05
C ARG C 423 -24.56 -25.11 11.21
N TYR C 424 -23.86 -25.27 10.09
CA TYR C 424 -22.41 -25.31 10.09
C TYR C 424 -21.72 -23.96 10.36
N LEU C 425 -22.28 -22.89 9.81
CA LEU C 425 -21.74 -21.55 10.02
C LEU C 425 -21.82 -21.20 11.51
N TYR C 426 -22.90 -21.63 12.15
CA TYR C 426 -23.11 -21.38 13.56
C TYR C 426 -22.13 -22.17 14.44
N ARG C 427 -21.84 -23.42 14.06
CA ARG C 427 -20.95 -24.25 14.85
C ARG C 427 -19.54 -23.67 14.90
N THR C 428 -19.05 -23.25 13.75
CA THR C 428 -17.72 -22.69 13.63
C THR C 428 -17.53 -21.43 14.45
N TRP C 429 -18.50 -20.52 14.42
CA TRP C 429 -18.38 -19.30 15.19
C TRP C 429 -18.56 -19.54 16.68
N TYR C 430 -19.37 -20.54 17.02
CA TYR C 430 -19.64 -20.89 18.40
C TYR C 430 -18.38 -21.46 19.03
N LEU C 431 -17.74 -22.37 18.29
CA LEU C 431 -16.52 -23.02 18.74
C LEU C 431 -15.41 -22.02 18.95
N ALA C 432 -15.14 -21.22 17.93
CA ALA C 432 -14.10 -20.22 17.99
C ALA C 432 -14.38 -19.23 19.14
N ALA C 433 -15.64 -18.79 19.23
CA ALA C 433 -16.05 -17.85 20.29
C ALA C 433 -15.76 -18.41 21.68
N ALA C 434 -16.10 -19.69 21.88
CA ALA C 434 -15.85 -20.33 23.15
C ALA C 434 -14.36 -20.43 23.48
N ARG C 435 -13.57 -20.94 22.54
CA ARG C 435 -12.13 -21.08 22.73
C ARG C 435 -11.41 -19.75 22.91
N MET C 436 -11.85 -18.74 22.19
CA MET C 436 -11.26 -17.42 22.31
C MET C 436 -11.54 -16.88 23.71
N ALA C 437 -12.80 -16.86 24.11
CA ALA C 437 -13.16 -16.36 25.44
C ALA C 437 -12.55 -17.21 26.53
N ALA C 438 -12.17 -18.43 26.18
CA ALA C 438 -11.58 -19.35 27.13
C ALA C 438 -10.14 -19.01 27.44
N GLN C 439 -9.44 -18.46 26.46
CA GLN C 439 -8.03 -18.10 26.66
C GLN C 439 -7.84 -17.13 27.80
N PRO C 440 -6.83 -17.39 28.66
CA PRO C 440 -6.54 -16.52 29.80
C PRO C 440 -6.13 -15.10 29.38
N ARG C 441 -5.40 -15.01 28.28
CA ARG C 441 -4.94 -13.71 27.78
C ARG C 441 -6.12 -12.77 27.65
N THR C 442 -7.17 -13.25 26.99
CA THR C 442 -8.38 -12.47 26.78
C THR C 442 -8.82 -11.66 27.98
N TRP C 443 -8.61 -12.20 29.17
CA TRP C 443 -9.01 -11.54 30.41
C TRP C 443 -7.92 -10.71 31.06
N ASP C 444 -6.81 -10.52 30.35
CA ASP C 444 -5.70 -9.74 30.87
C ASP C 444 -5.91 -8.25 30.58
N PRO C 445 -5.82 -7.40 31.61
CA PRO C 445 -6.01 -5.95 31.47
C PRO C 445 -5.23 -5.34 30.30
N LEU C 446 -4.02 -5.85 30.06
CA LEU C 446 -3.21 -5.33 28.96
C LEU C 446 -3.84 -5.58 27.61
N PHE C 447 -4.29 -6.82 27.43
CA PHE C 447 -4.93 -7.25 26.20
C PHE C 447 -6.16 -6.38 25.91
N GLN C 448 -6.95 -6.14 26.94
CA GLN C 448 -8.16 -5.33 26.79
C GLN C 448 -7.81 -3.88 26.57
N ALA C 449 -6.64 -3.48 27.01
CA ALA C 449 -6.18 -2.12 26.80
C ALA C 449 -5.82 -2.01 25.31
N ILE C 450 -5.06 -2.99 24.82
CA ILE C 450 -4.64 -3.03 23.42
C ILE C 450 -5.86 -2.96 22.52
N MET C 451 -6.87 -3.77 22.81
CA MET C 451 -8.08 -3.79 22.02
C MET C 451 -8.76 -2.42 22.06
N ARG C 452 -8.93 -1.89 23.26
CA ARG C 452 -9.56 -0.58 23.41
C ARG C 452 -8.76 0.49 22.67
N SER C 453 -7.45 0.26 22.53
CA SER C 453 -6.61 1.25 21.86
C SER C 453 -6.62 1.14 20.35
N GLN C 454 -6.88 -0.06 19.84
CA GLN C 454 -6.91 -0.31 18.41
C GLN C 454 -7.61 0.81 17.63
N TYR C 455 -8.81 1.15 18.05
CA TYR C 455 -9.58 2.17 17.36
C TYR C 455 -9.42 3.60 17.86
N VAL C 456 -8.41 3.82 18.71
CA VAL C 456 -8.14 5.17 19.23
C VAL C 456 -7.06 5.71 18.32
N THR C 457 -7.48 6.29 17.21
CA THR C 457 -6.55 6.79 16.22
C THR C 457 -6.80 8.24 15.82
N ALA C 458 -5.85 8.81 15.08
CA ALA C 458 -5.95 10.18 14.62
C ALA C 458 -6.79 10.23 13.35
N ARG C 459 -7.63 9.21 13.15
CA ARG C 459 -8.51 9.16 11.98
C ARG C 459 -9.92 9.41 12.48
N GLY C 460 -10.82 9.78 11.56
CA GLY C 460 -12.21 10.07 11.94
C GLY C 460 -13.07 8.95 12.52
N GLY C 461 -14.10 9.35 13.23
CA GLY C 461 -15.02 8.39 13.82
C GLY C 461 -16.41 8.98 13.86
N SER C 462 -16.77 9.74 12.82
CA SER C 462 -18.08 10.40 12.72
C SER C 462 -18.37 11.24 13.97
N GLY C 463 -17.33 11.93 14.46
CA GLY C 463 -17.41 12.75 15.65
C GLY C 463 -18.68 13.54 15.95
N ALA C 464 -19.09 14.37 15.00
CA ALA C 464 -20.29 15.18 15.16
C ALA C 464 -21.54 14.32 15.43
N ALA C 465 -21.77 13.32 14.58
CA ALA C 465 -22.93 12.45 14.74
C ALA C 465 -22.97 11.90 16.16
N LEU C 466 -21.85 11.38 16.65
CA LEU C 466 -21.80 10.83 18.00
C LEU C 466 -22.25 11.88 19.01
N ARG C 467 -21.64 13.05 18.93
CA ARG C 467 -21.96 14.14 19.84
C ARG C 467 -23.47 14.38 19.92
N GLU C 468 -24.13 14.45 18.76
CA GLU C 468 -25.56 14.69 18.74
C GLU C 468 -26.42 13.51 19.19
N SER C 469 -26.01 12.29 18.87
CA SER C 469 -26.79 11.13 19.31
C SER C 469 -26.74 11.12 20.84
N LEU C 470 -25.69 11.69 21.39
CA LEU C 470 -25.51 11.75 22.82
C LEU C 470 -26.34 12.89 23.41
N TYR C 471 -26.44 13.98 22.67
CA TYR C 471 -27.20 15.14 23.10
C TYR C 471 -28.69 14.80 23.16
N ALA C 472 -29.10 13.86 22.33
CA ALA C 472 -30.49 13.43 22.27
C ALA C 472 -30.95 12.84 23.60
N ILE C 473 -29.99 12.43 24.43
CA ILE C 473 -30.31 11.86 25.74
C ILE C 473 -29.71 12.75 26.82
N ASN C 474 -29.50 14.01 26.46
CA ASN C 474 -28.97 15.01 27.38
C ASN C 474 -27.68 14.57 28.07
N VAL C 475 -26.64 14.36 27.28
CA VAL C 475 -25.33 13.99 27.81
C VAL C 475 -24.30 14.68 26.93
N SER C 476 -23.81 15.82 27.40
CA SER C 476 -22.81 16.60 26.67
C SER C 476 -21.40 16.17 26.99
N LEU C 477 -20.57 16.14 25.97
CA LEU C 477 -19.18 15.73 26.11
C LEU C 477 -18.27 16.93 26.26
N PRO C 478 -17.15 16.77 26.99
CA PRO C 478 -16.22 17.87 27.18
C PRO C 478 -15.78 18.34 25.80
N ASP C 479 -15.66 19.64 25.62
CA ASP C 479 -15.24 20.18 24.33
C ASP C 479 -13.76 20.58 24.37
N PHE C 480 -13.15 20.48 25.56
CA PHE C 480 -11.74 20.84 25.73
C PHE C 480 -11.48 22.13 24.98
N LYS C 481 -12.29 23.15 25.23
CA LYS C 481 -12.13 24.41 24.54
C LYS C 481 -10.73 24.99 24.70
N GLY C 482 -10.05 25.20 23.59
CA GLY C 482 -8.71 25.77 23.64
C GLY C 482 -7.56 24.86 23.26
N LEU C 483 -7.83 23.59 22.95
CA LEU C 483 -6.74 22.68 22.58
C LEU C 483 -6.43 22.66 21.09
N PRO C 484 -5.13 22.74 20.74
CA PRO C 484 -4.58 22.75 19.37
C PRO C 484 -4.67 21.45 18.56
N VAL C 485 -5.50 20.52 19.02
CA VAL C 485 -5.66 19.24 18.34
C VAL C 485 -6.90 19.24 17.45
N LYS C 486 -6.94 18.32 16.49
CA LYS C 486 -8.09 18.20 15.59
C LYS C 486 -9.23 17.46 16.29
N ALA C 487 -10.39 18.11 16.38
CA ALA C 487 -11.53 17.50 17.05
C ALA C 487 -12.17 16.29 16.36
N ALA C 488 -12.03 16.17 15.05
CA ALA C 488 -12.62 15.03 14.34
C ALA C 488 -11.69 13.82 14.30
N THR C 489 -11.26 13.38 15.47
CA THR C 489 -10.41 12.21 15.59
C THR C 489 -11.01 11.35 16.70
N LYS C 490 -10.83 10.04 16.58
CA LYS C 490 -11.33 9.13 17.60
C LYS C 490 -10.48 9.32 18.85
N ILE C 491 -9.35 9.99 18.69
CA ILE C 491 -8.47 10.29 19.80
C ILE C 491 -9.19 11.39 20.61
N PHE C 492 -9.83 12.31 19.91
CA PHE C 492 -10.59 13.37 20.59
C PHE C 492 -11.80 12.71 21.23
N GLN C 493 -12.45 11.82 20.49
CA GLN C 493 -13.61 11.10 21.00
C GLN C 493 -13.26 10.35 22.28
N ALA C 494 -12.14 9.66 22.25
CA ALA C 494 -11.70 8.88 23.38
C ALA C 494 -11.66 9.74 24.63
N ALA C 495 -11.07 10.93 24.50
CA ALA C 495 -10.97 11.83 25.63
C ALA C 495 -12.32 12.33 26.12
N GLN C 496 -13.26 12.52 25.21
CA GLN C 496 -14.58 13.00 25.65
C GLN C 496 -15.32 11.91 26.42
N LEU C 497 -15.16 10.67 25.99
CA LEU C 497 -15.82 9.53 26.58
C LEU C 497 -15.06 8.91 27.75
N ALA C 498 -13.81 9.31 27.94
CA ALA C 498 -12.97 8.76 28.99
C ALA C 498 -13.61 8.53 30.35
N ASN C 499 -14.42 9.46 30.80
CA ASN C 499 -15.02 9.32 32.13
C ASN C 499 -16.53 9.19 32.14
N LEU C 500 -17.06 8.38 31.24
CA LEU C 500 -18.49 8.16 31.15
C LEU C 500 -18.84 6.68 31.14
N PRO C 501 -19.77 6.26 32.01
CA PRO C 501 -20.19 4.85 32.09
C PRO C 501 -20.80 4.37 30.77
N PHE C 502 -20.50 3.12 30.40
CA PHE C 502 -21.03 2.55 29.17
C PHE C 502 -22.51 2.87 29.00
N SER C 503 -23.26 2.80 30.10
CA SER C 503 -24.71 3.08 30.06
C SER C 503 -25.05 4.46 29.47
N HIS C 504 -24.15 5.42 29.66
CA HIS C 504 -24.35 6.79 29.17
C HIS C 504 -23.93 7.02 27.72
N THR C 505 -23.16 6.10 27.16
CA THR C 505 -22.69 6.30 25.79
C THR C 505 -23.27 5.24 24.85
N SER C 506 -24.03 4.32 25.41
CA SER C 506 -24.61 3.24 24.64
C SER C 506 -25.33 3.70 23.39
N VAL C 507 -26.22 4.68 23.54
CA VAL C 507 -27.01 5.19 22.42
C VAL C 507 -26.17 5.53 21.21
N ALA C 508 -24.92 5.94 21.45
CA ALA C 508 -24.02 6.31 20.38
C ALA C 508 -23.77 5.15 19.43
N ILE C 509 -24.00 3.94 19.92
CA ILE C 509 -23.79 2.76 19.09
C ILE C 509 -24.75 2.76 17.89
N LEU C 510 -25.81 3.55 17.99
CA LEU C 510 -26.78 3.65 16.91
C LEU C 510 -26.75 5.03 16.24
N ALA C 511 -25.71 5.81 16.53
CA ALA C 511 -25.61 7.14 15.94
C ALA C 511 -25.41 7.00 14.45
N ASP C 512 -25.50 8.11 13.72
CA ASP C 512 -25.32 8.06 12.27
C ASP C 512 -23.87 7.81 11.93
N THR C 513 -23.62 7.51 10.67
CA THR C 513 -22.29 7.25 10.15
C THR C 513 -22.00 8.36 9.15
N SER C 514 -20.79 8.90 9.17
CA SER C 514 -20.43 9.96 8.22
C SER C 514 -20.00 9.37 6.89
N MET C 515 -19.87 10.22 5.88
CA MET C 515 -19.45 9.73 4.59
C MET C 515 -17.94 9.73 4.46
N GLY C 516 -17.40 8.69 3.85
CA GLY C 516 -15.97 8.55 3.63
C GLY C 516 -15.84 7.87 2.29
N LEU C 517 -15.02 8.39 1.39
CA LEU C 517 -14.89 7.79 0.06
C LEU C 517 -13.52 7.39 -0.37
N ARG C 518 -13.46 6.51 -1.37
CA ARG C 518 -12.20 6.02 -1.90
C ARG C 518 -12.19 5.65 -3.38
N ASN C 519 -11.33 6.33 -4.13
CA ASN C 519 -11.17 6.07 -5.55
C ASN C 519 -10.03 5.08 -5.77
N GLN C 520 -10.22 4.17 -6.73
CA GLN C 520 -9.23 3.14 -7.03
C GLN C 520 -8.97 3.12 -8.52
N VAL C 521 -7.81 2.59 -8.89
CA VAL C 521 -7.49 2.49 -10.29
C VAL C 521 -8.29 1.30 -10.83
N GLN C 522 -8.80 1.44 -12.06
CA GLN C 522 -9.56 0.37 -12.70
C GLN C 522 -10.75 -0.20 -11.92
N ARG C 523 -11.25 0.52 -10.92
CA ARG C 523 -12.40 0.05 -10.14
C ARG C 523 -13.34 1.20 -9.81
N ARG C 524 -14.58 0.89 -9.42
CA ARG C 524 -15.52 1.94 -9.08
C ARG C 524 -15.19 2.51 -7.70
N PRO C 525 -15.63 3.74 -7.41
CA PRO C 525 -15.34 4.32 -6.09
C PRO C 525 -16.09 3.57 -5.03
N ARG C 526 -15.50 3.40 -3.86
CA ARG C 526 -16.17 2.71 -2.78
C ARG C 526 -16.43 3.62 -1.58
N SER C 527 -17.63 3.48 -1.01
CA SER C 527 -17.99 4.27 0.17
C SER C 527 -17.41 3.59 1.41
N ILE C 528 -17.13 4.38 2.43
CA ILE C 528 -16.55 3.83 3.65
C ILE C 528 -17.30 4.31 4.88
N MET C 529 -17.29 3.50 5.94
CA MET C 529 -18.00 3.86 7.15
C MET C 529 -17.09 4.10 8.35
N PRO C 530 -16.93 5.37 8.76
CA PRO C 530 -16.07 5.72 9.89
C PRO C 530 -16.81 5.50 11.21
N LEU C 531 -16.85 4.27 11.68
CA LEU C 531 -17.54 3.94 12.93
C LEU C 531 -16.95 4.76 14.09
N ASN C 532 -17.76 5.03 15.12
CA ASN C 532 -17.29 5.81 16.28
C ASN C 532 -16.80 4.88 17.41
N VAL C 533 -15.98 5.42 18.31
CA VAL C 533 -15.43 4.63 19.40
C VAL C 533 -16.38 3.60 20.05
N PRO C 534 -17.60 4.00 20.45
CA PRO C 534 -18.49 2.99 21.06
C PRO C 534 -18.85 1.87 20.09
N GLN C 535 -19.10 2.23 18.83
CA GLN C 535 -19.42 1.29 17.78
C GLN C 535 -18.25 0.33 17.59
N GLN C 536 -17.02 0.86 17.63
CA GLN C 536 -15.85 0.01 17.46
C GLN C 536 -15.62 -0.88 18.67
N GLN C 537 -15.91 -0.34 19.86
CA GLN C 537 -15.72 -1.07 21.10
C GLN C 537 -16.62 -2.29 21.10
N VAL C 538 -17.91 -2.03 20.95
CA VAL C 538 -18.92 -3.06 20.97
C VAL C 538 -18.73 -4.13 19.91
N SER C 539 -17.87 -3.87 18.93
CA SER C 539 -17.61 -4.82 17.84
C SER C 539 -16.49 -5.81 18.15
N ALA C 540 -15.81 -5.60 19.28
CA ALA C 540 -14.68 -6.44 19.66
C ALA C 540 -14.97 -7.92 19.53
N PRO C 541 -16.03 -8.39 20.21
CA PRO C 541 -16.41 -9.82 20.18
C PRO C 541 -16.40 -10.40 18.77
N HIS C 542 -16.94 -9.65 17.83
CA HIS C 542 -17.00 -10.07 16.44
C HIS C 542 -15.57 -10.19 15.91
N THR C 543 -14.78 -9.14 16.08
CA THR C 543 -13.40 -9.15 15.59
C THR C 543 -12.54 -10.29 16.16
N LEU C 544 -12.59 -10.45 17.48
CA LEU C 544 -11.82 -11.47 18.21
C LEU C 544 -12.10 -12.88 17.78
N THR C 545 -13.38 -13.20 17.64
CA THR C 545 -13.77 -14.55 17.24
C THR C 545 -13.32 -14.80 15.80
N ALA C 546 -13.43 -13.77 14.95
CA ALA C 546 -13.00 -13.88 13.56
C ALA C 546 -11.51 -14.13 13.53
N ASP C 547 -10.77 -13.42 14.38
CA ASP C 547 -9.32 -13.58 14.45
C ASP C 547 -8.98 -15.00 14.86
N TYR C 548 -9.69 -15.52 15.86
CA TYR C 548 -9.45 -16.88 16.34
C TYR C 548 -9.63 -17.89 15.21
N ILE C 549 -10.62 -17.65 14.37
CA ILE C 549 -10.86 -18.55 13.26
C ILE C 549 -9.67 -18.52 12.30
N ASN C 550 -9.30 -17.31 11.88
CA ASN C 550 -8.20 -17.13 10.95
C ASN C 550 -6.82 -17.61 11.44
N TYR C 551 -6.62 -17.62 12.75
CA TYR C 551 -5.33 -18.05 13.28
C TYR C 551 -5.29 -19.54 13.61
N HIS C 552 -6.44 -20.11 13.96
CA HIS C 552 -6.50 -21.51 14.35
C HIS C 552 -7.28 -22.50 13.46
N MET C 553 -8.24 -22.00 12.68
CA MET C 553 -9.06 -22.92 11.89
C MET C 553 -8.91 -22.91 10.37
N ASN C 554 -8.31 -21.87 9.81
CA ASN C 554 -8.13 -21.82 8.36
C ASN C 554 -6.73 -21.47 7.92
N LEU C 555 -6.57 -21.33 6.61
CA LEU C 555 -5.29 -20.99 5.99
C LEU C 555 -5.52 -19.62 5.37
N SER C 556 -5.16 -18.56 6.08
CA SER C 556 -5.38 -17.21 5.58
C SER C 556 -4.18 -16.27 5.77
N PRO C 557 -4.14 -15.19 4.97
CA PRO C 557 -3.06 -14.21 5.08
C PRO C 557 -3.63 -12.90 5.59
N THR C 558 -3.01 -12.33 6.61
CA THR C 558 -3.49 -11.06 7.12
C THR C 558 -2.57 -9.96 6.64
N SER C 559 -3.19 -8.97 6.04
CA SER C 559 -2.50 -7.82 5.50
C SER C 559 -3.53 -7.14 4.64
N GLY C 560 -3.10 -6.10 3.94
CA GLY C 560 -4.00 -5.42 3.02
C GLY C 560 -3.41 -5.94 1.73
N SER C 561 -2.08 -5.80 1.65
CA SER C 561 -1.31 -6.22 0.50
C SER C 561 0.17 -5.82 0.60
N ALA C 562 0.66 -5.11 -0.41
CA ALA C 562 2.06 -4.66 -0.50
C ALA C 562 2.94 -5.84 -0.93
N VAL C 563 3.40 -5.82 -2.18
CA VAL C 563 4.24 -6.89 -2.75
C VAL C 563 5.11 -7.68 -1.77
N ILE C 564 5.34 -8.94 -2.11
CA ILE C 564 6.11 -9.94 -1.34
C ILE C 564 5.32 -10.39 -0.12
N GLU C 565 4.68 -9.45 0.57
CA GLU C 565 3.87 -9.81 1.71
C GLU C 565 2.44 -9.90 1.23
N LYS C 566 2.34 -10.27 -0.03
CA LYS C 566 1.10 -10.51 -0.74
C LYS C 566 1.40 -11.96 -1.09
N VAL C 567 2.37 -12.49 -0.33
CA VAL C 567 2.88 -13.86 -0.44
C VAL C 567 3.16 -14.31 -1.86
N ILE C 568 4.18 -13.72 -2.46
CA ILE C 568 4.56 -14.06 -3.83
C ILE C 568 4.82 -15.56 -3.97
N PRO C 569 5.52 -16.17 -3.01
CA PRO C 569 5.82 -17.61 -3.09
C PRO C 569 4.61 -18.52 -3.34
N LEU C 570 3.50 -18.26 -2.66
CA LEU C 570 2.29 -19.05 -2.81
C LEU C 570 1.80 -19.03 -4.26
N GLY C 571 1.90 -17.84 -4.86
CA GLY C 571 1.48 -17.69 -6.24
C GLY C 571 2.34 -18.49 -7.21
N VAL C 572 3.65 -18.52 -6.98
CA VAL C 572 4.54 -19.27 -7.84
C VAL C 572 4.14 -20.74 -7.77
N TYR C 573 4.03 -21.26 -6.55
CA TYR C 573 3.66 -22.66 -6.31
C TYR C 573 2.35 -23.07 -6.97
N ALA C 574 1.27 -22.36 -6.65
CA ALA C 574 -0.04 -22.67 -7.17
C ALA C 574 -0.14 -22.65 -8.68
N SER C 575 0.54 -21.70 -9.31
CA SER C 575 0.49 -21.55 -10.75
C SER C 575 1.46 -22.45 -11.51
N SER C 576 2.29 -23.21 -10.81
CA SER C 576 3.26 -24.09 -11.47
C SER C 576 2.82 -25.52 -11.75
N PRO C 577 2.81 -25.90 -13.03
CA PRO C 577 2.42 -27.27 -13.37
C PRO C 577 3.31 -28.25 -12.56
N PRO C 578 2.75 -29.38 -12.13
CA PRO C 578 1.39 -29.90 -12.31
C PRO C 578 0.33 -29.27 -11.40
N ASN C 579 0.67 -28.18 -10.71
CA ASN C 579 -0.31 -27.55 -9.83
C ASN C 579 -1.25 -26.63 -10.59
N GLN C 580 -2.46 -26.51 -10.09
CA GLN C 580 -3.48 -25.66 -10.70
C GLN C 580 -4.23 -24.88 -9.64
N SER C 581 -4.81 -23.75 -10.04
CA SER C 581 -5.54 -22.93 -9.09
C SER C 581 -6.77 -22.29 -9.69
N ILE C 582 -7.81 -22.19 -8.85
CA ILE C 582 -9.06 -21.56 -9.25
C ILE C 582 -9.06 -20.27 -8.43
N ASN C 583 -9.24 -19.14 -9.08
CA ASN C 583 -9.24 -17.88 -8.36
C ASN C 583 -10.65 -17.55 -7.97
N ILE C 584 -10.93 -17.69 -6.69
CA ILE C 584 -12.25 -17.41 -6.19
C ILE C 584 -12.34 -16.01 -5.62
N ASP C 585 -13.50 -15.40 -5.84
CA ASP C 585 -13.78 -14.06 -5.37
C ASP C 585 -15.28 -14.04 -5.13
N ILE C 586 -15.74 -13.15 -4.26
CA ILE C 586 -17.16 -13.03 -3.96
C ILE C 586 -17.56 -11.61 -4.25
N SER C 587 -18.43 -11.41 -5.24
CA SER C 587 -18.83 -10.05 -5.57
C SER C 587 -19.88 -9.46 -4.63
N ALA C 588 -19.67 -8.20 -4.29
CA ALA C 588 -20.55 -7.47 -3.40
C ALA C 588 -20.48 -8.07 -2.00
N CYS C 589 -19.29 -8.49 -1.59
CA CYS C 589 -19.13 -9.10 -0.29
C CYS C 589 -19.85 -8.34 0.83
N ASP C 590 -19.50 -7.06 1.00
CA ASP C 590 -20.10 -6.23 2.05
C ASP C 590 -21.63 -6.23 2.03
N ALA C 591 -22.23 -6.15 0.85
CA ALA C 591 -23.68 -6.17 0.75
C ALA C 591 -24.23 -7.57 0.99
N SER C 592 -23.34 -8.57 0.97
CA SER C 592 -23.73 -9.97 1.16
C SER C 592 -23.70 -10.45 2.61
N ILE C 593 -23.09 -9.66 3.49
CA ILE C 593 -23.04 -10.04 4.90
C ILE C 593 -24.09 -9.20 5.59
N THR C 594 -25.29 -9.76 5.67
CA THR C 594 -26.40 -9.07 6.29
C THR C 594 -26.95 -9.88 7.43
N TRP C 595 -27.94 -9.33 8.12
CA TRP C 595 -28.54 -9.99 9.27
C TRP C 595 -29.25 -11.30 8.90
N ASP C 596 -30.07 -11.23 7.86
CA ASP C 596 -30.84 -12.36 7.36
C ASP C 596 -30.22 -13.75 7.37
N PHE C 597 -28.96 -13.87 7.00
CA PHE C 597 -28.33 -15.18 7.01
C PHE C 597 -27.12 -15.26 7.93
N PHE C 598 -26.13 -14.42 7.66
CA PHE C 598 -24.88 -14.41 8.43
C PHE C 598 -24.90 -13.75 9.82
N LEU C 599 -24.98 -12.43 9.84
CA LEU C 599 -24.95 -11.68 11.09
C LEU C 599 -25.86 -12.17 12.22
N SER C 600 -27.08 -12.57 11.89
CA SER C 600 -28.01 -13.04 12.92
C SER C 600 -27.49 -14.34 13.50
N VAL C 601 -26.90 -15.16 12.63
CA VAL C 601 -26.33 -16.42 13.07
C VAL C 601 -25.05 -16.15 13.82
N ILE C 602 -24.11 -15.43 13.20
CA ILE C 602 -22.84 -15.14 13.85
C ILE C 602 -23.05 -14.50 15.23
N MET C 603 -23.92 -13.50 15.30
CA MET C 603 -24.18 -12.85 16.58
C MET C 603 -24.61 -13.86 17.66
N ALA C 604 -25.50 -14.78 17.29
CA ALA C 604 -25.98 -15.77 18.22
C ALA C 604 -24.89 -16.74 18.67
N ALA C 605 -24.15 -17.28 17.72
CA ALA C 605 -23.08 -18.23 18.03
C ALA C 605 -22.04 -17.67 18.98
N ILE C 606 -21.68 -16.40 18.79
CA ILE C 606 -20.69 -15.75 19.65
C ILE C 606 -21.30 -15.57 21.04
N HIS C 607 -22.46 -14.94 21.08
CA HIS C 607 -23.17 -14.70 22.32
C HIS C 607 -23.31 -15.97 23.15
N GLU C 608 -23.58 -17.10 22.50
CA GLU C 608 -23.75 -18.34 23.24
C GLU C 608 -22.45 -19.05 23.60
N GLY C 609 -21.55 -19.20 22.64
CA GLY C 609 -20.28 -19.87 22.91
C GLY C 609 -19.36 -19.12 23.88
N VAL C 610 -19.63 -17.84 24.07
CA VAL C 610 -18.82 -17.01 24.94
C VAL C 610 -19.31 -16.97 26.39
N ALA C 611 -20.54 -17.44 26.58
CA ALA C 611 -21.22 -17.44 27.87
C ALA C 611 -20.47 -18.03 29.08
N SER C 612 -20.14 -19.31 29.05
CA SER C 612 -19.47 -19.94 30.17
C SER C 612 -18.15 -19.35 30.64
N SER C 613 -17.32 -18.85 29.73
CA SER C 613 -16.03 -18.30 30.11
C SER C 613 -16.00 -16.80 30.44
N SER C 614 -16.94 -16.03 29.92
CA SER C 614 -16.98 -14.60 30.17
C SER C 614 -17.93 -14.26 31.32
N ILE C 615 -18.67 -15.28 31.75
CA ILE C 615 -19.65 -15.13 32.82
C ILE C 615 -19.21 -14.24 33.96
N GLY C 616 -20.18 -13.49 34.49
CA GLY C 616 -19.93 -12.58 35.60
C GLY C 616 -18.67 -11.75 35.50
N LYS C 617 -18.51 -11.04 34.38
CA LYS C 617 -17.33 -10.21 34.16
C LYS C 617 -17.55 -9.14 33.09
N PRO C 618 -16.93 -7.97 33.28
CA PRO C 618 -17.07 -6.91 32.30
C PRO C 618 -16.02 -7.19 31.22
N PHE C 619 -16.07 -6.47 30.11
CA PHE C 619 -15.07 -6.67 29.07
C PHE C 619 -14.81 -5.34 28.39
N MET C 620 -13.54 -4.96 28.31
CA MET C 620 -13.14 -3.72 27.66
C MET C 620 -13.93 -2.47 28.08
N GLY C 621 -14.34 -2.42 29.34
CA GLY C 621 -15.10 -1.28 29.83
C GLY C 621 -16.60 -1.48 29.85
N VAL C 622 -17.08 -2.50 29.12
CA VAL C 622 -18.50 -2.78 29.06
C VAL C 622 -19.00 -3.66 30.23
N PRO C 623 -19.99 -3.16 30.99
CA PRO C 623 -20.50 -3.95 32.10
C PRO C 623 -21.37 -5.12 31.70
N ALA C 624 -21.58 -6.02 32.65
CA ALA C 624 -22.43 -7.18 32.46
C ALA C 624 -23.82 -6.62 32.68
N SER C 625 -24.85 -7.36 32.32
CA SER C 625 -26.20 -6.84 32.56
C SER C 625 -27.23 -7.95 32.57
N ILE C 626 -28.49 -7.57 32.34
CA ILE C 626 -29.61 -8.50 32.32
C ILE C 626 -30.42 -8.19 31.09
N VAL C 627 -30.93 -9.23 30.45
CA VAL C 627 -31.73 -9.05 29.24
C VAL C 627 -32.91 -10.01 29.29
N ASN C 628 -33.99 -9.67 28.59
CA ASN C 628 -35.18 -10.51 28.56
C ASN C 628 -34.83 -11.84 27.90
N ASP C 629 -35.42 -12.92 28.41
CA ASP C 629 -35.16 -14.25 27.87
C ASP C 629 -36.44 -14.96 27.46
N GLU C 630 -36.57 -15.21 26.16
CA GLU C 630 -37.73 -15.87 25.62
C GLU C 630 -37.35 -17.04 24.74
N SER C 631 -36.27 -17.72 25.09
CA SER C 631 -35.82 -18.86 24.31
C SER C 631 -36.93 -19.90 24.29
N VAL C 632 -37.21 -20.42 25.48
CA VAL C 632 -38.22 -21.44 25.68
C VAL C 632 -39.63 -20.92 25.53
N VAL C 633 -40.50 -21.77 25.00
CA VAL C 633 -41.89 -21.41 24.82
C VAL C 633 -42.56 -21.24 26.19
N GLY C 634 -43.25 -20.12 26.38
CA GLY C 634 -43.88 -19.85 27.65
C GLY C 634 -42.91 -19.23 28.64
N VAL C 635 -41.97 -20.05 29.10
CA VAL C 635 -40.95 -19.61 30.07
C VAL C 635 -40.28 -18.30 29.65
N ARG C 636 -40.63 -17.22 30.34
CA ARG C 636 -40.05 -15.92 30.06
C ARG C 636 -39.41 -15.35 31.33
N ALA C 637 -38.08 -15.32 31.37
CA ALA C 637 -37.35 -14.83 32.52
C ALA C 637 -36.30 -13.78 32.17
N ALA C 638 -35.49 -13.44 33.16
CA ALA C 638 -34.42 -12.46 32.99
C ALA C 638 -33.13 -13.26 32.98
N ARG C 639 -32.20 -12.87 32.11
CA ARG C 639 -30.95 -13.60 32.04
C ARG C 639 -29.70 -12.77 32.26
N PRO C 640 -28.90 -13.18 33.25
CA PRO C 640 -27.65 -12.46 33.56
C PRO C 640 -26.63 -12.71 32.44
N ILE C 641 -26.32 -11.69 31.67
CA ILE C 641 -25.35 -11.85 30.59
C ILE C 641 -24.06 -11.08 30.89
N SER C 642 -22.93 -11.59 30.40
CA SER C 642 -21.64 -10.94 30.65
C SER C 642 -21.46 -9.66 29.86
N GLY C 643 -20.42 -8.91 30.20
CA GLY C 643 -20.17 -7.66 29.49
C GLY C 643 -19.88 -7.95 28.03
N MET C 644 -19.13 -9.01 27.79
CA MET C 644 -18.81 -9.41 26.43
C MET C 644 -20.10 -9.67 25.66
N GLN C 645 -21.06 -10.29 26.33
CA GLN C 645 -22.34 -10.61 25.73
C GLN C 645 -23.14 -9.34 25.58
N ASN C 646 -22.94 -8.43 26.53
CA ASN C 646 -23.66 -7.16 26.49
C ASN C 646 -23.26 -6.48 25.18
N MET C 647 -21.98 -6.65 24.81
CA MET C 647 -21.45 -6.08 23.57
C MET C 647 -22.23 -6.62 22.38
N ILE C 648 -22.21 -7.94 22.20
CA ILE C 648 -22.93 -8.59 21.10
C ILE C 648 -24.39 -8.15 21.11
N GLN C 649 -24.92 -7.97 22.32
CA GLN C 649 -26.30 -7.55 22.52
C GLN C 649 -26.50 -6.18 21.85
N HIS C 650 -25.61 -5.22 22.11
CA HIS C 650 -25.71 -3.90 21.49
C HIS C 650 -25.33 -3.89 20.01
N LEU C 651 -24.32 -4.66 19.66
CA LEU C 651 -23.87 -4.74 18.27
C LEU C 651 -24.98 -5.36 17.41
N SER C 652 -25.70 -6.32 17.99
CA SER C 652 -26.78 -7.01 17.30
C SER C 652 -27.89 -6.04 16.98
N LYS C 653 -28.05 -5.04 17.84
CA LYS C 653 -29.09 -4.05 17.64
C LYS C 653 -28.77 -3.22 16.40
N LEU C 654 -27.51 -2.81 16.26
CA LEU C 654 -27.11 -2.01 15.10
C LEU C 654 -27.14 -2.83 13.81
N TYR C 655 -26.52 -4.00 13.82
CA TYR C 655 -26.52 -4.85 12.64
C TYR C 655 -27.95 -5.08 12.18
N LYS C 656 -28.87 -5.24 13.13
CA LYS C 656 -30.28 -5.46 12.78
C LYS C 656 -30.93 -4.27 12.09
N ARG C 657 -30.82 -3.10 12.71
CA ARG C 657 -31.41 -1.88 12.17
C ARG C 657 -30.80 -1.45 10.84
N GLY C 658 -29.47 -1.46 10.80
CA GLY C 658 -28.79 -1.05 9.59
C GLY C 658 -27.96 0.17 9.95
N PHE C 659 -27.28 0.73 8.97
CA PHE C 659 -26.45 1.90 9.22
C PHE C 659 -27.03 3.16 8.59
N SER C 660 -27.04 4.24 9.36
CA SER C 660 -27.56 5.51 8.87
C SER C 660 -26.41 6.30 8.30
N TYR C 661 -26.22 6.17 6.99
CA TYR C 661 -25.13 6.83 6.31
C TYR C 661 -25.53 8.25 5.96
N ARG C 662 -24.85 9.21 6.60
CA ARG C 662 -25.10 10.62 6.36
C ARG C 662 -24.26 11.06 5.16
N VAL C 663 -24.93 11.40 4.07
CA VAL C 663 -24.26 11.80 2.84
C VAL C 663 -24.31 13.30 2.52
N ASN C 664 -23.16 13.97 2.65
CA ASN C 664 -23.04 15.39 2.33
C ASN C 664 -22.13 15.50 1.10
N ASP C 665 -22.76 15.38 -0.06
CA ASP C 665 -22.10 15.41 -1.36
C ASP C 665 -21.66 16.83 -1.70
N SER C 666 -20.41 17.15 -1.45
CA SER C 666 -19.91 18.50 -1.72
C SER C 666 -19.76 18.78 -3.22
N PHE C 667 -19.80 17.74 -4.03
CA PHE C 667 -19.68 17.90 -5.46
C PHE C 667 -21.03 18.21 -6.09
N SER C 668 -22.10 17.79 -5.41
CA SER C 668 -23.47 17.99 -5.90
C SER C 668 -24.25 18.94 -4.98
N PRO C 669 -24.27 20.23 -5.31
CA PRO C 669 -24.97 21.24 -4.51
C PRO C 669 -26.39 20.83 -4.14
N GLY C 670 -26.66 20.79 -2.83
CA GLY C 670 -28.00 20.43 -2.38
C GLY C 670 -28.25 18.95 -2.16
N ASN C 671 -27.25 18.10 -2.34
CA ASN C 671 -27.45 16.68 -2.12
C ASN C 671 -27.06 16.26 -0.72
N ASP C 672 -27.89 16.63 0.24
CA ASP C 672 -27.67 16.29 1.63
C ASP C 672 -28.79 15.32 2.00
N PHE C 673 -28.44 14.12 2.41
CA PHE C 673 -29.44 13.13 2.77
C PHE C 673 -28.82 12.00 3.58
N THR C 674 -29.66 11.34 4.37
CA THR C 674 -29.24 10.22 5.19
C THR C 674 -29.83 9.00 4.50
N HIS C 675 -28.97 8.03 4.24
CA HIS C 675 -29.38 6.84 3.54
C HIS C 675 -29.21 5.63 4.42
N MET C 676 -30.31 4.97 4.75
CA MET C 676 -30.24 3.78 5.60
C MET C 676 -29.80 2.61 4.71
N THR C 677 -28.90 1.78 5.22
CA THR C 677 -28.43 0.65 4.43
C THR C 677 -28.09 -0.54 5.31
N THR C 678 -28.29 -1.73 4.75
CA THR C 678 -28.00 -2.97 5.47
C THR C 678 -26.67 -3.59 5.01
N THR C 679 -25.94 -2.89 4.15
CA THR C 679 -24.66 -3.38 3.68
C THR C 679 -23.72 -3.32 4.85
N PHE C 680 -22.78 -4.26 4.91
CA PHE C 680 -21.82 -4.32 6.00
C PHE C 680 -20.84 -3.13 5.99
N PRO C 681 -20.29 -2.77 7.17
CA PRO C 681 -19.35 -1.65 7.28
C PRO C 681 -17.93 -2.02 6.87
N SER C 682 -17.21 -1.06 6.31
CA SER C 682 -15.82 -1.26 5.92
C SER C 682 -14.91 -0.70 7.02
N GLY C 683 -15.33 0.40 7.61
CA GLY C 683 -14.52 0.99 8.67
C GLY C 683 -14.49 0.21 9.98
N SER C 684 -15.15 -0.95 10.01
CA SER C 684 -15.18 -1.77 11.22
C SER C 684 -13.88 -2.53 11.43
N THR C 685 -13.54 -2.79 12.68
CA THR C 685 -12.33 -3.55 12.96
C THR C 685 -12.60 -5.03 12.67
N ALA C 686 -13.88 -5.36 12.48
CA ALA C 686 -14.29 -6.73 12.19
C ALA C 686 -14.22 -7.06 10.70
N THR C 687 -14.68 -6.11 9.89
CA THR C 687 -14.74 -6.23 8.42
C THR C 687 -13.83 -7.28 7.76
N SER C 688 -12.57 -6.91 7.58
CA SER C 688 -11.59 -7.77 6.93
C SER C 688 -11.54 -9.18 7.50
N THR C 689 -11.22 -9.27 8.79
CA THR C 689 -11.10 -10.56 9.46
C THR C 689 -12.42 -11.36 9.44
N GLU C 690 -13.53 -10.64 9.50
CA GLU C 690 -14.86 -11.23 9.51
C GLU C 690 -15.14 -11.94 8.19
N HIS C 691 -14.87 -11.25 7.10
CA HIS C 691 -15.10 -11.83 5.80
C HIS C 691 -14.14 -12.97 5.52
N THR C 692 -12.90 -12.82 5.96
CA THR C 692 -11.92 -13.88 5.74
C THR C 692 -12.44 -15.14 6.41
N ALA C 693 -13.04 -14.95 7.59
CA ALA C 693 -13.57 -16.06 8.37
C ALA C 693 -14.77 -16.76 7.76
N ASN C 694 -15.74 -16.01 7.25
CA ASN C 694 -16.90 -16.66 6.65
C ASN C 694 -16.46 -17.37 5.37
N ASN C 695 -15.57 -16.72 4.63
CA ASN C 695 -15.07 -17.29 3.40
C ASN C 695 -14.66 -18.74 3.65
N SER C 696 -13.62 -18.94 4.45
CA SER C 696 -13.12 -20.27 4.75
C SER C 696 -14.19 -21.19 5.33
N THR C 697 -15.04 -20.64 6.20
CA THR C 697 -16.09 -21.43 6.82
C THR C 697 -17.06 -21.98 5.78
N MET C 698 -17.53 -21.16 4.87
CA MET C 698 -18.44 -21.65 3.85
C MET C 698 -17.75 -22.67 2.95
N MET C 699 -16.53 -22.35 2.52
CA MET C 699 -15.75 -23.23 1.63
C MET C 699 -15.53 -24.58 2.29
N GLU C 700 -15.37 -24.54 3.60
CA GLU C 700 -15.16 -25.76 4.38
C GLU C 700 -16.47 -26.56 4.36
N THR C 701 -17.58 -25.86 4.55
CA THR C 701 -18.91 -26.47 4.58
C THR C 701 -19.25 -27.12 3.24
N PHE C 702 -18.81 -26.49 2.16
CA PHE C 702 -19.05 -27.00 0.82
C PHE C 702 -18.29 -28.31 0.62
N LEU C 703 -16.96 -28.22 0.74
CA LEU C 703 -16.08 -29.36 0.56
C LEU C 703 -16.35 -30.55 1.46
N THR C 704 -16.94 -30.28 2.61
CA THR C 704 -17.24 -31.32 3.58
C THR C 704 -18.67 -31.85 3.54
N VAL C 705 -19.63 -30.95 3.37
CA VAL C 705 -21.03 -31.33 3.38
C VAL C 705 -21.75 -31.16 2.07
N TRP C 706 -22.11 -29.92 1.77
CA TRP C 706 -22.85 -29.60 0.56
C TRP C 706 -22.35 -30.31 -0.68
N GLY C 707 -21.16 -29.97 -1.14
CA GLY C 707 -20.60 -30.60 -2.33
C GLY C 707 -20.91 -32.07 -2.41
N PRO C 708 -20.33 -32.90 -1.53
CA PRO C 708 -20.56 -34.35 -1.50
C PRO C 708 -22.03 -34.74 -1.61
N GLU C 709 -22.89 -34.00 -0.91
CA GLU C 709 -24.31 -34.29 -0.91
C GLU C 709 -25.03 -33.94 -2.21
N HIS C 710 -24.36 -33.19 -3.10
CA HIS C 710 -25.03 -32.78 -4.32
C HIS C 710 -24.47 -33.36 -5.59
N THR C 711 -23.72 -34.45 -5.48
CA THR C 711 -23.16 -35.07 -6.66
C THR C 711 -22.72 -36.47 -6.28
N ASP C 712 -22.87 -37.39 -7.23
CA ASP C 712 -22.48 -38.78 -7.04
C ASP C 712 -21.37 -39.10 -8.03
N ASP C 713 -20.87 -38.06 -8.67
CA ASP C 713 -19.80 -38.14 -9.64
C ASP C 713 -18.56 -38.55 -8.84
N PRO C 714 -18.03 -39.76 -9.09
CA PRO C 714 -16.86 -40.27 -8.39
C PRO C 714 -15.62 -39.40 -8.44
N ASP C 715 -15.39 -38.74 -9.56
CA ASP C 715 -14.21 -37.89 -9.69
C ASP C 715 -14.36 -36.59 -8.91
N VAL C 716 -15.54 -35.99 -9.01
CA VAL C 716 -15.76 -34.75 -8.31
C VAL C 716 -15.71 -35.03 -6.81
N LEU C 717 -16.20 -36.19 -6.40
CA LEU C 717 -16.18 -36.54 -4.99
C LEU C 717 -14.76 -36.82 -4.53
N ARG C 718 -13.94 -37.34 -5.44
CA ARG C 718 -12.56 -37.67 -5.11
C ARG C 718 -11.76 -36.39 -4.99
N LEU C 719 -11.91 -35.52 -5.99
CA LEU C 719 -11.23 -34.24 -6.01
C LEU C 719 -11.57 -33.44 -4.75
N MET C 720 -12.86 -33.34 -4.45
CA MET C 720 -13.37 -32.61 -3.30
C MET C 720 -12.81 -33.17 -2.00
N LYS C 721 -12.87 -34.49 -1.87
CA LYS C 721 -12.39 -35.12 -0.66
C LYS C 721 -10.90 -34.81 -0.47
N SER C 722 -10.21 -34.55 -1.57
CA SER C 722 -8.78 -34.25 -1.51
C SER C 722 -8.49 -32.79 -1.21
N LEU C 723 -9.52 -31.99 -1.00
CA LEU C 723 -9.31 -30.56 -0.73
C LEU C 723 -9.75 -30.19 0.67
N THR C 724 -8.89 -29.48 1.38
CA THR C 724 -9.18 -29.06 2.72
C THR C 724 -8.92 -27.59 2.83
N ILE C 725 -9.73 -26.87 3.60
CA ILE C 725 -9.50 -25.44 3.71
C ILE C 725 -8.24 -25.17 4.51
N GLN C 726 -7.75 -26.19 5.20
CA GLN C 726 -6.55 -26.05 5.99
C GLN C 726 -5.26 -26.22 5.20
N ARG C 727 -5.36 -26.85 4.02
CA ARG C 727 -4.19 -27.10 3.20
C ARG C 727 -4.27 -26.52 1.80
N ASN C 728 -5.43 -26.68 1.19
CA ASN C 728 -5.65 -26.26 -0.20
C ASN C 728 -6.44 -25.00 -0.49
N TYR C 729 -6.81 -24.23 0.53
CA TYR C 729 -7.58 -23.01 0.30
C TYR C 729 -7.08 -21.83 1.13
N VAL C 730 -6.49 -20.86 0.47
CA VAL C 730 -5.97 -19.69 1.14
C VAL C 730 -6.92 -18.54 0.86
N CYS C 731 -7.26 -17.74 1.86
CA CYS C 731 -8.16 -16.62 1.60
C CYS C 731 -7.88 -15.43 2.47
N GLN C 732 -8.32 -14.27 1.99
CA GLN C 732 -8.19 -12.99 2.68
C GLN C 732 -9.37 -12.15 2.27
N GLY C 733 -10.21 -11.83 3.25
CA GLY C 733 -11.39 -11.04 2.95
C GLY C 733 -12.30 -11.87 2.07
N ASP C 734 -12.57 -11.36 0.88
CA ASP C 734 -13.45 -12.05 -0.05
C ASP C 734 -12.66 -12.66 -1.19
N ASP C 735 -11.34 -12.74 -1.04
CA ASP C 735 -10.51 -13.33 -2.07
C ASP C 735 -10.09 -14.74 -1.71
N GLY C 736 -10.18 -15.63 -2.69
CA GLY C 736 -9.82 -17.01 -2.45
C GLY C 736 -8.95 -17.60 -3.54
N LEU C 737 -8.09 -18.53 -3.15
CA LEU C 737 -7.20 -19.19 -4.09
C LEU C 737 -7.20 -20.68 -3.81
N MET C 738 -7.89 -21.43 -4.66
CA MET C 738 -7.97 -22.88 -4.52
C MET C 738 -6.75 -23.48 -5.22
N ILE C 739 -5.92 -24.18 -4.45
CA ILE C 739 -4.71 -24.80 -4.99
C ILE C 739 -4.77 -26.33 -5.10
N ILE C 740 -4.96 -26.81 -6.31
CA ILE C 740 -5.03 -28.25 -6.57
C ILE C 740 -3.63 -28.73 -6.91
N ASP C 741 -2.99 -29.38 -5.94
CA ASP C 741 -1.66 -29.92 -6.16
C ASP C 741 -1.72 -30.94 -7.29
N GLY C 742 -0.65 -31.02 -8.09
CA GLY C 742 -0.61 -31.97 -9.19
C GLY C 742 0.01 -33.28 -8.75
N THR C 743 -0.07 -34.31 -9.59
CA THR C 743 0.48 -35.63 -9.28
C THR C 743 1.56 -35.96 -10.32
N THR C 744 2.08 -37.19 -10.30
CA THR C 744 3.08 -37.59 -11.27
C THR C 744 2.32 -37.96 -12.55
N ALA C 745 1.03 -38.21 -12.41
CA ALA C 745 0.17 -38.54 -13.55
C ALA C 745 -0.20 -37.22 -14.23
N GLY C 746 0.39 -36.14 -13.73
CA GLY C 746 0.12 -34.81 -14.27
C GLY C 746 -0.85 -34.05 -13.38
N LYS C 747 -1.64 -33.18 -13.99
CA LYS C 747 -2.62 -32.38 -13.26
C LYS C 747 -4.00 -33.04 -13.27
N VAL C 748 -4.84 -32.64 -12.31
CA VAL C 748 -6.21 -33.16 -12.20
C VAL C 748 -7.04 -32.82 -13.44
N ASN C 749 -7.98 -33.69 -13.79
CA ASN C 749 -8.82 -33.47 -14.96
C ASN C 749 -9.55 -32.14 -14.93
N SER C 750 -9.50 -31.44 -16.06
CA SER C 750 -10.13 -30.14 -16.25
C SER C 750 -11.65 -30.21 -16.16
N GLU C 751 -12.23 -31.26 -16.74
CA GLU C 751 -13.67 -31.44 -16.73
C GLU C 751 -14.21 -31.70 -15.32
N THR C 752 -13.44 -32.41 -14.50
CA THR C 752 -13.87 -32.68 -13.13
C THR C 752 -13.82 -31.37 -12.35
N ILE C 753 -12.76 -30.60 -12.54
CA ILE C 753 -12.62 -29.32 -11.87
C ILE C 753 -13.79 -28.43 -12.24
N GLN C 754 -14.10 -28.36 -13.53
CA GLN C 754 -15.22 -27.53 -13.97
C GLN C 754 -16.52 -27.95 -13.30
N ASN C 755 -16.71 -29.25 -13.10
CA ASN C 755 -17.91 -29.73 -12.43
C ASN C 755 -17.89 -29.20 -11.00
N ASP C 756 -16.75 -29.38 -10.32
CA ASP C 756 -16.60 -28.94 -8.94
C ASP C 756 -16.96 -27.46 -8.82
N LEU C 757 -16.47 -26.63 -9.74
CA LEU C 757 -16.74 -25.20 -9.70
C LEU C 757 -18.21 -24.83 -9.88
N GLU C 758 -18.89 -25.51 -10.80
CA GLU C 758 -20.29 -25.20 -11.05
C GLU C 758 -21.10 -25.50 -9.80
N LEU C 759 -20.60 -26.43 -8.99
CA LEU C 759 -21.28 -26.77 -7.74
C LEU C 759 -21.05 -25.67 -6.71
N ILE C 760 -19.86 -25.09 -6.73
CA ILE C 760 -19.53 -24.01 -5.81
C ILE C 760 -20.40 -22.79 -6.14
N SER C 761 -20.55 -22.50 -7.42
CA SER C 761 -21.36 -21.38 -7.86
C SER C 761 -22.79 -21.56 -7.39
N LYS C 762 -23.38 -22.71 -7.72
CA LYS C 762 -24.76 -23.03 -7.32
C LYS C 762 -24.93 -22.97 -5.81
N TYR C 763 -23.88 -23.36 -5.10
CA TYR C 763 -23.89 -23.39 -3.65
C TYR C 763 -24.07 -21.99 -3.02
N GLY C 764 -23.35 -21.00 -3.55
CA GLY C 764 -23.41 -19.64 -3.01
C GLY C 764 -24.76 -18.97 -3.10
N GLU C 765 -25.46 -19.19 -4.21
CA GLU C 765 -26.77 -18.60 -4.43
C GLU C 765 -27.69 -18.93 -3.27
N GLU C 766 -27.41 -20.05 -2.62
CA GLU C 766 -28.23 -20.48 -1.50
C GLU C 766 -28.22 -19.52 -0.31
N PHE C 767 -27.14 -18.77 -0.14
CA PHE C 767 -27.08 -17.83 0.98
C PHE C 767 -26.68 -16.43 0.58
N GLY C 768 -27.02 -16.06 -0.65
CA GLY C 768 -26.76 -14.73 -1.14
C GLY C 768 -25.36 -14.36 -1.58
N TRP C 769 -24.53 -15.34 -1.91
CA TRP C 769 -23.18 -15.04 -2.36
C TRP C 769 -23.02 -15.34 -3.82
N LYS C 770 -22.52 -14.36 -4.57
CA LYS C 770 -22.27 -14.54 -6.00
C LYS C 770 -20.77 -14.78 -6.16
N TYR C 771 -20.36 -16.04 -6.16
CA TYR C 771 -18.96 -16.38 -6.32
C TYR C 771 -18.46 -15.99 -7.70
N ASP C 772 -17.31 -15.32 -7.72
CA ASP C 772 -16.65 -14.93 -8.95
C ASP C 772 -15.48 -15.90 -9.07
N ILE C 773 -15.75 -17.06 -9.64
CA ILE C 773 -14.75 -18.10 -9.83
C ILE C 773 -14.02 -17.89 -11.16
N ALA C 774 -12.74 -18.24 -11.20
CA ALA C 774 -11.98 -18.07 -12.43
C ALA C 774 -10.96 -19.19 -12.61
N TYR C 775 -11.23 -20.05 -13.59
CA TYR C 775 -10.35 -21.16 -13.91
C TYR C 775 -9.86 -20.88 -15.33
N ASP C 776 -8.61 -20.42 -15.44
CA ASP C 776 -8.01 -20.05 -16.72
C ASP C 776 -6.52 -20.40 -16.90
N GLY C 777 -5.96 -21.16 -15.97
CA GLY C 777 -4.55 -21.53 -16.06
C GLY C 777 -3.68 -20.47 -15.43
N THR C 778 -4.34 -19.58 -14.71
CA THR C 778 -3.68 -18.46 -14.06
C THR C 778 -4.00 -18.43 -12.57
N ALA C 779 -3.11 -17.80 -11.81
CA ALA C 779 -3.31 -17.65 -10.36
C ALA C 779 -3.39 -16.14 -10.08
N GLU C 780 -4.45 -15.72 -9.42
CA GLU C 780 -4.64 -14.31 -9.10
C GLU C 780 -5.17 -14.17 -7.68
N TYR C 781 -4.28 -13.77 -6.80
CA TYR C 781 -4.61 -13.59 -5.40
C TYR C 781 -4.10 -12.22 -4.96
N LEU C 782 -4.96 -11.47 -4.29
CA LEU C 782 -4.60 -10.14 -3.78
C LEU C 782 -3.98 -9.22 -4.85
N LYS C 783 -4.59 -9.21 -6.04
CA LYS C 783 -4.13 -8.39 -7.17
C LYS C 783 -2.70 -8.69 -7.63
N LEU C 784 -2.28 -9.93 -7.43
CA LEU C 784 -0.98 -10.42 -7.86
C LEU C 784 -1.30 -11.39 -8.98
N TYR C 785 -0.60 -11.30 -10.11
CA TYR C 785 -0.89 -12.18 -11.25
C TYR C 785 0.20 -13.20 -11.51
N PHE C 786 -0.18 -14.46 -11.56
CA PHE C 786 0.78 -15.54 -11.76
C PHE C 786 0.44 -16.46 -12.91
N ILE C 787 1.46 -16.99 -13.57
CA ILE C 787 1.27 -17.96 -14.66
C ILE C 787 2.49 -18.85 -14.79
N PHE C 788 2.26 -20.16 -14.78
CA PHE C 788 3.33 -21.15 -14.89
C PHE C 788 4.49 -20.91 -13.93
N GLY C 789 4.16 -20.38 -12.76
CA GLY C 789 5.18 -20.13 -11.77
C GLY C 789 5.84 -18.79 -11.92
N CYS C 790 5.40 -18.00 -12.90
CA CYS C 790 6.00 -16.69 -13.13
C CYS C 790 5.07 -15.54 -12.73
N ARG C 791 5.55 -14.64 -11.89
CA ARG C 791 4.70 -13.52 -11.51
C ARG C 791 4.68 -12.52 -12.66
N ILE C 792 3.53 -11.91 -12.87
CA ILE C 792 3.34 -10.93 -13.93
C ILE C 792 2.92 -9.61 -13.32
N PRO C 793 3.88 -8.68 -13.11
CA PRO C 793 3.52 -7.38 -12.52
C PRO C 793 2.49 -6.68 -13.40
N ASN C 794 1.56 -5.97 -12.78
CA ASN C 794 0.53 -5.25 -13.53
C ASN C 794 0.91 -3.77 -13.45
N LEU C 795 1.59 -3.27 -14.48
CA LEU C 795 2.04 -1.88 -14.48
C LEU C 795 0.91 -0.86 -14.49
N SER C 796 -0.21 -1.19 -15.12
CA SER C 796 -1.35 -0.28 -15.20
C SER C 796 -1.97 0.08 -13.87
N ARG C 797 -1.89 -0.82 -12.88
CA ARG C 797 -2.44 -0.53 -11.55
C ARG C 797 -1.56 0.41 -10.75
N HIS C 798 -0.42 0.83 -11.33
CA HIS C 798 0.50 1.75 -10.64
C HIS C 798 0.78 3.03 -11.44
N PRO C 799 -0.28 3.78 -11.76
CA PRO C 799 -0.15 5.02 -12.52
C PRO C 799 1.01 5.87 -12.03
N ILE C 800 1.90 6.23 -12.95
CA ILE C 800 3.05 7.05 -12.59
C ILE C 800 2.59 8.46 -12.26
N VAL C 801 1.58 8.95 -12.96
CA VAL C 801 1.09 10.30 -12.73
C VAL C 801 -0.14 10.40 -11.84
N GLY C 802 -0.82 9.27 -11.65
CA GLY C 802 -2.04 9.29 -10.86
C GLY C 802 -1.95 9.31 -9.36
N LYS C 803 -3.05 9.75 -8.73
CA LYS C 803 -3.15 9.81 -7.27
C LYS C 803 -4.60 9.98 -6.86
N GLU C 804 -5.08 9.10 -6.00
CA GLU C 804 -6.44 9.19 -5.53
C GLU C 804 -6.65 10.48 -4.75
N ARG C 805 -7.76 11.16 -5.01
CA ARG C 805 -8.11 12.39 -4.31
C ARG C 805 -9.62 12.40 -4.15
N ALA C 806 -10.14 11.66 -3.17
CA ALA C 806 -11.57 11.64 -2.97
C ALA C 806 -12.10 13.03 -2.59
N ASN C 807 -11.58 13.60 -1.50
CA ASN C 807 -12.02 14.91 -1.05
C ASN C 807 -11.63 16.08 -1.94
N SER C 808 -12.16 17.25 -1.60
CA SER C 808 -11.92 18.50 -2.35
C SER C 808 -10.69 19.24 -1.84
N SER C 809 -10.30 18.96 -0.60
CA SER C 809 -9.14 19.59 0.01
C SER C 809 -7.96 19.67 -0.95
N ALA C 810 -7.15 20.70 -0.79
CA ALA C 810 -5.99 20.90 -1.65
C ALA C 810 -4.87 19.92 -1.32
N GLU C 811 -3.95 19.74 -2.28
CA GLU C 811 -2.83 18.83 -2.09
C GLU C 811 -1.92 19.36 -0.99
N GLU C 812 -1.08 18.48 -0.44
CA GLU C 812 -0.17 18.89 0.62
C GLU C 812 0.89 19.82 0.06
N PRO C 813 1.40 20.75 0.89
CA PRO C 813 2.41 21.71 0.46
C PRO C 813 3.64 21.03 -0.13
N TRP C 814 4.23 21.69 -1.12
CA TRP C 814 5.38 21.15 -1.83
C TRP C 814 6.10 19.93 -1.30
N PRO C 815 7.06 20.11 -0.37
CA PRO C 815 7.82 18.96 0.16
C PRO C 815 7.14 17.59 -0.01
N ALA C 816 5.89 17.48 0.45
CA ALA C 816 5.12 16.25 0.37
C ALA C 816 5.26 15.45 -0.94
N ILE C 817 5.21 16.16 -2.07
CA ILE C 817 5.32 15.53 -3.39
C ILE C 817 6.56 14.65 -3.55
N LEU C 818 7.66 15.06 -2.94
CA LEU C 818 8.89 14.29 -3.08
C LEU C 818 8.72 12.86 -2.61
N ASP C 819 8.07 12.66 -1.47
CA ASP C 819 7.85 11.31 -0.97
C ASP C 819 7.12 10.48 -2.02
N GLN C 820 6.14 11.10 -2.67
CA GLN C 820 5.35 10.48 -3.70
C GLN C 820 6.22 10.10 -4.90
N ILE C 821 7.12 10.99 -5.28
CA ILE C 821 8.00 10.71 -6.41
C ILE C 821 8.88 9.50 -6.06
N MET C 822 9.35 9.45 -4.83
CA MET C 822 10.18 8.33 -4.39
C MET C 822 9.39 7.04 -4.53
N GLY C 823 8.14 7.07 -4.05
CA GLY C 823 7.28 5.91 -4.13
C GLY C 823 7.10 5.44 -5.56
N VAL C 824 7.12 6.39 -6.49
CA VAL C 824 6.99 6.08 -7.92
C VAL C 824 8.25 5.30 -8.31
N PHE C 825 9.41 5.74 -7.83
CA PHE C 825 10.64 5.05 -8.12
C PHE C 825 10.58 3.62 -7.60
N PHE C 826 10.25 3.48 -6.32
CA PHE C 826 10.19 2.17 -5.67
C PHE C 826 9.22 1.18 -6.33
N ASN C 827 8.15 1.69 -6.93
CA ASN C 827 7.22 0.79 -7.60
C ASN C 827 7.92 0.25 -8.84
N GLY C 828 8.70 1.12 -9.50
CA GLY C 828 9.40 0.71 -10.70
C GLY C 828 10.42 -0.36 -10.43
N VAL C 829 10.94 -0.36 -9.20
CA VAL C 829 11.91 -1.36 -8.82
C VAL C 829 11.14 -2.65 -8.53
N HIS C 830 10.00 -2.52 -7.87
CA HIS C 830 9.21 -3.71 -7.57
C HIS C 830 8.55 -4.24 -8.83
N ASP C 831 8.12 -3.34 -9.71
CA ASP C 831 7.47 -3.73 -10.96
C ASP C 831 8.43 -4.22 -12.03
N GLY C 832 9.73 -4.05 -11.78
CA GLY C 832 10.73 -4.52 -12.72
C GLY C 832 11.01 -3.79 -14.02
N LEU C 833 10.89 -2.46 -14.04
CA LEU C 833 11.17 -1.69 -15.25
C LEU C 833 12.67 -1.80 -15.58
N GLN C 834 13.06 -1.36 -16.77
CA GLN C 834 14.45 -1.44 -17.19
C GLN C 834 15.27 -0.58 -16.25
N TRP C 835 16.04 -1.22 -15.38
CA TRP C 835 16.78 -0.49 -14.37
C TRP C 835 17.50 0.80 -14.77
N GLN C 836 18.29 0.81 -15.83
CA GLN C 836 18.96 2.04 -16.18
C GLN C 836 17.95 3.10 -16.62
N ARG C 837 17.08 2.74 -17.56
CA ARG C 837 16.09 3.66 -18.07
C ARG C 837 15.29 4.26 -16.93
N TRP C 838 14.94 3.43 -15.95
CA TRP C 838 14.16 3.86 -14.80
C TRP C 838 14.96 4.78 -13.86
N ILE C 839 16.19 4.39 -13.55
CA ILE C 839 17.03 5.19 -12.69
C ILE C 839 17.29 6.56 -13.31
N ARG C 840 17.58 6.61 -14.60
CA ARG C 840 17.84 7.89 -15.26
C ARG C 840 16.60 8.76 -15.25
N TYR C 841 15.44 8.16 -15.55
CA TYR C 841 14.21 8.93 -15.56
C TYR C 841 13.88 9.45 -14.16
N SER C 842 14.06 8.61 -13.15
CA SER C 842 13.79 9.00 -11.77
C SER C 842 14.62 10.21 -11.41
N TRP C 843 15.87 10.23 -11.88
CA TRP C 843 16.73 11.37 -11.59
C TRP C 843 16.17 12.61 -12.23
N ALA C 844 15.64 12.48 -13.45
CA ALA C 844 15.04 13.61 -14.14
C ALA C 844 13.79 14.06 -13.39
N LEU C 845 12.96 13.10 -12.96
CA LEU C 845 11.75 13.45 -12.25
C LEU C 845 12.08 14.17 -10.96
N CYS C 846 12.99 13.59 -10.18
CA CYS C 846 13.37 14.17 -8.90
C CYS C 846 13.90 15.58 -9.05
N CYS C 847 14.91 15.73 -9.90
CA CYS C 847 15.48 17.03 -10.16
C CYS C 847 14.36 18.03 -10.49
N ALA C 848 13.36 17.56 -11.22
CA ALA C 848 12.25 18.42 -11.61
C ALA C 848 11.28 18.77 -10.49
N PHE C 849 11.51 18.23 -9.30
CA PHE C 849 10.62 18.51 -8.16
C PHE C 849 11.42 18.90 -6.91
N SER C 850 12.74 19.04 -7.08
CA SER C 850 13.65 19.37 -5.97
C SER C 850 13.77 20.84 -5.61
N ARG C 851 13.10 21.70 -6.37
CA ARG C 851 13.19 23.12 -6.13
C ARG C 851 11.80 23.69 -5.90
N GLN C 852 11.68 24.64 -4.99
CA GLN C 852 10.40 25.27 -4.69
C GLN C 852 10.58 26.72 -4.27
N ARG C 853 9.70 27.56 -4.78
CA ARG C 853 9.73 28.99 -4.47
C ARG C 853 9.19 29.25 -3.05
N THR C 854 9.95 29.99 -2.25
CA THR C 854 9.52 30.30 -0.89
C THR C 854 9.32 31.78 -0.66
N MET C 855 8.44 32.09 0.30
CA MET C 855 8.10 33.46 0.64
C MET C 855 8.20 33.67 2.15
N ILE C 856 8.64 34.85 2.54
CA ILE C 856 8.79 35.21 3.95
C ILE C 856 8.40 36.69 4.11
N GLY C 857 7.67 37.22 3.12
CA GLY C 857 7.25 38.61 3.14
C GLY C 857 8.14 39.42 2.20
N GLU C 858 7.95 39.17 0.91
CA GLU C 858 8.73 39.81 -0.17
C GLU C 858 10.13 39.18 -0.16
N SER C 859 10.37 38.33 0.84
CA SER C 859 11.63 37.60 1.00
C SER C 859 11.53 36.38 0.10
N VAL C 860 11.61 36.63 -1.21
CA VAL C 860 11.52 35.59 -2.23
C VAL C 860 12.81 34.80 -2.40
N GLY C 861 12.86 33.63 -1.79
CA GLY C 861 14.02 32.76 -1.89
C GLY C 861 13.67 31.48 -2.62
N TYR C 862 14.50 30.46 -2.44
CA TYR C 862 14.25 29.18 -3.09
C TYR C 862 14.77 28.02 -2.27
N LEU C 863 13.95 26.99 -2.12
CA LEU C 863 14.34 25.79 -1.41
C LEU C 863 14.81 24.78 -2.46
N GLN C 864 16.04 24.30 -2.29
CA GLN C 864 16.60 23.37 -3.23
C GLN C 864 17.22 22.17 -2.52
N TYR C 865 16.81 20.97 -2.90
CA TYR C 865 17.35 19.77 -2.31
C TYR C 865 18.58 19.30 -3.11
N PRO C 866 19.69 19.05 -2.43
CA PRO C 866 20.86 18.61 -3.18
C PRO C 866 20.55 17.25 -3.79
N MET C 867 21.31 16.86 -4.81
CA MET C 867 21.10 15.57 -5.45
C MET C 867 21.26 14.49 -4.38
N TRP C 868 22.22 14.75 -3.51
CA TRP C 868 22.55 13.84 -2.43
C TRP C 868 21.39 13.49 -1.49
N SER C 869 20.30 14.25 -1.52
CA SER C 869 19.20 13.94 -0.64
C SER C 869 18.41 12.77 -1.20
N PHE C 870 18.37 12.68 -2.53
CA PHE C 870 17.66 11.58 -3.18
C PHE C 870 18.43 10.28 -2.99
N VAL C 871 19.75 10.37 -2.98
CA VAL C 871 20.55 9.18 -2.75
C VAL C 871 20.18 8.67 -1.36
N TYR C 872 20.19 9.57 -0.37
CA TYR C 872 19.86 9.21 1.00
C TYR C 872 18.50 8.52 1.02
N TRP C 873 17.55 9.05 0.25
CA TRP C 873 16.20 8.47 0.17
C TRP C 873 16.16 7.14 -0.57
N GLY C 874 17.19 6.82 -1.34
CA GLY C 874 17.19 5.52 -2.02
C GLY C 874 17.52 5.45 -3.50
N LEU C 875 17.61 6.61 -4.15
CA LEU C 875 17.92 6.67 -5.57
C LEU C 875 19.43 6.52 -5.79
N PRO C 876 19.84 5.43 -6.47
CA PRO C 876 21.26 5.20 -6.73
C PRO C 876 21.93 6.20 -7.67
N LEU C 877 23.23 6.37 -7.47
CA LEU C 877 23.99 7.28 -8.29
C LEU C 877 24.22 6.59 -9.63
N VAL C 878 24.31 7.40 -10.69
CA VAL C 878 24.54 6.87 -12.02
C VAL C 878 26.05 6.82 -12.24
N LYS C 879 26.75 7.82 -11.72
CA LYS C 879 28.19 7.91 -11.85
C LYS C 879 28.70 9.12 -11.13
N ALA C 880 29.61 8.89 -10.17
CA ALA C 880 30.21 9.95 -9.36
C ALA C 880 31.70 9.70 -9.10
N PHE C 881 32.41 10.79 -8.78
CA PHE C 881 33.83 10.76 -8.46
C PHE C 881 34.73 10.08 -9.49
N GLY C 882 34.37 10.13 -10.76
CA GLY C 882 35.21 9.50 -11.78
C GLY C 882 35.07 7.99 -11.86
N SER C 883 34.02 7.43 -11.23
CA SER C 883 33.80 5.99 -11.26
C SER C 883 33.21 5.55 -12.58
N ASP C 884 33.10 4.25 -12.79
CA ASP C 884 32.52 3.79 -14.02
C ASP C 884 31.03 4.06 -13.90
N PRO C 885 30.33 4.10 -15.03
CA PRO C 885 28.89 4.34 -15.00
C PRO C 885 28.03 3.11 -14.68
N TRP C 886 26.90 3.37 -14.03
CA TRP C 886 25.93 2.34 -13.65
C TRP C 886 26.46 1.20 -12.79
N ILE C 887 27.38 1.54 -11.90
CA ILE C 887 27.97 0.56 -11.01
C ILE C 887 27.04 0.35 -9.83
N PHE C 888 26.09 1.26 -9.64
CA PHE C 888 25.15 1.19 -8.53
C PHE C 888 23.77 0.67 -8.91
N SER C 889 23.30 -0.30 -8.13
CA SER C 889 22.00 -0.95 -8.33
C SER C 889 20.89 -0.28 -7.53
N TRP C 890 19.64 -0.42 -7.99
CA TRP C 890 18.56 0.19 -7.24
C TRP C 890 18.27 -0.56 -5.95
N TYR C 891 19.01 -1.63 -5.68
CA TYR C 891 18.80 -2.37 -4.44
C TYR C 891 19.69 -1.75 -3.37
N MET C 892 20.31 -0.62 -3.71
CA MET C 892 21.15 0.09 -2.74
C MET C 892 20.25 0.39 -1.55
N PRO C 893 20.67 0.05 -0.32
CA PRO C 893 19.82 0.32 0.85
C PRO C 893 19.46 1.80 0.97
N THR C 894 18.56 2.11 1.89
CA THR C 894 18.13 3.49 2.09
C THR C 894 18.94 4.06 3.27
N GLY C 895 18.84 5.37 3.50
CA GLY C 895 19.55 6.02 4.60
C GLY C 895 21.02 5.69 4.83
N ASP C 896 21.44 5.72 6.10
CA ASP C 896 22.82 5.44 6.46
C ASP C 896 23.38 4.14 5.89
N LEU C 897 22.64 3.04 6.03
CA LEU C 897 23.12 1.77 5.53
C LEU C 897 23.43 1.91 4.03
N GLY C 898 22.58 2.65 3.34
CA GLY C 898 22.77 2.88 1.92
C GLY C 898 23.95 3.80 1.65
N MET C 899 24.10 4.87 2.44
CA MET C 899 25.21 5.81 2.27
C MET C 899 26.54 5.07 2.49
N TYR C 900 26.55 4.19 3.48
CA TYR C 900 27.74 3.42 3.79
C TYR C 900 28.09 2.52 2.62
N SER C 901 27.07 1.93 2.00
CA SER C 901 27.29 1.04 0.87
C SER C 901 27.88 1.71 -0.34
N TRP C 902 27.24 2.75 -0.88
CA TRP C 902 27.82 3.32 -2.08
C TRP C 902 29.15 3.97 -1.78
N ILE C 903 29.30 4.63 -0.64
CA ILE C 903 30.58 5.24 -0.32
C ILE C 903 31.72 4.21 -0.22
N SER C 904 31.43 3.07 0.40
CA SER C 904 32.42 2.01 0.53
C SER C 904 32.81 1.41 -0.83
N LEU C 905 31.84 1.27 -1.71
CA LEU C 905 32.09 0.72 -3.04
C LEU C 905 33.07 1.56 -3.86
N ILE C 906 33.25 2.82 -3.49
CA ILE C 906 34.17 3.67 -4.23
C ILE C 906 35.02 4.54 -3.34
N ARG C 907 35.24 4.09 -2.10
CA ARG C 907 36.04 4.81 -1.13
C ARG C 907 37.31 5.38 -1.77
N PRO C 908 38.18 4.52 -2.33
CA PRO C 908 39.43 4.95 -2.99
C PRO C 908 39.17 5.98 -4.08
N LEU C 909 38.20 5.71 -4.94
CA LEU C 909 37.87 6.63 -6.02
C LEU C 909 37.62 8.01 -5.43
N MET C 910 36.81 8.06 -4.39
CA MET C 910 36.47 9.31 -3.72
C MET C 910 37.73 10.01 -3.22
N THR C 911 38.53 9.30 -2.43
CA THR C 911 39.76 9.86 -1.90
C THR C 911 40.62 10.43 -3.04
N ARG C 912 40.93 9.57 -4.01
CA ARG C 912 41.77 9.96 -5.15
C ARG C 912 41.21 11.19 -5.85
N TRP C 913 39.89 11.21 -6.08
CA TRP C 913 39.26 12.34 -6.74
C TRP C 913 39.33 13.60 -5.88
N MET C 914 39.02 13.47 -4.58
CA MET C 914 39.05 14.62 -3.69
C MET C 914 40.40 15.32 -3.69
N VAL C 915 41.45 14.53 -3.53
CA VAL C 915 42.81 15.05 -3.53
C VAL C 915 43.14 15.72 -4.85
N ALA C 916 42.90 15.00 -5.94
CA ALA C 916 43.18 15.53 -7.27
C ALA C 916 42.43 16.83 -7.54
N ASN C 917 41.52 17.21 -6.64
CA ASN C 917 40.75 18.44 -6.81
C ASN C 917 40.95 19.44 -5.70
N GLY C 918 42.15 19.48 -5.13
CA GLY C 918 42.45 20.42 -4.07
C GLY C 918 41.99 20.07 -2.65
N TYR C 919 41.13 19.08 -2.51
CA TYR C 919 40.65 18.70 -1.19
C TYR C 919 41.67 17.80 -0.49
N VAL C 920 42.82 18.38 -0.16
CA VAL C 920 43.94 17.67 0.48
C VAL C 920 44.20 18.20 1.90
N THR C 921 44.76 17.34 2.76
CA THR C 921 45.07 17.71 4.13
C THR C 921 46.25 16.86 4.60
N ASP C 922 46.89 17.27 5.69
CA ASP C 922 48.02 16.51 6.24
C ASP C 922 47.53 15.44 7.19
N ARG C 923 46.31 15.64 7.69
CA ARG C 923 45.71 14.69 8.61
C ARG C 923 45.26 13.48 7.80
N CYS C 924 45.68 12.29 8.21
CA CYS C 924 45.30 11.09 7.49
C CYS C 924 44.00 10.51 8.04
N SER C 925 42.97 10.55 7.20
CA SER C 925 41.66 10.04 7.56
C SER C 925 41.61 8.53 7.50
N THR C 926 40.97 7.97 8.51
CA THR C 926 40.85 6.54 8.59
C THR C 926 40.05 5.97 7.43
N VAL C 927 39.06 6.73 7.00
CA VAL C 927 38.18 6.34 5.90
C VAL C 927 38.63 6.98 4.57
N PHE C 928 39.02 8.25 4.63
CA PHE C 928 39.40 8.95 3.41
C PHE C 928 40.84 9.40 3.29
N GLY C 929 41.76 8.62 3.84
CA GLY C 929 43.17 8.95 3.76
C GLY C 929 43.47 10.43 3.95
N ASN C 930 44.30 10.99 3.07
CA ASN C 930 44.66 12.40 3.18
C ASN C 930 43.74 13.32 2.41
N ALA C 931 42.47 12.95 2.32
CA ALA C 931 41.49 13.75 1.62
C ALA C 931 40.76 14.65 2.60
N ASP C 932 40.61 15.91 2.21
CA ASP C 932 39.93 16.90 3.03
C ASP C 932 38.43 16.70 2.84
N TYR C 933 37.94 15.54 3.28
CA TYR C 933 36.54 15.16 3.13
C TYR C 933 35.52 16.09 3.79
N ARG C 934 35.91 16.82 4.83
CA ARG C 934 34.98 17.74 5.49
C ARG C 934 34.70 18.96 4.62
N ARG C 935 35.77 19.51 4.05
CA ARG C 935 35.62 20.67 3.19
C ARG C 935 34.98 20.26 1.88
N CYS C 936 35.22 19.01 1.46
CA CYS C 936 34.65 18.56 0.21
C CYS C 936 33.14 18.38 0.29
N PHE C 937 32.68 17.58 1.25
CA PHE C 937 31.25 17.32 1.40
C PHE C 937 30.41 18.55 1.70
N ASN C 938 31.00 19.57 2.34
CA ASN C 938 30.25 20.77 2.63
C ASN C 938 30.07 21.60 1.37
N GLU C 939 31.05 21.56 0.49
CA GLU C 939 31.00 22.31 -0.75
C GLU C 939 30.09 21.66 -1.79
N LEU C 940 30.12 20.34 -1.85
CA LEU C 940 29.26 19.64 -2.80
C LEU C 940 27.80 19.55 -2.31
N LYS C 941 27.57 19.93 -1.05
CA LYS C 941 26.25 19.88 -0.43
C LYS C 941 25.85 18.43 -0.14
N LEU C 942 26.87 17.58 0.04
CA LEU C 942 26.63 16.17 0.33
C LEU C 942 26.19 16.05 1.77
N TYR C 943 26.80 16.83 2.66
CA TYR C 943 26.39 16.80 4.05
C TYR C 943 25.01 17.45 4.08
N GLN C 944 24.94 18.66 3.53
CA GLN C 944 23.70 19.41 3.50
C GLN C 944 22.53 18.53 3.07
N GLY C 945 22.66 17.90 1.92
CA GLY C 945 21.60 17.05 1.42
C GLY C 945 21.30 15.89 2.34
N TYR C 946 22.35 15.33 2.92
CA TYR C 946 22.24 14.21 3.84
C TYR C 946 21.36 14.53 5.04
N TYR C 947 21.50 15.73 5.58
CA TYR C 947 20.74 16.18 6.73
C TYR C 947 19.35 16.70 6.36
N MET C 948 19.27 17.34 5.20
CA MET C 948 18.00 17.85 4.73
C MET C 948 17.04 16.70 4.48
N ALA C 949 17.59 15.55 4.13
CA ALA C 949 16.78 14.37 3.83
C ALA C 949 16.09 13.84 5.07
N GLN C 950 16.72 14.06 6.22
CA GLN C 950 16.19 13.58 7.48
C GLN C 950 15.28 14.56 8.21
N LEU C 951 14.87 15.64 7.54
CA LEU C 951 13.99 16.62 8.17
C LEU C 951 12.58 16.44 7.64
N PRO C 952 11.57 16.78 8.45
CA PRO C 952 10.14 16.70 8.15
C PRO C 952 9.78 17.32 6.83
N ARG C 953 8.99 16.62 6.03
CA ARG C 953 8.59 17.14 4.74
C ARG C 953 7.19 17.72 4.80
N ASN C 954 6.74 18.08 6.00
CA ASN C 954 5.43 18.67 6.16
C ASN C 954 5.39 19.49 7.45
N PRO C 955 4.58 20.56 7.48
CA PRO C 955 4.44 21.46 8.63
C PRO C 955 4.11 20.74 9.92
N LYS C 956 4.64 21.25 11.03
CA LYS C 956 4.36 20.64 12.32
C LYS C 956 3.46 21.58 13.12
N LYS C 957 2.47 21.02 13.82
CA LYS C 957 1.54 21.82 14.60
C LYS C 957 1.95 21.91 16.06
N SER C 958 2.85 21.03 16.49
CA SER C 958 3.31 21.07 17.87
C SER C 958 3.85 22.47 18.10
N GLY C 959 3.80 22.95 19.34
CA GLY C 959 4.28 24.29 19.61
C GLY C 959 3.15 25.29 19.63
N ARG C 960 1.99 24.86 19.14
CA ARG C 960 0.81 25.73 19.14
C ARG C 960 0.49 25.96 20.61
N ALA C 961 0.20 27.22 20.96
CA ALA C 961 -0.11 27.57 22.33
C ALA C 961 -1.29 26.75 22.84
N ALA C 962 -1.05 26.01 23.92
CA ALA C 962 -2.08 25.18 24.53
C ALA C 962 -2.16 25.53 25.99
N SER C 963 -3.31 26.05 26.41
CA SER C 963 -3.50 26.42 27.80
C SER C 963 -3.31 25.19 28.71
N ARG C 964 -2.18 25.19 29.43
CA ARG C 964 -1.79 24.11 30.33
C ARG C 964 -2.91 23.33 31.00
N GLU C 965 -3.92 24.02 31.50
CA GLU C 965 -5.03 23.36 32.19
C GLU C 965 -5.86 22.42 31.32
N VAL C 966 -6.33 22.88 30.16
CA VAL C 966 -7.15 22.02 29.30
C VAL C 966 -6.27 20.96 28.64
N ARG C 967 -5.00 21.30 28.50
CA ARG C 967 -4.01 20.41 27.91
C ARG C 967 -3.85 19.22 28.86
N GLU C 968 -3.89 19.48 30.17
CA GLU C 968 -3.77 18.43 31.18
C GLU C 968 -5.06 17.63 31.36
N GLN C 969 -6.20 18.31 31.23
CA GLN C 969 -7.50 17.66 31.34
C GLN C 969 -7.59 16.60 30.26
N PHE C 970 -7.15 16.98 29.06
CA PHE C 970 -7.16 16.12 27.89
C PHE C 970 -6.29 14.88 28.03
N THR C 971 -4.98 15.10 28.25
CA THR C 971 -4.06 13.99 28.41
C THR C 971 -4.47 13.15 29.61
N GLN C 972 -5.22 13.76 30.51
CA GLN C 972 -5.71 13.04 31.67
C GLN C 972 -6.81 12.09 31.18
N ALA C 973 -7.74 12.65 30.42
CA ALA C 973 -8.84 11.88 29.86
C ALA C 973 -8.28 10.72 29.07
N LEU C 974 -7.26 10.97 28.26
CA LEU C 974 -6.65 9.91 27.47
C LEU C 974 -6.14 8.83 28.40
N SER C 975 -5.41 9.24 29.43
CA SER C 975 -4.88 8.32 30.43
C SER C 975 -5.99 7.44 31.03
N ASP C 976 -7.04 8.07 31.56
CA ASP C 976 -8.14 7.33 32.18
C ASP C 976 -8.72 6.28 31.22
N TYR C 977 -8.77 6.65 29.94
CA TYR C 977 -9.29 5.76 28.92
C TYR C 977 -8.43 4.51 28.84
N LEU C 978 -7.11 4.70 28.89
CA LEU C 978 -6.19 3.59 28.80
C LEU C 978 -5.99 2.90 30.16
N MET C 979 -5.90 3.69 31.21
CA MET C 979 -5.70 3.18 32.56
C MET C 979 -7.00 2.91 33.29
N GLN C 980 -8.01 2.51 32.54
CA GLN C 980 -9.32 2.18 33.09
C GLN C 980 -9.13 1.21 34.26
N ASN C 981 -8.60 0.03 33.93
CA ASN C 981 -8.35 -1.04 34.89
C ASN C 981 -7.15 -0.73 35.79
N PRO C 982 -7.37 -0.58 37.10
CA PRO C 982 -6.26 -0.30 38.00
C PRO C 982 -5.10 -1.31 37.94
N GLU C 983 -5.42 -2.56 37.64
CA GLU C 983 -4.42 -3.62 37.57
C GLU C 983 -3.31 -3.31 36.58
N LEU C 984 -3.69 -2.72 35.45
CA LEU C 984 -2.74 -2.36 34.41
C LEU C 984 -1.82 -1.26 34.91
N LYS C 985 -2.43 -0.20 35.44
CA LYS C 985 -1.72 0.95 35.98
C LYS C 985 -0.74 0.53 37.07
N SER C 986 -1.22 -0.35 37.96
CA SER C 986 -0.38 -0.85 39.03
C SER C 986 0.83 -1.56 38.42
N ARG C 987 0.59 -2.19 37.27
CA ARG C 987 1.65 -2.89 36.58
C ARG C 987 2.73 -1.92 36.10
N VAL C 988 2.28 -0.84 35.46
CA VAL C 988 3.21 0.15 34.94
C VAL C 988 3.97 0.84 36.07
N LEU C 989 3.27 1.17 37.15
CA LEU C 989 3.89 1.81 38.30
C LEU C 989 5.02 0.94 38.83
N ARG C 990 4.77 -0.35 38.90
CA ARG C 990 5.77 -1.30 39.37
C ARG C 990 7.00 -1.15 38.49
N GLY C 991 6.81 -1.37 37.19
CA GLY C 991 7.90 -1.24 36.25
C GLY C 991 8.66 0.06 36.44
N ARG C 992 7.94 1.12 36.77
CA ARG C 992 8.54 2.41 36.99
C ARG C 992 9.55 2.42 38.14
N SER C 993 9.08 2.24 39.36
CA SER C 993 9.99 2.22 40.51
C SER C 993 11.07 1.17 40.30
N GLU C 994 10.74 0.11 39.58
CA GLU C 994 11.70 -0.95 39.30
C GLU C 994 12.74 -0.42 38.32
N TRP C 995 12.28 0.42 37.39
CA TRP C 995 13.16 0.99 36.39
C TRP C 995 14.21 1.89 37.02
N GLU C 996 13.81 2.71 37.98
CA GLU C 996 14.75 3.63 38.62
C GLU C 996 15.90 2.89 39.30
N LYS C 997 15.68 1.64 39.63
CA LYS C 997 16.67 0.82 40.29
C LYS C 997 17.61 0.08 39.35
N TYR C 998 17.05 -0.60 38.35
CA TYR C 998 17.85 -1.39 37.43
C TYR C 998 18.06 -0.89 36.00
N GLY C 999 17.13 -0.11 35.46
CA GLY C 999 17.30 0.33 34.09
C GLY C 999 17.58 1.79 33.82
N ALA C 1000 17.09 2.68 34.68
CA ALA C 1000 17.29 4.10 34.48
C ALA C 1000 18.78 4.40 34.34
N GLY C 1001 19.13 5.19 33.32
CA GLY C 1001 20.53 5.52 33.11
C GLY C 1001 21.16 4.68 32.02
N ILE C 1002 20.77 3.43 31.92
CA ILE C 1002 21.29 2.57 30.88
C ILE C 1002 20.77 3.11 29.54
N ILE C 1003 19.48 2.97 29.25
CA ILE C 1003 18.97 3.55 28.02
C ILE C 1003 18.07 4.73 28.40
N HIS C 1004 17.74 5.58 27.43
CA HIS C 1004 16.90 6.75 27.70
C HIS C 1004 15.61 6.74 26.91
N ASN C 1005 15.33 5.63 26.23
CA ASN C 1005 14.13 5.46 25.41
C ASN C 1005 13.09 4.54 26.04
N PRO C 1006 13.04 4.42 27.38
CA PRO C 1006 12.05 3.52 27.96
C PRO C 1006 10.64 3.66 27.41
N PRO C 1007 10.15 2.65 26.66
CA PRO C 1007 8.79 2.77 26.14
C PRO C 1007 7.89 2.56 27.35
N SER C 1008 6.91 3.41 27.53
CA SER C 1008 6.04 3.29 28.69
C SER C 1008 4.58 3.49 28.28
N LEU C 1009 3.65 2.83 28.97
CA LEU C 1009 2.26 3.03 28.63
C LEU C 1009 1.93 4.47 29.00
N PHE C 1010 2.67 5.01 29.97
CA PHE C 1010 2.46 6.38 30.41
C PHE C 1010 2.79 7.38 29.31
N ASP C 1011 3.42 6.90 28.24
CA ASP C 1011 3.76 7.76 27.12
C ASP C 1011 2.55 7.89 26.19
N VAL C 1012 1.82 6.78 26.01
CA VAL C 1012 0.67 6.75 25.13
C VAL C 1012 -0.21 7.99 25.14
N PRO C 1013 -0.63 8.46 26.32
CA PRO C 1013 -1.48 9.66 26.31
C PRO C 1013 -0.84 10.79 25.51
N HIS C 1014 0.45 10.98 25.77
CA HIS C 1014 1.24 12.01 25.10
C HIS C 1014 1.40 11.75 23.61
N LYS C 1015 1.64 10.50 23.23
CA LYS C 1015 1.77 10.18 21.82
C LYS C 1015 0.42 10.40 21.15
N TRP C 1016 -0.65 9.97 21.81
CA TRP C 1016 -1.99 10.17 21.27
C TRP C 1016 -2.31 11.64 21.02
N TYR C 1017 -2.08 12.47 22.03
CA TYR C 1017 -2.31 13.92 21.90
C TYR C 1017 -1.48 14.47 20.73
N GLN C 1018 -0.24 14.01 20.65
CA GLN C 1018 0.66 14.42 19.62
C GLN C 1018 0.03 14.12 18.26
N GLY C 1019 -0.53 12.92 18.11
CA GLY C 1019 -1.17 12.54 16.86
C GLY C 1019 -2.38 13.37 16.52
N ALA C 1020 -3.25 13.59 17.49
CA ALA C 1020 -4.44 14.38 17.22
C ALA C 1020 -4.03 15.80 16.77
N GLN C 1021 -2.90 16.28 17.29
CA GLN C 1021 -2.41 17.60 16.93
C GLN C 1021 -1.96 17.62 15.48
N GLU C 1022 -0.99 16.77 15.17
CA GLU C 1022 -0.46 16.70 13.82
C GLU C 1022 -1.48 16.35 12.75
N ALA C 1023 -2.70 16.00 13.18
CA ALA C 1023 -3.76 15.62 12.25
C ALA C 1023 -4.50 16.83 11.73
N ALA C 1024 -4.48 17.91 12.51
CA ALA C 1024 -5.15 19.15 12.14
C ALA C 1024 -4.45 19.86 10.98
N ILE C 1025 -5.16 20.77 10.31
CA ILE C 1025 -4.61 21.54 9.19
C ILE C 1025 -3.51 22.46 9.73
N ALA C 1026 -2.46 22.65 8.94
CA ALA C 1026 -1.35 23.50 9.35
C ALA C 1026 -1.64 24.95 8.98
N THR C 1027 -0.82 25.87 9.48
CA THR C 1027 -0.97 27.30 9.20
C THR C 1027 0.11 27.75 8.22
N ARG C 1028 -0.10 28.87 7.54
CA ARG C 1028 0.90 29.34 6.59
C ARG C 1028 2.20 29.62 7.33
N GLU C 1029 2.09 29.95 8.62
CA GLU C 1029 3.23 30.23 9.45
C GLU C 1029 4.00 28.94 9.71
N GLU C 1030 3.29 27.92 10.19
CA GLU C 1030 3.91 26.62 10.44
C GLU C 1030 4.61 26.12 9.17
N LEU C 1031 4.09 26.54 8.01
CA LEU C 1031 4.67 26.14 6.73
C LEU C 1031 6.00 26.87 6.55
N ALA C 1032 6.02 28.13 6.97
CA ALA C 1032 7.22 28.95 6.86
C ALA C 1032 8.29 28.40 7.78
N GLU C 1033 7.87 27.97 8.96
CA GLU C 1033 8.82 27.43 9.92
C GLU C 1033 9.42 26.15 9.36
N MET C 1034 8.66 25.43 8.55
CA MET C 1034 9.16 24.20 7.96
C MET C 1034 10.24 24.51 6.93
N ASP C 1035 9.99 25.52 6.10
CA ASP C 1035 10.94 25.88 5.08
C ASP C 1035 12.22 26.42 5.69
N GLU C 1036 12.06 27.20 6.76
CA GLU C 1036 13.18 27.81 7.47
C GLU C 1036 14.10 26.72 8.01
N THR C 1037 13.50 25.63 8.49
CA THR C 1037 14.25 24.50 9.04
C THR C 1037 15.11 23.88 7.96
N LEU C 1038 14.47 23.53 6.84
CA LEU C 1038 15.16 22.93 5.70
C LEU C 1038 16.21 23.87 5.14
N MET C 1039 15.84 25.15 5.08
CA MET C 1039 16.72 26.18 4.55
C MET C 1039 17.89 26.52 5.47
N ARG C 1040 17.74 26.17 6.75
CA ARG C 1040 18.78 26.44 7.74
C ARG C 1040 19.75 25.29 7.69
N ALA C 1041 19.23 24.08 7.51
CA ALA C 1041 20.06 22.89 7.43
C ALA C 1041 20.91 22.98 6.18
N ARG C 1042 20.43 23.71 5.19
CA ARG C 1042 21.16 23.89 3.94
C ARG C 1042 22.30 24.89 4.11
N ARG C 1043 22.10 25.87 4.99
CA ARG C 1043 23.10 26.89 5.26
C ARG C 1043 24.19 26.37 6.18
N HIS C 1044 23.76 25.71 7.25
CA HIS C 1044 24.69 25.17 8.22
C HIS C 1044 25.77 24.36 7.49
N SER C 1045 26.91 24.19 8.13
CA SER C 1045 28.01 23.41 7.55
C SER C 1045 28.26 22.29 8.55
N TYR C 1046 28.70 21.12 8.08
CA TYR C 1046 28.92 20.02 9.01
C TYR C 1046 30.33 19.51 8.99
N SER C 1047 30.65 18.62 9.94
CA SER C 1047 31.99 18.07 10.01
C SER C 1047 31.97 16.53 10.01
N SER C 1048 30.77 15.96 10.02
CA SER C 1048 30.62 14.50 10.00
C SER C 1048 29.20 14.10 9.69
N PHE C 1049 28.99 12.80 9.57
CA PHE C 1049 27.69 12.21 9.29
C PHE C 1049 27.09 11.83 10.64
N SER C 1050 26.08 10.95 10.64
CA SER C 1050 25.47 10.50 11.88
C SER C 1050 26.49 9.68 12.65
N LYS C 1051 26.31 9.58 13.98
CA LYS C 1051 27.24 8.83 14.80
C LYS C 1051 27.34 7.37 14.33
N LEU C 1052 26.23 6.81 13.89
CA LEU C 1052 26.20 5.43 13.42
C LEU C 1052 26.94 5.22 12.09
N LEU C 1053 26.68 6.07 11.11
CA LEU C 1053 27.34 5.97 9.81
C LEU C 1053 28.86 6.17 9.94
N GLU C 1054 29.28 6.94 10.95
CA GLU C 1054 30.71 7.16 11.15
C GLU C 1054 31.34 5.88 11.71
N ALA C 1055 30.49 5.06 12.33
CA ALA C 1055 30.93 3.79 12.88
C ALA C 1055 30.99 2.73 11.77
N TYR C 1056 30.00 2.71 10.88
CA TYR C 1056 30.00 1.72 9.79
C TYR C 1056 31.21 1.90 8.88
N LEU C 1057 31.53 3.15 8.57
CA LEU C 1057 32.65 3.49 7.69
C LEU C 1057 34.00 2.96 8.16
N LEU C 1058 34.11 2.63 9.45
CA LEU C 1058 35.35 2.08 9.99
C LEU C 1058 35.53 0.65 9.46
N VAL C 1059 34.44 0.04 8.99
CA VAL C 1059 34.47 -1.32 8.48
C VAL C 1059 34.75 -1.39 6.97
N LYS C 1060 35.79 -2.14 6.61
CA LYS C 1060 36.17 -2.32 5.22
C LYS C 1060 36.00 -3.80 4.84
N TRP C 1061 35.68 -4.05 3.58
CA TRP C 1061 35.49 -5.42 3.12
C TRP C 1061 36.30 -5.72 1.87
N ARG C 1062 36.11 -6.93 1.35
CA ARG C 1062 36.76 -7.38 0.12
C ARG C 1062 35.70 -8.14 -0.63
N MET C 1063 35.31 -7.61 -1.78
CA MET C 1063 34.31 -8.25 -2.62
C MET C 1063 35.05 -9.33 -3.39
N CYS C 1064 34.47 -10.52 -3.46
CA CYS C 1064 35.14 -11.59 -4.14
C CYS C 1064 34.39 -12.28 -5.25
N GLU C 1065 34.57 -13.59 -5.35
CA GLU C 1065 33.96 -14.43 -6.37
C GLU C 1065 32.43 -14.33 -6.39
N ALA C 1066 31.87 -14.18 -7.59
CA ALA C 1066 30.42 -14.08 -7.75
C ALA C 1066 29.76 -15.37 -7.26
N ARG C 1067 28.57 -15.23 -6.67
CA ARG C 1067 27.85 -16.38 -6.18
C ARG C 1067 27.37 -17.29 -7.32
N GLU C 1068 27.16 -18.56 -7.01
CA GLU C 1068 26.66 -19.50 -8.00
C GLU C 1068 25.17 -19.25 -8.12
N PRO C 1069 24.54 -19.70 -9.20
CA PRO C 1069 23.11 -19.47 -9.31
C PRO C 1069 22.30 -20.16 -8.19
N SER C 1070 21.30 -19.47 -7.67
CA SER C 1070 20.45 -20.03 -6.63
C SER C 1070 19.23 -20.62 -7.32
N VAL C 1071 19.02 -20.17 -8.55
CA VAL C 1071 17.91 -20.66 -9.38
C VAL C 1071 18.35 -20.76 -10.83
N ASP C 1072 17.65 -21.59 -11.59
CA ASP C 1072 17.94 -21.79 -13.01
C ASP C 1072 17.81 -20.49 -13.80
N LEU C 1073 18.80 -20.21 -14.65
CA LEU C 1073 18.80 -19.00 -15.45
C LEU C 1073 17.84 -18.95 -16.64
N ARG C 1074 17.08 -20.02 -16.86
CA ARG C 1074 16.11 -20.05 -17.96
C ARG C 1074 14.73 -19.84 -17.36
N LEU C 1075 14.68 -19.94 -16.03
CA LEU C 1075 13.46 -19.83 -15.26
C LEU C 1075 12.82 -18.46 -15.15
N PRO C 1076 11.65 -18.27 -15.76
CA PRO C 1076 11.00 -16.97 -15.67
C PRO C 1076 10.35 -16.82 -14.28
N LEU C 1077 10.79 -15.84 -13.49
CA LEU C 1077 10.22 -15.65 -12.16
C LEU C 1077 9.32 -14.40 -11.99
N CYS C 1078 9.64 -13.35 -12.73
CA CYS C 1078 8.90 -12.10 -12.71
C CYS C 1078 9.08 -11.45 -14.07
N ALA C 1079 7.99 -11.35 -14.82
CA ALA C 1079 8.07 -10.77 -16.16
C ALA C 1079 8.76 -9.42 -16.09
N GLY C 1080 9.63 -9.15 -17.06
CA GLY C 1080 10.35 -7.91 -17.07
C GLY C 1080 11.71 -8.13 -16.44
N ILE C 1081 11.79 -9.11 -15.56
CA ILE C 1081 13.06 -9.44 -14.92
C ILE C 1081 13.59 -10.63 -15.70
N ASP C 1082 14.23 -10.32 -16.83
CA ASP C 1082 14.80 -11.34 -17.70
C ASP C 1082 16.21 -10.92 -18.10
N PRO C 1083 16.89 -11.74 -18.90
CA PRO C 1083 18.25 -11.40 -19.31
C PRO C 1083 18.37 -10.06 -20.02
N LEU C 1084 17.25 -9.41 -20.27
CA LEU C 1084 17.24 -8.10 -20.93
C LEU C 1084 17.31 -6.97 -19.92
N ASN C 1085 17.08 -7.31 -18.65
CA ASN C 1085 17.10 -6.36 -17.54
C ASN C 1085 18.18 -6.89 -16.60
N SER C 1086 19.43 -6.81 -17.06
CA SER C 1086 20.62 -7.32 -16.38
C SER C 1086 20.79 -7.25 -14.86
N ASP C 1087 20.69 -6.07 -14.26
CA ASP C 1087 20.88 -5.98 -12.81
C ASP C 1087 19.78 -6.71 -12.03
N PRO C 1088 18.50 -6.34 -12.20
CA PRO C 1088 17.43 -7.02 -11.47
C PRO C 1088 17.52 -8.52 -11.66
N PHE C 1089 17.66 -8.92 -12.93
CA PHE C 1089 17.73 -10.32 -13.31
C PHE C 1089 18.86 -11.09 -12.64
N LEU C 1090 20.08 -10.54 -12.70
CA LEU C 1090 21.23 -11.18 -12.09
C LEU C 1090 21.11 -11.24 -10.58
N LYS C 1091 20.55 -10.20 -9.97
CA LYS C 1091 20.37 -10.17 -8.53
C LYS C 1091 19.43 -11.31 -8.14
N MET C 1092 18.32 -11.40 -8.88
CA MET C 1092 17.31 -12.41 -8.67
C MET C 1092 17.90 -13.81 -8.70
N VAL C 1093 18.77 -14.03 -9.68
CA VAL C 1093 19.37 -15.34 -9.84
C VAL C 1093 20.44 -15.72 -8.84
N SER C 1094 21.35 -14.81 -8.56
CA SER C 1094 22.44 -15.09 -7.62
C SER C 1094 21.98 -15.08 -6.17
N VAL C 1095 21.22 -14.05 -5.81
CA VAL C 1095 20.69 -13.91 -4.45
C VAL C 1095 19.57 -14.91 -4.24
N GLY C 1096 18.73 -15.05 -5.25
CA GLY C 1096 17.61 -15.98 -5.16
C GLY C 1096 16.35 -15.28 -4.68
N PRO C 1097 15.17 -15.77 -5.06
CA PRO C 1097 13.91 -15.15 -4.63
C PRO C 1097 13.49 -15.51 -3.19
N MET C 1098 12.90 -14.55 -2.48
CA MET C 1098 12.39 -14.74 -1.12
C MET C 1098 11.21 -15.73 -1.18
N LEU C 1099 11.41 -16.97 -0.78
CA LEU C 1099 10.33 -17.96 -0.87
C LEU C 1099 9.41 -18.14 0.34
N GLN C 1100 9.38 -17.16 1.23
CA GLN C 1100 8.50 -17.23 2.39
C GLN C 1100 7.71 -15.94 2.55
N SER C 1101 6.58 -16.02 3.23
CA SER C 1101 5.77 -14.85 3.50
C SER C 1101 6.57 -13.94 4.42
N THR C 1102 6.84 -12.72 3.96
CA THR C 1102 7.61 -11.78 4.75
C THR C 1102 6.98 -11.41 6.10
N ARG C 1103 5.67 -11.58 6.23
CA ARG C 1103 5.00 -11.27 7.48
C ARG C 1103 5.30 -12.38 8.49
N LYS C 1104 5.33 -13.62 8.02
CA LYS C 1104 5.63 -14.75 8.89
C LYS C 1104 7.08 -14.68 9.28
N TYR C 1105 7.92 -14.41 8.29
CA TYR C 1105 9.34 -14.29 8.51
C TYR C 1105 9.64 -13.24 9.57
N PHE C 1106 9.14 -12.02 9.36
CA PHE C 1106 9.40 -10.93 10.29
C PHE C 1106 8.72 -11.07 11.62
N ALA C 1107 7.65 -11.85 11.67
CA ALA C 1107 6.97 -12.07 12.94
C ALA C 1107 7.91 -12.87 13.85
N GLN C 1108 8.94 -13.46 13.26
CA GLN C 1108 9.91 -14.22 14.03
C GLN C 1108 11.14 -13.40 14.46
N THR C 1109 11.05 -12.08 14.32
CA THR C 1109 12.14 -11.19 14.71
C THR C 1109 11.71 -10.21 15.82
N LEU C 1110 10.67 -10.57 16.56
CA LEU C 1110 10.17 -9.74 17.66
C LEU C 1110 9.81 -10.60 18.86
N PHE C 1111 10.02 -10.10 20.07
CA PHE C 1111 9.66 -10.88 21.24
C PHE C 1111 8.17 -10.74 21.47
N MET C 1112 7.62 -9.60 21.07
CA MET C 1112 6.19 -9.30 21.22
C MET C 1112 5.59 -8.81 19.90
N ALA C 1113 4.45 -9.40 19.53
CA ALA C 1113 3.77 -9.05 18.29
C ALA C 1113 2.97 -7.75 18.33
N LYS C 1114 2.16 -7.58 19.37
CA LYS C 1114 1.35 -6.37 19.48
C LYS C 1114 1.54 -5.63 20.79
N THR C 1115 1.05 -4.40 20.82
CA THR C 1115 1.11 -3.57 22.01
C THR C 1115 0.09 -2.45 21.84
N VAL C 1116 -0.25 -1.78 22.93
CA VAL C 1116 -1.21 -0.69 22.86
C VAL C 1116 -0.85 0.19 21.67
N SER C 1117 -1.83 0.49 20.85
CA SER C 1117 -1.62 1.34 19.70
C SER C 1117 -1.04 2.62 20.27
N GLY C 1118 0.06 3.07 19.68
CA GLY C 1118 0.69 4.28 20.20
C GLY C 1118 2.13 3.98 20.56
N LEU C 1119 2.41 2.74 20.96
CA LEU C 1119 3.78 2.37 21.28
C LEU C 1119 4.27 1.64 20.04
N ASP C 1120 5.57 1.49 19.92
CA ASP C 1120 6.15 0.82 18.76
C ASP C 1120 6.74 -0.54 19.12
N VAL C 1121 6.11 -1.57 18.59
CA VAL C 1121 6.55 -2.94 18.82
C VAL C 1121 8.06 -3.04 18.53
N ASN C 1122 8.52 -2.38 17.47
CA ASN C 1122 9.93 -2.42 17.12
C ASN C 1122 10.77 -1.64 18.14
N ALA C 1123 10.19 -0.61 18.72
CA ALA C 1123 10.91 0.19 19.71
C ALA C 1123 11.13 -0.68 20.95
N ILE C 1124 10.04 -1.30 21.41
CA ILE C 1124 10.11 -2.15 22.59
C ILE C 1124 11.15 -3.25 22.42
N ASP C 1125 11.21 -3.81 21.22
CA ASP C 1125 12.16 -4.88 20.95
C ASP C 1125 13.60 -4.36 20.98
N SER C 1126 13.78 -3.09 20.59
CA SER C 1126 15.09 -2.46 20.59
C SER C 1126 15.51 -2.09 22.01
N ALA C 1127 14.55 -1.62 22.79
CA ALA C 1127 14.83 -1.22 24.15
C ALA C 1127 15.36 -2.40 24.94
N LEU C 1128 14.69 -3.54 24.79
CA LEU C 1128 15.06 -4.76 25.50
C LEU C 1128 16.41 -5.35 25.07
N LEU C 1129 16.65 -5.37 23.76
CA LEU C 1129 17.91 -5.90 23.29
C LEU C 1129 19.03 -4.93 23.64
N ARG C 1130 18.74 -3.63 23.62
CA ARG C 1130 19.75 -2.65 23.93
C ARG C 1130 20.15 -2.75 25.41
N LEU C 1131 19.15 -2.91 26.29
CA LEU C 1131 19.43 -3.05 27.71
C LEU C 1131 20.32 -4.27 27.88
N ARG C 1132 20.01 -5.33 27.13
CA ARG C 1132 20.80 -6.56 27.23
C ARG C 1132 22.23 -6.29 26.77
N THR C 1133 22.36 -5.68 25.60
CA THR C 1133 23.65 -5.38 25.03
C THR C 1133 24.47 -4.41 25.86
N LEU C 1134 23.78 -3.60 26.63
CA LEU C 1134 24.45 -2.62 27.48
C LEU C 1134 24.82 -3.18 28.85
N GLY C 1135 24.62 -4.47 29.04
CA GLY C 1135 24.97 -5.08 30.30
C GLY C 1135 23.93 -4.96 31.41
N ALA C 1136 22.77 -4.43 31.08
CA ALA C 1136 21.71 -4.27 32.06
C ALA C 1136 21.34 -5.62 32.65
N ASP C 1137 20.88 -5.62 33.90
CA ASP C 1137 20.49 -6.84 34.58
C ASP C 1137 19.11 -7.29 34.11
N LYS C 1138 18.79 -8.55 34.36
CA LYS C 1138 17.49 -9.08 33.97
C LYS C 1138 16.37 -8.19 34.50
N LYS C 1139 16.43 -7.87 35.79
CA LYS C 1139 15.40 -7.02 36.41
C LYS C 1139 15.12 -5.75 35.62
N ALA C 1140 16.10 -5.29 34.87
CA ALA C 1140 15.92 -4.09 34.07
C ALA C 1140 14.98 -4.40 32.93
N LEU C 1141 15.17 -5.55 32.28
CA LEU C 1141 14.28 -5.93 31.19
C LEU C 1141 12.91 -6.26 31.77
N THR C 1142 12.90 -6.83 32.96
CA THR C 1142 11.65 -7.15 33.61
C THR C 1142 10.92 -5.85 33.89
N ALA C 1143 11.66 -4.79 34.14
CA ALA C 1143 11.04 -3.50 34.42
C ALA C 1143 10.45 -2.89 33.15
N GLN C 1144 11.16 -3.06 32.04
CA GLN C 1144 10.73 -2.53 30.75
C GLN C 1144 9.40 -3.15 30.35
N LEU C 1145 9.29 -4.45 30.55
CA LEU C 1145 8.09 -5.17 30.19
C LEU C 1145 6.90 -4.76 31.06
N LEU C 1146 7.15 -4.54 32.35
CA LEU C 1146 6.10 -4.11 33.27
C LEU C 1146 5.56 -2.76 32.81
N MET C 1147 6.47 -1.89 32.36
CA MET C 1147 6.10 -0.56 31.90
C MET C 1147 5.28 -0.52 30.63
N VAL C 1148 5.17 -1.63 29.92
CA VAL C 1148 4.34 -1.65 28.72
C VAL C 1148 3.13 -2.57 28.91
N GLY C 1149 2.81 -2.88 30.17
CA GLY C 1149 1.65 -3.70 30.47
C GLY C 1149 1.74 -5.17 30.92
N LEU C 1150 2.90 -5.79 30.86
CA LEU C 1150 3.00 -7.19 31.26
C LEU C 1150 2.90 -7.47 32.75
N GLN C 1151 2.38 -8.66 33.06
CA GLN C 1151 2.23 -9.14 34.42
C GLN C 1151 3.63 -9.55 34.87
N GLU C 1152 4.00 -9.28 36.12
CA GLU C 1152 5.34 -9.63 36.59
C GLU C 1152 5.81 -11.01 36.16
N SER C 1153 4.94 -12.00 36.28
CA SER C 1153 5.26 -13.37 35.89
C SER C 1153 5.72 -13.45 34.44
N GLU C 1154 4.92 -12.91 33.53
CA GLU C 1154 5.26 -12.89 32.11
C GLU C 1154 6.51 -12.05 31.89
N ALA C 1155 6.56 -10.91 32.58
CA ALA C 1155 7.69 -10.00 32.47
C ALA C 1155 8.99 -10.71 32.78
N ASP C 1156 9.05 -11.32 33.97
CA ASP C 1156 10.23 -12.05 34.41
C ASP C 1156 10.57 -13.20 33.47
N ALA C 1157 9.54 -13.83 32.94
CA ALA C 1157 9.72 -14.97 32.04
C ALA C 1157 10.35 -14.52 30.74
N LEU C 1158 9.73 -13.56 30.07
CA LEU C 1158 10.26 -13.07 28.81
C LEU C 1158 11.64 -12.44 29.03
N ALA C 1159 11.78 -11.66 30.11
CA ALA C 1159 13.04 -11.03 30.43
C ALA C 1159 14.12 -12.13 30.51
N GLY C 1160 13.84 -13.16 31.30
CA GLY C 1160 14.79 -14.25 31.45
C GLY C 1160 15.00 -15.00 30.15
N LYS C 1161 13.99 -15.01 29.29
CA LYS C 1161 14.11 -15.69 28.01
C LYS C 1161 15.01 -14.88 27.07
N ILE C 1162 14.77 -13.58 27.01
CA ILE C 1162 15.55 -12.69 26.16
C ILE C 1162 17.04 -12.74 26.50
N MET C 1163 17.35 -12.70 27.80
CA MET C 1163 18.72 -12.73 28.25
C MET C 1163 19.56 -13.86 27.66
N LEU C 1164 19.00 -15.06 27.68
CA LEU C 1164 19.68 -16.25 27.20
C LEU C 1164 19.47 -16.57 25.73
N GLN C 1165 18.81 -15.70 24.99
CA GLN C 1165 18.53 -16.02 23.60
C GLN C 1165 19.59 -15.68 22.57
N ASP C 1166 19.62 -16.51 21.53
CA ASP C 1166 20.51 -16.30 20.40
C ASP C 1166 19.63 -15.55 19.42
N VAL C 1167 19.69 -14.22 19.48
CA VAL C 1167 18.90 -13.37 18.62
C VAL C 1167 19.36 -13.41 17.16
N ASN C 1168 18.43 -13.62 16.22
CA ASN C 1168 18.78 -13.69 14.80
C ASN C 1168 19.31 -12.35 14.32
N THR C 1169 19.97 -12.39 13.16
CA THR C 1169 20.53 -11.19 12.58
C THR C 1169 19.59 -10.00 12.52
N VAL C 1170 18.50 -10.17 11.77
CA VAL C 1170 17.49 -9.14 11.61
C VAL C 1170 17.02 -8.56 12.93
N GLN C 1171 16.52 -9.42 13.81
CA GLN C 1171 16.01 -8.94 15.08
C GLN C 1171 17.03 -8.17 15.87
N LEU C 1172 18.25 -8.66 15.86
CA LEU C 1172 19.32 -8.01 16.61
C LEU C 1172 19.72 -6.69 15.97
N ALA C 1173 19.82 -6.70 14.64
CA ALA C 1173 20.20 -5.50 13.89
C ALA C 1173 19.41 -4.24 14.28
N ARG C 1174 18.30 -4.41 14.97
CA ARG C 1174 17.50 -3.25 15.37
C ARG C 1174 18.12 -2.40 16.47
N VAL C 1175 18.96 -2.99 17.31
CA VAL C 1175 19.57 -2.24 18.41
C VAL C 1175 20.27 -1.01 17.89
N VAL C 1176 20.55 -1.00 16.61
CA VAL C 1176 21.22 0.14 16.01
C VAL C 1176 20.41 0.68 14.84
N ASN C 1177 19.11 0.37 14.88
CA ASN C 1177 18.17 0.82 13.86
C ASN C 1177 18.44 0.40 12.41
N LEU C 1178 18.93 -0.81 12.21
CA LEU C 1178 19.17 -1.33 10.87
C LEU C 1178 17.94 -2.13 10.47
N ALA C 1179 17.41 -1.85 9.29
CA ALA C 1179 16.21 -2.53 8.83
C ALA C 1179 16.38 -3.11 7.45
N VAL C 1180 15.87 -4.32 7.26
CA VAL C 1180 15.97 -4.94 5.96
C VAL C 1180 15.31 -3.98 4.97
N PRO C 1181 16.04 -3.56 3.93
CA PRO C 1181 15.48 -2.65 2.93
C PRO C 1181 14.23 -3.25 2.28
N ASP C 1182 13.24 -2.42 1.97
CA ASP C 1182 12.04 -2.93 1.33
C ASP C 1182 12.38 -3.51 -0.03
N THR C 1183 13.14 -2.78 -0.82
CA THR C 1183 13.51 -3.25 -2.14
C THR C 1183 14.11 -4.67 -2.14
N TRP C 1184 14.58 -5.10 -0.97
CA TRP C 1184 15.17 -6.44 -0.85
C TRP C 1184 14.17 -7.53 -0.58
N MET C 1185 12.99 -7.15 -0.09
CA MET C 1185 11.94 -8.09 0.26
C MET C 1185 11.61 -9.20 -0.74
N SER C 1186 11.83 -8.98 -2.02
CA SER C 1186 11.51 -10.02 -2.98
C SER C 1186 12.66 -11.02 -3.19
N LEU C 1187 13.77 -10.77 -2.49
CA LEU C 1187 14.96 -11.60 -2.58
C LEU C 1187 15.31 -12.31 -1.28
N ASP C 1188 16.10 -13.38 -1.40
CA ASP C 1188 16.49 -14.20 -0.28
C ASP C 1188 17.62 -13.57 0.53
N PHE C 1189 17.27 -12.51 1.25
CA PHE C 1189 18.23 -11.79 2.08
C PHE C 1189 18.70 -12.59 3.29
N ASP C 1190 17.84 -13.48 3.81
CA ASP C 1190 18.19 -14.28 4.97
C ASP C 1190 19.43 -15.10 4.65
N SER C 1191 19.46 -15.70 3.46
CA SER C 1191 20.58 -16.52 3.03
C SER C 1191 21.81 -15.68 2.74
N MET C 1192 21.59 -14.48 2.23
CA MET C 1192 22.72 -13.62 1.96
C MET C 1192 23.42 -13.32 3.27
N PHE C 1193 22.65 -12.98 4.30
CA PHE C 1193 23.23 -12.69 5.61
C PHE C 1193 23.99 -13.89 6.13
N LYS C 1194 23.34 -15.04 6.13
CA LYS C 1194 23.94 -16.26 6.66
C LYS C 1194 25.12 -16.90 5.93
N HIS C 1195 25.04 -17.05 4.61
CA HIS C 1195 26.09 -17.76 3.90
C HIS C 1195 26.99 -17.01 2.93
N HIS C 1196 26.73 -15.73 2.70
CA HIS C 1196 27.56 -15.04 1.72
C HIS C 1196 28.16 -13.73 2.17
N VAL C 1197 28.20 -13.54 3.48
CA VAL C 1197 28.80 -12.37 4.11
C VAL C 1197 29.72 -12.90 5.18
N LYS C 1198 30.88 -13.40 4.75
CA LYS C 1198 31.86 -13.97 5.66
C LYS C 1198 32.48 -12.91 6.56
N LEU C 1199 32.44 -13.18 7.87
CA LEU C 1199 33.00 -12.26 8.85
C LEU C 1199 34.45 -12.61 9.16
N LEU C 1200 34.87 -13.79 8.69
CA LEU C 1200 36.24 -14.26 8.85
C LEU C 1200 36.95 -13.80 7.57
N PRO C 1201 37.99 -12.96 7.70
CA PRO C 1201 38.74 -12.45 6.54
C PRO C 1201 39.11 -13.56 5.56
N LYS C 1202 39.07 -13.27 4.27
CA LYS C 1202 39.37 -14.33 3.30
C LYS C 1202 40.69 -15.06 3.54
N ASP C 1203 41.70 -14.34 4.04
CA ASP C 1203 43.02 -14.93 4.30
C ASP C 1203 43.26 -15.17 5.78
N GLY C 1204 42.23 -15.64 6.48
CA GLY C 1204 42.38 -15.91 7.90
C GLY C 1204 42.11 -14.74 8.83
N ARG C 1205 42.21 -15.00 10.12
CA ARG C 1205 41.96 -14.01 11.17
C ARG C 1205 42.88 -12.78 11.25
N HIS C 1206 42.25 -11.64 11.51
CA HIS C 1206 42.92 -10.36 11.66
C HIS C 1206 42.64 -9.85 13.07
N LEU C 1207 43.61 -9.16 13.67
CA LEU C 1207 43.44 -8.65 15.02
C LEU C 1207 42.22 -7.74 15.13
N ASN C 1208 42.07 -6.86 14.14
CA ASN C 1208 40.95 -5.92 14.12
C ASN C 1208 39.59 -6.55 13.84
N THR C 1209 39.59 -7.67 13.12
CA THR C 1209 38.34 -8.34 12.75
C THR C 1209 37.77 -9.32 13.78
N ASP C 1210 38.60 -9.85 14.66
CA ASP C 1210 38.10 -10.77 15.66
C ASP C 1210 37.01 -10.11 16.46
N ILE C 1211 35.95 -10.86 16.75
CA ILE C 1211 34.82 -10.35 17.52
C ILE C 1211 34.95 -10.70 19.00
N PRO C 1212 35.03 -9.67 19.86
CA PRO C 1212 35.15 -9.80 21.31
C PRO C 1212 34.15 -10.77 21.92
N PRO C 1213 34.55 -11.43 23.01
CA PRO C 1213 33.70 -12.40 23.71
C PRO C 1213 32.25 -11.96 23.90
N ARG C 1214 32.06 -10.92 24.71
CA ARG C 1214 30.72 -10.43 25.00
C ARG C 1214 30.09 -9.55 23.90
N MET C 1215 30.78 -9.38 22.79
CA MET C 1215 30.27 -8.54 21.72
C MET C 1215 29.76 -9.30 20.48
N GLY C 1216 29.22 -10.48 20.70
CA GLY C 1216 28.71 -11.28 19.59
C GLY C 1216 27.65 -10.57 18.77
N TRP C 1217 26.91 -9.66 19.40
CA TRP C 1217 25.87 -8.93 18.70
C TRP C 1217 26.45 -8.21 17.50
N LEU C 1218 27.74 -7.91 17.54
CA LEU C 1218 28.42 -7.24 16.44
C LEU C 1218 28.20 -7.97 15.12
N ARG C 1219 28.28 -9.30 15.15
CA ARG C 1219 28.11 -10.12 13.95
C ARG C 1219 26.84 -9.81 13.19
N ALA C 1220 25.76 -9.46 13.89
CA ALA C 1220 24.49 -9.15 13.21
C ALA C 1220 24.58 -7.83 12.46
N ILE C 1221 25.11 -6.82 13.12
CA ILE C 1221 25.29 -5.51 12.51
C ILE C 1221 26.26 -5.62 11.33
N LEU C 1222 27.30 -6.43 11.50
CA LEU C 1222 28.27 -6.57 10.45
C LEU C 1222 27.70 -7.19 9.19
N ARG C 1223 26.71 -8.06 9.36
CA ARG C 1223 26.12 -8.71 8.19
C ARG C 1223 25.36 -7.73 7.33
N PHE C 1224 24.69 -6.77 7.94
CA PHE C 1224 23.97 -5.78 7.16
C PHE C 1224 24.94 -4.95 6.32
N LEU C 1225 26.04 -4.50 6.93
CA LEU C 1225 27.03 -3.69 6.21
C LEU C 1225 27.57 -4.44 5.00
N GLY C 1226 27.83 -5.72 5.17
CA GLY C 1226 28.35 -6.51 4.07
C GLY C 1226 27.30 -6.61 2.98
N ALA C 1227 26.10 -7.03 3.37
CA ALA C 1227 25.01 -7.17 2.43
C ALA C 1227 24.77 -5.87 1.68
N GLY C 1228 24.81 -4.76 2.41
CA GLY C 1228 24.59 -3.46 1.81
C GLY C 1228 25.46 -3.25 0.58
N MET C 1229 26.76 -3.47 0.72
CA MET C 1229 27.68 -3.28 -0.38
C MET C 1229 27.42 -4.25 -1.52
N VAL C 1230 27.16 -5.51 -1.19
CA VAL C 1230 26.91 -6.52 -2.20
C VAL C 1230 25.68 -6.19 -3.03
N MET C 1231 24.58 -5.86 -2.37
CA MET C 1231 23.35 -5.55 -3.06
C MET C 1231 23.42 -4.27 -3.87
N THR C 1232 24.24 -3.31 -3.44
CA THR C 1232 24.38 -2.03 -4.12
C THR C 1232 25.22 -2.09 -5.39
N ALA C 1233 26.13 -3.05 -5.45
CA ALA C 1233 26.99 -3.20 -6.63
C ALA C 1233 26.20 -3.84 -7.77
N THR C 1234 26.26 -3.21 -8.93
CA THR C 1234 25.57 -3.72 -10.11
C THR C 1234 26.00 -5.13 -10.45
N GLY C 1235 25.05 -5.91 -11.00
CA GLY C 1235 25.36 -7.27 -11.41
C GLY C 1235 25.02 -8.40 -10.47
N VAL C 1236 25.83 -9.46 -10.53
CA VAL C 1236 25.62 -10.64 -9.69
C VAL C 1236 26.01 -10.43 -8.24
N ALA C 1237 25.26 -11.06 -7.35
CA ALA C 1237 25.55 -10.95 -5.94
C ALA C 1237 26.91 -11.60 -5.84
N VAL C 1238 27.78 -11.01 -5.02
CA VAL C 1238 29.13 -11.50 -4.84
C VAL C 1238 29.32 -11.88 -3.38
N ASP C 1239 30.23 -12.82 -3.11
CA ASP C 1239 30.52 -13.18 -1.74
C ASP C 1239 31.45 -12.10 -1.20
N ILE C 1240 31.06 -11.46 -0.11
CA ILE C 1240 31.87 -10.39 0.47
C ILE C 1240 32.59 -10.86 1.76
N TYR C 1241 33.84 -10.43 1.95
CA TYR C 1241 34.63 -10.82 3.13
C TYR C 1241 35.12 -9.66 3.99
N LEU C 1242 34.90 -9.75 5.31
CA LEU C 1242 35.33 -8.72 6.25
C LEU C 1242 36.85 -8.55 6.14
N GLU C 1243 37.27 -7.38 5.69
CA GLU C 1243 38.67 -7.08 5.51
C GLU C 1243 39.27 -6.37 6.72
N ASP C 1244 38.53 -5.43 7.29
CA ASP C 1244 39.06 -4.69 8.41
C ASP C 1244 38.07 -3.83 9.20
N ILE C 1245 38.44 -3.51 10.43
CA ILE C 1245 37.65 -2.67 11.32
C ILE C 1245 38.70 -1.75 11.92
N HIS C 1246 38.78 -0.52 11.44
CA HIS C 1246 39.81 0.38 11.92
C HIS C 1246 40.32 0.23 13.34
N GLY C 1247 39.52 0.56 14.34
CA GLY C 1247 40.02 0.46 15.70
C GLY C 1247 39.76 -0.87 16.37
N GLY C 1248 39.48 -1.88 15.56
CA GLY C 1248 39.20 -3.19 16.11
C GLY C 1248 37.74 -3.31 16.49
N GLY C 1249 37.28 -4.55 16.59
CA GLY C 1249 35.89 -4.83 16.94
C GLY C 1249 35.50 -4.23 18.26
N ARG C 1250 36.34 -4.44 19.26
CA ARG C 1250 36.07 -3.94 20.60
C ARG C 1250 35.74 -2.46 20.62
N SER C 1251 36.60 -1.65 19.99
CA SER C 1251 36.42 -0.20 19.94
C SER C 1251 35.09 0.09 19.27
N LEU C 1252 34.83 -0.62 18.17
CA LEU C 1252 33.59 -0.44 17.43
C LEU C 1252 32.37 -0.69 18.33
N GLY C 1253 32.41 -1.78 19.07
CA GLY C 1253 31.31 -2.11 19.95
C GLY C 1253 30.97 -0.99 20.92
N GLN C 1254 32.01 -0.43 21.56
CA GLN C 1254 31.81 0.66 22.50
C GLN C 1254 31.20 1.85 21.77
N ARG C 1255 31.72 2.08 20.57
CA ARG C 1255 31.24 3.16 19.73
C ARG C 1255 29.74 2.98 19.53
N PHE C 1256 29.31 1.77 19.18
CA PHE C 1256 27.89 1.49 19.00
C PHE C 1256 27.11 1.63 20.31
N MET C 1257 27.66 1.07 21.40
CA MET C 1257 27.01 1.14 22.71
C MET C 1257 26.84 2.58 23.19
N THR C 1258 27.77 3.45 22.80
CA THR C 1258 27.68 4.85 23.16
C THR C 1258 26.42 5.38 22.50
N TRP C 1259 26.28 5.10 21.21
CA TRP C 1259 25.12 5.52 20.47
C TRP C 1259 23.86 4.96 21.14
N MET C 1260 23.90 3.66 21.44
CA MET C 1260 22.78 3.00 22.06
C MET C 1260 22.30 3.64 23.34
N ARG C 1261 23.22 3.91 24.24
CA ARG C 1261 22.83 4.47 25.53
C ARG C 1261 22.53 5.94 25.48
N GLN C 1262 22.78 6.58 24.33
CA GLN C 1262 22.53 7.99 24.21
C GLN C 1262 21.24 8.32 23.50
N GLU C 1263 20.61 7.31 22.91
CA GLU C 1263 19.38 7.53 22.18
C GLU C 1263 18.30 8.20 23.02
N GLY C 1264 17.84 9.36 22.55
CA GLY C 1264 16.83 10.07 23.31
C GLY C 1264 17.40 10.66 24.59
N ARG C 1265 18.22 11.70 24.44
CA ARG C 1265 18.84 12.40 25.58
C ARG C 1265 18.51 13.89 25.43
#